data_7YPO
#
_entry.id   7YPO
#
_cell.length_a   1.00
_cell.length_b   1.00
_cell.length_c   1.00
_cell.angle_alpha   90.00
_cell.angle_beta   90.00
_cell.angle_gamma   90.00
#
_symmetry.space_group_name_H-M   'P 1'
#
loop_
_entity.id
_entity.type
_entity.pdbx_description
1 polymer Lef3
2 polymer 'DNA (28-MER)'
#
loop_
_entity_poly.entity_id
_entity_poly.type
_entity_poly.pdbx_seq_one_letter_code
_entity_poly.pdbx_strand_id
1 'polypeptide(L)'
;MGSSHHHHHHSSGLVPRGSHMASMTGGQQMGRGSMSNMDISPVKQLIDIENDDAMNTPEKGMKRPLMRTMSSVEEPQAKM
AKLRTLNVKGQLLTKTTMSINNEDYYLFKFLVNNKSIDYYGTQTQFFSLINNKTYELVLQYSRKKLLIKSYEQCEDEDLL
MTVCKSVTFQEFCANEIKSLLAKFLYGFKIYGSSNVYKLVFVILLEDNNGTINGVQVEMMSDFKRLSGAFKNHVIENEND
LFDCMYKSEEKYFNLYRIKCNHNANNYKSLSLSSNSQLERLETDDSMFEYEFQYDYTVNISRSNKIIQKHRVTGNFTSER
NIYQNSDRFVISYDTANEKIKTSIYNRMENAESKTDYDTSITLKDVTLSQLNSLIESNLVQVDVYLVTDPNNVKNNVIAG
ITKIEIDGTYEPL
;
A,B,C,D
2 'polydeoxyribonucleotide'
;(DA)(DA)(DA)(DA)(DA)(DA)(DA)(DA)(DA)(DA)(DA)(DA)(DA)(DA)(DA)(DA)(DA)(DA)(DA)(DA)
(DA)(DA)(DA)(DA)(DA)(DA)(DA)(DA)
;
Q
#
loop_
_chem_comp.id
_chem_comp.type
_chem_comp.name
_chem_comp.formula
DA DNA linking 2'-DEOXYADENOSINE-5'-MONOPHOSPHATE 'C10 H14 N5 O6 P'
#
# COMPACT_ATOMS: atom_id res chain seq x y z
N LEU A 83 -27.64 -53.23 17.50
CA LEU A 83 -26.68 -52.15 17.70
C LEU A 83 -25.25 -52.67 17.53
N ARG A 84 -24.76 -52.67 16.30
CA ARG A 84 -23.42 -53.15 16.03
C ARG A 84 -22.38 -52.26 16.72
N THR A 85 -21.26 -52.87 17.06
CA THR A 85 -20.23 -52.19 17.85
C THR A 85 -18.92 -52.11 17.08
N LEU A 86 -18.05 -51.21 17.54
CA LEU A 86 -16.74 -51.00 16.97
C LEU A 86 -15.68 -51.17 18.05
N ASN A 87 -14.48 -51.53 17.62
CA ASN A 87 -13.34 -51.67 18.52
C ASN A 87 -12.24 -50.73 18.06
N VAL A 88 -11.60 -50.05 19.01
CA VAL A 88 -10.59 -49.06 18.64
C VAL A 88 -9.56 -48.94 19.76
N LYS A 89 -8.29 -48.86 19.36
CA LYS A 89 -7.19 -48.65 20.29
C LYS A 89 -6.58 -47.28 20.04
N GLY A 90 -6.47 -46.48 21.10
CA GLY A 90 -5.94 -45.14 20.93
C GLY A 90 -5.64 -44.47 22.25
N GLN A 91 -4.78 -43.46 22.18
CA GLN A 91 -4.43 -42.65 23.32
C GLN A 91 -5.61 -41.77 23.73
N LEU A 92 -5.56 -41.30 24.96
CA LEU A 92 -6.48 -40.28 25.45
C LEU A 92 -5.72 -38.99 25.69
N LEU A 93 -6.39 -37.86 25.49
CA LEU A 93 -5.75 -36.55 25.60
C LEU A 93 -6.26 -35.75 26.78
N THR A 94 -7.58 -35.53 26.88
CA THR A 94 -8.11 -34.69 27.95
C THR A 94 -9.58 -35.03 28.16
N LYS A 95 -9.93 -35.41 29.38
CA LYS A 95 -11.32 -35.60 29.74
C LYS A 95 -11.99 -34.26 30.01
N THR A 96 -13.29 -34.19 29.73
CA THR A 96 -14.02 -32.94 29.88
C THR A 96 -15.46 -33.26 30.25
N THR A 97 -16.07 -32.40 31.07
CA THR A 97 -17.47 -32.56 31.44
C THR A 97 -18.22 -31.27 31.16
N MET A 98 -19.53 -31.40 30.93
CA MET A 98 -20.36 -30.24 30.71
C MET A 98 -21.81 -30.58 31.01
N SER A 99 -22.63 -29.54 31.16
CA SER A 99 -24.03 -29.70 31.49
C SER A 99 -24.88 -28.98 30.46
N ILE A 100 -25.89 -29.67 29.95
CA ILE A 100 -26.86 -29.11 29.01
C ILE A 100 -28.25 -29.50 29.51
N ASN A 101 -29.10 -28.50 29.74
CA ASN A 101 -30.49 -28.62 30.19
C ASN A 101 -30.66 -29.77 31.19
N ASN A 102 -29.95 -29.66 32.31
CA ASN A 102 -30.06 -30.59 33.44
C ASN A 102 -29.68 -32.01 33.02
N GLU A 103 -28.66 -32.13 32.18
CA GLU A 103 -28.08 -33.41 31.81
C GLU A 103 -26.58 -33.24 31.71
N ASP A 104 -25.84 -34.31 31.97
CA ASP A 104 -24.39 -34.27 32.04
C ASP A 104 -23.78 -35.05 30.89
N TYR A 105 -22.88 -34.39 30.15
CA TYR A 105 -22.12 -35.04 29.09
C TYR A 105 -20.65 -35.10 29.50
N TYR A 106 -20.05 -36.26 29.33
CA TYR A 106 -18.63 -36.49 29.61
C TYR A 106 -17.96 -36.92 28.32
N LEU A 107 -17.00 -36.12 27.86
CA LEU A 107 -16.32 -36.33 26.60
C LEU A 107 -14.85 -36.68 26.84
N PHE A 108 -14.36 -37.62 26.06
CA PHE A 108 -12.97 -38.05 26.09
C PHE A 108 -12.36 -37.84 24.72
N LYS A 109 -11.21 -37.17 24.68
CA LYS A 109 -10.59 -36.75 23.42
C LYS A 109 -9.56 -37.78 22.97
N PHE A 110 -10.07 -38.91 22.48
CA PHE A 110 -9.22 -40.03 22.14
C PHE A 110 -8.47 -39.78 20.82
N LEU A 111 -7.18 -40.07 20.83
CA LEU A 111 -6.34 -39.99 19.64
C LEU A 111 -6.38 -41.34 18.93
N VAL A 112 -7.03 -41.39 17.78
CA VAL A 112 -7.17 -42.62 16.99
C VAL A 112 -6.48 -42.40 15.65
N ASN A 113 -5.50 -43.23 15.34
CA ASN A 113 -4.80 -43.20 14.06
C ASN A 113 -4.26 -41.80 13.75
N ASN A 114 -3.68 -41.17 14.77
CA ASN A 114 -3.14 -39.80 14.67
C ASN A 114 -4.22 -38.82 14.21
N LYS A 115 -5.43 -38.98 14.74
CA LYS A 115 -6.53 -38.07 14.46
C LYS A 115 -7.38 -37.95 15.72
N SER A 116 -7.77 -36.74 16.06
CA SER A 116 -8.55 -36.51 17.27
C SER A 116 -10.01 -36.90 17.04
N ILE A 117 -10.55 -37.74 17.91
CA ILE A 117 -11.96 -38.12 17.88
C ILE A 117 -12.47 -38.09 19.31
N ASP A 118 -13.62 -37.47 19.52
CA ASP A 118 -14.18 -37.38 20.86
C ASP A 118 -15.28 -38.41 21.05
N TYR A 119 -15.37 -38.96 22.26
CA TYR A 119 -16.33 -40.00 22.58
C TYR A 119 -17.07 -39.64 23.85
N TYR A 120 -18.28 -40.17 24.00
CA TYR A 120 -19.06 -39.96 25.21
C TYR A 120 -18.80 -41.08 26.21
N GLY A 121 -18.98 -40.75 27.49
CA GLY A 121 -18.72 -41.72 28.54
C GLY A 121 -19.57 -41.45 29.76
N THR A 122 -19.42 -42.32 30.75
CA THR A 122 -20.15 -42.25 32.00
C THR A 122 -19.25 -41.73 33.11
N GLN A 123 -19.82 -41.58 34.31
CA GLN A 123 -19.09 -40.94 35.41
C GLN A 123 -17.88 -41.78 35.83
N THR A 124 -18.07 -43.10 35.92
CA THR A 124 -16.95 -43.98 36.23
C THR A 124 -15.88 -43.90 35.15
N GLN A 125 -16.30 -43.73 33.90
CA GLN A 125 -15.33 -43.47 32.83
C GLN A 125 -14.57 -42.17 33.10
N PHE A 126 -15.28 -41.15 33.61
CA PHE A 126 -14.64 -39.87 33.85
C PHE A 126 -13.58 -39.97 34.93
N PHE A 127 -13.89 -40.58 36.07
CA PHE A 127 -12.89 -40.68 37.13
C PHE A 127 -11.81 -41.70 36.84
N SER A 128 -12.18 -42.84 36.24
CA SER A 128 -11.25 -43.95 36.13
C SER A 128 -10.09 -43.64 35.18
N LEU A 129 -10.39 -43.10 34.01
CA LEU A 129 -9.38 -42.92 32.99
C LEU A 129 -8.40 -41.82 33.36
N ILE A 130 -7.12 -42.07 33.11
CA ILE A 130 -6.07 -41.11 33.37
C ILE A 130 -5.60 -40.54 32.03
N ASN A 131 -4.97 -39.37 32.09
CA ASN A 131 -4.55 -38.67 30.89
C ASN A 131 -3.30 -39.31 30.30
N ASN A 132 -3.15 -39.16 28.98
CA ASN A 132 -1.98 -39.54 28.19
C ASN A 132 -1.75 -41.04 28.13
N LYS A 133 -2.60 -41.86 28.74
CA LYS A 133 -2.44 -43.30 28.76
C LYS A 133 -3.40 -43.93 27.75
N THR A 134 -2.86 -44.76 26.87
CA THR A 134 -3.65 -45.36 25.79
C THR A 134 -4.70 -46.32 26.35
N TYR A 135 -5.64 -46.71 25.49
CA TYR A 135 -6.71 -47.61 25.88
C TYR A 135 -7.20 -48.39 24.67
N GLU A 136 -7.94 -49.46 24.95
CA GLU A 136 -8.73 -50.18 23.96
C GLU A 136 -10.18 -50.01 24.35
N LEU A 137 -11.04 -49.76 23.37
CA LEU A 137 -12.43 -49.39 23.65
C LEU A 137 -13.37 -50.13 22.74
N VAL A 138 -14.55 -50.43 23.27
CA VAL A 138 -15.69 -50.90 22.48
C VAL A 138 -16.75 -49.82 22.49
N LEU A 139 -17.24 -49.47 21.30
CA LEU A 139 -18.16 -48.36 21.11
C LEU A 139 -19.45 -48.88 20.50
N GLN A 140 -20.59 -48.40 21.00
CA GLN A 140 -21.87 -48.83 20.49
C GLN A 140 -22.74 -47.62 20.23
N TYR A 141 -23.29 -47.54 19.02
CA TYR A 141 -24.03 -46.37 18.55
C TYR A 141 -25.44 -46.39 19.13
N SER A 142 -25.57 -45.86 20.35
CA SER A 142 -26.84 -45.80 21.05
C SER A 142 -27.23 -44.36 21.33
N ARG A 143 -28.53 -44.08 21.21
CA ARG A 143 -29.09 -42.76 21.49
C ARG A 143 -28.38 -41.66 20.69
N LYS A 144 -28.30 -41.88 19.38
CA LYS A 144 -27.84 -40.96 18.36
C LYS A 144 -26.32 -40.79 18.37
N LYS A 145 -25.60 -41.36 19.33
CA LYS A 145 -24.23 -40.98 19.62
C LYS A 145 -23.35 -42.21 19.79
N LEU A 146 -22.11 -42.10 19.32
CA LEU A 146 -21.08 -43.05 19.72
C LEU A 146 -20.67 -42.78 21.15
N LEU A 147 -20.44 -43.84 21.92
CA LEU A 147 -20.00 -43.65 23.30
C LEU A 147 -19.30 -44.92 23.77
N ILE A 148 -18.59 -44.79 24.88
CA ILE A 148 -17.75 -45.85 25.41
C ILE A 148 -18.62 -46.85 26.18
N LYS A 149 -18.56 -48.12 25.79
CA LYS A 149 -19.24 -49.18 26.52
C LYS A 149 -18.30 -49.87 27.50
N SER A 150 -17.08 -50.18 27.07
CA SER A 150 -16.10 -50.82 27.93
C SER A 150 -14.70 -50.50 27.42
N TYR A 151 -13.74 -50.51 28.33
CA TYR A 151 -12.36 -50.17 28.02
C TYR A 151 -11.42 -51.17 28.68
N GLU A 152 -10.25 -51.31 28.08
CA GLU A 152 -9.19 -52.19 28.57
C GLU A 152 -7.87 -51.43 28.51
N GLN A 153 -7.15 -51.40 29.62
CA GLN A 153 -5.88 -50.70 29.67
C GLN A 153 -4.87 -51.35 28.72
N CYS A 154 -4.17 -50.51 27.96
CA CYS A 154 -3.15 -50.99 27.04
C CYS A 154 -1.85 -50.22 27.21
N GLU A 155 -0.88 -50.45 26.34
CA GLU A 155 0.40 -49.76 26.40
C GLU A 155 0.85 -49.38 24.99
N ASP A 156 1.65 -48.32 24.92
CA ASP A 156 2.16 -47.83 23.63
C ASP A 156 3.34 -48.68 23.17
N MET A 161 8.89 -40.12 22.95
CA MET A 161 8.58 -40.34 21.54
C MET A 161 9.58 -39.60 20.67
N THR A 162 9.79 -40.10 19.45
CA THR A 162 10.76 -39.50 18.55
C THR A 162 10.28 -38.14 18.09
N VAL A 163 11.06 -37.11 18.36
CA VAL A 163 10.74 -35.73 18.00
C VAL A 163 11.88 -35.17 17.16
N CYS A 164 11.54 -34.58 16.02
CA CYS A 164 12.55 -33.98 15.17
C CYS A 164 13.22 -32.81 15.87
N LYS A 165 14.53 -32.70 15.70
CA LYS A 165 15.29 -31.60 16.27
C LYS A 165 15.41 -30.43 15.30
N SER A 166 14.89 -30.55 14.09
CA SER A 166 14.99 -29.50 13.10
C SER A 166 13.80 -29.59 12.16
N VAL A 167 13.59 -28.50 11.41
CA VAL A 167 12.56 -28.42 10.39
C VAL A 167 13.18 -27.89 9.12
N THR A 168 12.71 -28.40 7.98
CA THR A 168 13.19 -27.96 6.68
C THR A 168 12.27 -26.87 6.13
N PHE A 169 12.87 -25.95 5.39
CA PHE A 169 12.11 -24.92 4.70
C PHE A 169 10.99 -25.52 3.87
N GLN A 170 11.27 -26.63 3.19
CA GLN A 170 10.26 -27.30 2.38
C GLN A 170 9.14 -27.86 3.25
N GLU A 171 9.45 -28.27 4.49
CA GLU A 171 8.40 -28.74 5.38
C GLU A 171 7.45 -27.63 5.77
N PHE A 172 7.98 -26.43 6.03
CA PHE A 172 7.12 -25.28 6.26
C PHE A 172 6.30 -24.96 5.03
N CYS A 173 6.92 -25.09 3.85
CA CYS A 173 6.17 -24.85 2.60
C CYS A 173 5.03 -25.84 2.45
N ALA A 174 5.26 -27.11 2.79
CA ALA A 174 4.28 -28.17 2.59
C ALA A 174 3.19 -28.21 3.66
N ASN A 175 3.35 -27.46 4.75
CA ASN A 175 2.32 -27.35 5.79
C ASN A 175 2.05 -28.70 6.44
N GLU A 176 3.12 -29.43 6.75
CA GLU A 176 3.03 -30.78 7.27
C GLU A 176 3.10 -30.77 8.79
N ILE A 177 2.15 -31.47 9.44
CA ILE A 177 2.19 -31.60 10.88
C ILE A 177 3.48 -32.27 11.30
N LYS A 178 3.99 -31.90 12.47
CA LYS A 178 5.32 -32.35 12.87
C LYS A 178 5.46 -32.23 14.38
N SER A 179 6.44 -32.94 14.92
CA SER A 179 6.88 -32.76 16.29
C SER A 179 8.20 -31.99 16.30
N LEU A 180 8.55 -31.46 17.47
CA LEU A 180 9.74 -30.61 17.55
C LEU A 180 10.29 -30.62 18.97
N LEU A 181 11.58 -30.28 19.05
CA LEU A 181 12.23 -29.90 20.30
C LEU A 181 12.56 -28.42 20.19
N ALA A 182 11.90 -27.60 21.00
CA ALA A 182 12.00 -26.16 20.86
C ALA A 182 12.25 -25.53 22.21
N LYS A 183 12.49 -24.23 22.19
CA LYS A 183 12.81 -23.46 23.39
C LYS A 183 11.66 -22.49 23.66
N PHE A 184 11.08 -22.57 24.86
CA PHE A 184 9.96 -21.72 25.23
C PHE A 184 10.49 -20.43 25.82
N LEU A 185 10.44 -19.34 25.03
CA LEU A 185 10.95 -18.07 25.54
C LEU A 185 9.99 -17.47 26.55
N TYR A 186 8.78 -17.15 26.12
CA TYR A 186 7.79 -16.46 26.93
C TYR A 186 6.46 -16.34 26.19
N GLY A 187 5.36 -16.23 26.93
CA GLY A 187 4.05 -16.18 26.32
C GLY A 187 3.13 -15.14 26.92
N PHE A 188 2.41 -14.41 26.07
CA PHE A 188 1.58 -13.30 26.50
C PHE A 188 0.21 -13.39 25.86
N LYS A 189 -0.77 -12.83 26.54
CA LYS A 189 -2.11 -12.71 25.96
C LYS A 189 -2.12 -11.51 25.02
N ILE A 190 -2.40 -11.75 23.74
CA ILE A 190 -2.36 -10.69 22.74
C ILE A 190 -3.19 -9.52 23.21
N TYR A 191 -2.59 -8.33 23.19
CA TYR A 191 -3.22 -7.15 23.75
C TYR A 191 -4.54 -6.84 23.07
N GLY A 192 -5.55 -6.55 23.88
CA GLY A 192 -6.87 -6.22 23.34
C GLY A 192 -7.49 -7.35 22.55
N SER A 193 -7.37 -8.57 23.07
CA SER A 193 -7.96 -9.74 22.45
C SER A 193 -8.49 -10.65 23.55
N SER A 194 -9.70 -11.16 23.37
CA SER A 194 -10.38 -11.84 24.46
C SER A 194 -9.63 -13.08 24.93
N ASN A 195 -9.26 -13.96 23.99
CA ASN A 195 -8.69 -15.23 24.40
C ASN A 195 -7.51 -15.75 23.59
N VAL A 196 -7.04 -15.05 22.55
CA VAL A 196 -6.06 -15.64 21.63
C VAL A 196 -4.67 -15.36 22.19
N TYR A 197 -4.23 -16.23 23.09
CA TYR A 197 -2.88 -16.16 23.61
C TYR A 197 -1.86 -16.47 22.52
N LYS A 198 -0.59 -16.22 22.83
CA LYS A 198 0.49 -16.37 21.87
C LYS A 198 1.77 -16.71 22.61
N LEU A 199 2.36 -17.85 22.27
CA LEU A 199 3.65 -18.26 22.82
C LEU A 199 4.75 -18.00 21.81
N VAL A 200 5.98 -17.87 22.32
CA VAL A 200 7.15 -17.60 21.50
C VAL A 200 8.12 -18.77 21.65
N PHE A 201 8.51 -19.35 20.52
CA PHE A 201 9.35 -20.55 20.52
C PHE A 201 10.58 -20.31 19.66
N VAL A 202 11.70 -20.87 20.10
CA VAL A 202 12.93 -20.91 19.32
C VAL A 202 13.07 -22.30 18.75
N ILE A 203 13.14 -22.40 17.42
CA ILE A 203 13.23 -23.68 16.74
C ILE A 203 14.41 -23.64 15.79
N LEU A 204 14.97 -24.81 15.51
CA LEU A 204 16.10 -24.93 14.59
C LEU A 204 15.56 -25.10 13.18
N LEU A 205 15.64 -24.04 12.39
CA LEU A 205 15.23 -24.08 11.00
C LEU A 205 16.42 -24.45 10.13
N GLU A 206 16.18 -25.36 9.17
CA GLU A 206 17.16 -25.74 8.17
C GLU A 206 16.80 -25.06 6.86
N ASP A 207 17.71 -24.22 6.36
CA ASP A 207 17.45 -23.42 5.17
C ASP A 207 17.54 -24.29 3.93
N ASN A 208 17.43 -23.67 2.76
CA ASN A 208 17.60 -24.40 1.50
C ASN A 208 19.03 -24.89 1.34
N ASN A 209 20.00 -24.14 1.87
CA ASN A 209 21.40 -24.58 1.81
C ASN A 209 21.59 -25.87 2.61
N GLY A 210 20.99 -25.95 3.79
CA GLY A 210 21.08 -27.14 4.62
C GLY A 210 21.61 -26.93 6.02
N THR A 211 21.95 -25.70 6.42
CA THR A 211 22.41 -25.44 7.78
C THR A 211 21.23 -25.16 8.70
N ILE A 212 21.39 -25.54 9.96
CA ILE A 212 20.35 -25.39 10.97
C ILE A 212 20.72 -24.25 11.90
N ASN A 213 19.82 -23.27 12.03
CA ASN A 213 20.03 -22.16 12.93
C ASN A 213 18.76 -21.89 13.73
N GLY A 214 18.94 -21.32 14.92
CA GLY A 214 17.81 -21.04 15.79
C GLY A 214 17.09 -19.76 15.44
N VAL A 215 15.79 -19.86 15.16
CA VAL A 215 14.96 -18.73 14.81
C VAL A 215 13.74 -18.71 15.73
N GLN A 216 12.96 -17.65 15.61
CA GLN A 216 11.78 -17.40 16.44
C GLN A 216 10.51 -17.69 15.66
N VAL A 217 9.52 -18.25 16.35
CA VAL A 217 8.20 -18.53 15.80
C VAL A 217 7.16 -18.18 16.86
N GLU A 218 5.95 -17.92 16.38
CA GLU A 218 4.87 -17.41 17.22
C GLU A 218 3.67 -18.36 17.14
N MET A 219 3.50 -19.15 18.18
CA MET A 219 2.39 -20.10 18.26
C MET A 219 1.19 -19.41 18.90
N MET A 220 0.26 -18.93 18.08
CA MET A 220 -1.00 -18.49 18.66
C MET A 220 -1.84 -19.68 19.07
N SER A 221 -2.82 -19.40 19.92
CA SER A 221 -3.74 -20.44 20.37
C SER A 221 -4.85 -19.79 21.18
N ASP A 222 -6.05 -20.35 21.08
CA ASP A 222 -7.10 -19.90 21.96
C ASP A 222 -6.82 -20.45 23.36
N PHE A 223 -7.54 -19.93 24.35
CA PHE A 223 -7.26 -20.28 25.74
C PHE A 223 -7.49 -21.77 26.00
N LYS A 224 -8.67 -22.28 25.62
CA LYS A 224 -9.00 -23.66 25.97
C LYS A 224 -8.08 -24.67 25.29
N ARG A 225 -7.67 -24.43 24.05
CA ARG A 225 -6.73 -25.33 23.40
C ARG A 225 -5.41 -25.36 24.15
N LEU A 226 -4.95 -24.19 24.61
CA LEU A 226 -3.73 -24.14 25.41
C LEU A 226 -3.89 -24.91 26.71
N SER A 227 -5.03 -24.71 27.39
CA SER A 227 -5.24 -25.36 28.68
C SER A 227 -5.27 -26.87 28.53
N GLY A 228 -5.95 -27.36 27.49
CA GLY A 228 -5.99 -28.79 27.26
C GLY A 228 -4.79 -29.36 26.55
N ALA A 229 -3.87 -28.51 26.10
CA ALA A 229 -2.72 -28.97 25.34
C ALA A 229 -1.48 -29.20 26.19
N PHE A 230 -1.35 -28.48 27.31
CA PHE A 230 -0.20 -28.67 28.18
C PHE A 230 -0.28 -30.04 28.85
N LYS A 231 0.85 -30.76 28.83
CA LYS A 231 0.94 -32.07 29.46
C LYS A 231 1.54 -31.94 30.84
N ASN A 232 1.14 -32.85 31.73
CA ASN A 232 1.60 -32.89 33.12
C ASN A 232 1.23 -31.62 33.89
N HIS A 233 0.23 -30.89 33.42
CA HIS A 233 -0.24 -29.68 34.09
C HIS A 233 -1.76 -29.69 34.11
N VAL A 234 -2.32 -29.00 35.10
CA VAL A 234 -3.76 -28.85 35.23
C VAL A 234 -4.07 -27.36 35.19
N ILE A 235 -4.94 -26.95 34.28
CA ILE A 235 -5.23 -25.55 34.04
C ILE A 235 -6.75 -25.35 34.04
N GLU A 236 -7.22 -24.41 34.85
CA GLU A 236 -8.63 -24.07 34.89
C GLU A 236 -8.93 -22.62 34.55
N ASN A 237 -8.02 -21.69 34.83
CA ASN A 237 -8.26 -20.28 34.57
C ASN A 237 -6.97 -19.64 34.07
N GLU A 238 -7.10 -18.37 33.66
CA GLU A 238 -5.98 -17.66 33.08
C GLU A 238 -4.79 -17.59 34.02
N ASN A 239 -5.04 -17.50 35.33
CA ASN A 239 -3.93 -17.46 36.29
C ASN A 239 -3.11 -18.73 36.22
N ASP A 240 -3.76 -19.88 36.11
CA ASP A 240 -3.04 -21.14 35.97
C ASP A 240 -2.22 -21.16 34.70
N LEU A 241 -2.78 -20.67 33.59
CA LEU A 241 -2.04 -20.64 32.34
C LEU A 241 -0.80 -19.77 32.45
N PHE A 242 -0.95 -18.58 33.02
CA PHE A 242 0.20 -17.70 33.19
C PHE A 242 1.24 -18.31 34.13
N ASP A 243 0.78 -19.03 35.17
CA ASP A 243 1.72 -19.71 36.05
C ASP A 243 2.50 -20.76 35.28
N CYS A 244 1.81 -21.60 34.50
CA CYS A 244 2.49 -22.63 33.72
C CYS A 244 3.45 -22.01 32.71
N MET A 245 3.16 -20.80 32.25
CA MET A 245 4.09 -20.12 31.35
C MET A 245 5.32 -19.64 32.11
N TYR A 246 5.11 -18.77 33.11
CA TYR A 246 6.25 -18.11 33.76
C TYR A 246 7.14 -19.11 34.50
N LYS A 247 6.53 -20.10 35.16
CA LYS A 247 7.33 -21.12 35.83
C LYS A 247 8.17 -21.92 34.85
N SER A 248 7.80 -21.92 33.56
CA SER A 248 8.49 -22.70 32.54
C SER A 248 9.31 -21.83 31.60
N GLU A 249 9.54 -20.57 31.94
CA GLU A 249 10.30 -19.70 31.05
C GLU A 249 11.71 -20.23 30.85
N GLU A 250 12.18 -20.16 29.60
CA GLU A 250 13.49 -20.59 29.14
C GLU A 250 13.67 -22.10 29.15
N LYS A 251 12.67 -22.85 29.62
CA LYS A 251 12.76 -24.31 29.63
C LYS A 251 12.54 -24.85 28.22
N TYR A 252 12.96 -26.10 28.02
CA TYR A 252 12.92 -26.74 26.72
C TYR A 252 11.67 -27.59 26.58
N PHE A 253 10.93 -27.36 25.51
CA PHE A 253 9.63 -27.99 25.30
C PHE A 253 9.71 -29.02 24.19
N ASN A 254 9.03 -30.15 24.41
CA ASN A 254 8.77 -31.12 23.36
C ASN A 254 7.35 -30.88 22.84
N LEU A 255 7.24 -30.56 21.56
CA LEU A 255 5.97 -30.21 20.93
C LEU A 255 5.52 -31.37 20.07
N TYR A 256 4.33 -31.89 20.36
CA TYR A 256 3.77 -33.03 19.64
C TYR A 256 2.70 -32.54 18.68
N ARG A 257 2.89 -32.82 17.39
CA ARG A 257 1.87 -32.60 16.36
C ARG A 257 1.48 -31.13 16.24
N ILE A 258 2.47 -30.25 16.29
CA ILE A 258 2.22 -28.82 16.08
C ILE A 258 2.17 -28.57 14.58
N LYS A 259 1.01 -28.12 14.10
CA LYS A 259 0.83 -27.90 12.67
C LYS A 259 1.62 -26.68 12.26
N CYS A 260 2.73 -26.90 11.56
CA CYS A 260 3.45 -25.77 10.97
C CYS A 260 2.65 -25.21 9.80
N ASN A 261 2.76 -23.89 9.59
CA ASN A 261 2.04 -23.29 8.48
C ASN A 261 2.82 -22.10 7.94
N HIS A 262 2.51 -21.74 6.70
CA HIS A 262 3.23 -20.73 5.95
C HIS A 262 2.21 -19.78 5.35
N ASN A 263 2.26 -18.51 5.79
CA ASN A 263 1.26 -17.53 5.37
C ASN A 263 1.45 -17.16 3.91
N ALA A 264 0.65 -16.19 3.45
CA ALA A 264 0.70 -15.79 2.05
C ALA A 264 2.08 -15.29 1.67
N ASN A 265 2.67 -14.44 2.50
CA ASN A 265 4.02 -13.96 2.29
C ASN A 265 4.99 -14.91 2.99
N ASN A 266 6.24 -14.52 3.17
CA ASN A 266 7.21 -15.43 3.76
C ASN A 266 7.12 -15.43 5.28
N TYR A 267 5.91 -15.61 5.81
CA TYR A 267 5.69 -15.68 7.26
C TYR A 267 5.42 -17.12 7.65
N LYS A 268 6.23 -17.65 8.57
CA LYS A 268 6.16 -19.04 8.99
C LYS A 268 5.80 -19.08 10.47
N SER A 269 4.84 -19.93 10.82
CA SER A 269 4.40 -19.95 12.21
C SER A 269 3.83 -21.32 12.56
N LEU A 270 4.01 -21.70 13.81
CA LEU A 270 3.38 -22.92 14.30
C LEU A 270 1.90 -22.67 14.58
N SER A 271 1.18 -23.75 14.84
CA SER A 271 -0.19 -23.65 15.29
C SER A 271 -0.51 -24.90 16.08
N LEU A 272 -1.43 -24.76 17.03
CA LEU A 272 -1.67 -25.78 18.04
C LEU A 272 -3.00 -26.46 17.72
N SER A 273 -2.93 -27.65 17.16
CA SER A 273 -4.10 -28.40 16.74
C SER A 273 -4.70 -29.18 17.91
N SER A 274 -5.89 -29.73 17.67
CA SER A 274 -6.63 -30.40 18.74
C SER A 274 -5.84 -31.57 19.31
N ASN A 275 -5.23 -32.37 18.45
CA ASN A 275 -4.45 -33.52 18.86
C ASN A 275 -3.01 -33.18 19.20
N SER A 276 -2.68 -31.91 19.35
CA SER A 276 -1.32 -31.49 19.64
C SER A 276 -1.11 -31.34 21.15
N GLN A 277 0.15 -31.42 21.56
CA GLN A 277 0.47 -31.38 22.98
C GLN A 277 1.81 -30.70 23.20
N LEU A 278 2.02 -30.23 24.41
CA LEU A 278 3.28 -29.62 24.81
C LEU A 278 3.75 -30.30 26.09
N GLU A 279 5.04 -30.59 26.18
CA GLU A 279 5.60 -31.22 27.37
C GLU A 279 6.86 -30.49 27.81
N ARG A 280 6.94 -30.18 29.10
CA ARG A 280 8.19 -29.71 29.68
C ARG A 280 9.17 -30.86 29.76
N LEU A 281 10.29 -30.75 29.04
CA LEU A 281 11.24 -31.85 28.97
C LEU A 281 11.96 -32.06 30.29
N GLU A 282 12.04 -31.03 31.15
CA GLU A 282 12.77 -31.09 32.41
C GLU A 282 14.24 -31.44 32.15
N THR A 283 14.92 -30.52 31.45
CA THR A 283 16.29 -30.78 31.02
C THR A 283 17.23 -30.96 32.20
N ASP A 284 17.23 -30.00 33.14
CA ASP A 284 18.17 -29.99 34.26
C ASP A 284 19.61 -30.09 33.74
N ASP A 285 19.88 -29.37 32.64
CA ASP A 285 21.17 -29.43 31.95
C ASP A 285 21.51 -30.85 31.53
N SER A 286 20.51 -31.58 31.02
CA SER A 286 20.77 -32.90 30.48
C SER A 286 21.72 -32.83 29.29
N MET A 287 21.51 -31.85 28.41
CA MET A 287 22.44 -31.56 27.33
C MET A 287 22.66 -30.06 27.29
N PHE A 288 23.92 -29.65 27.16
CA PHE A 288 24.27 -28.23 27.04
C PHE A 288 24.89 -27.87 25.71
N GLU A 289 25.37 -28.88 24.96
CA GLU A 289 25.97 -28.62 23.65
C GLU A 289 24.96 -28.06 22.66
N TYR A 290 23.67 -28.18 22.93
CA TYR A 290 22.65 -27.68 22.02
C TYR A 290 22.20 -26.26 22.33
N GLU A 291 22.30 -25.84 23.60
CA GLU A 291 21.83 -24.51 23.97
C GLU A 291 22.61 -23.40 23.28
N PHE A 292 23.81 -23.68 22.78
CA PHE A 292 24.51 -22.70 21.96
C PHE A 292 23.74 -22.40 20.68
N GLN A 293 23.14 -23.43 20.09
CA GLN A 293 22.39 -23.24 18.84
C GLN A 293 21.16 -22.36 19.06
N TYR A 294 20.46 -22.54 20.18
CA TYR A 294 19.20 -21.85 20.40
C TYR A 294 19.40 -20.38 20.72
N ASP A 295 19.90 -19.62 19.75
CA ASP A 295 20.00 -18.17 19.85
C ASP A 295 19.30 -17.56 18.65
N TYR A 296 18.42 -16.59 18.90
CA TYR A 296 17.60 -16.01 17.87
C TYR A 296 18.20 -14.69 17.41
N THR A 297 18.49 -14.58 16.12
CA THR A 297 18.92 -13.33 15.52
C THR A 297 17.83 -12.65 14.73
N VAL A 298 16.88 -13.42 14.20
CA VAL A 298 15.72 -12.89 13.49
C VAL A 298 14.51 -13.74 13.88
N ASN A 299 13.35 -13.39 13.33
CA ASN A 299 12.11 -14.12 13.54
C ASN A 299 11.49 -14.39 12.18
N ILE A 300 11.04 -15.63 11.98
CA ILE A 300 10.50 -16.03 10.68
C ILE A 300 8.99 -15.90 10.61
N SER A 301 8.34 -15.40 11.67
CA SER A 301 6.91 -15.12 11.62
C SER A 301 6.60 -13.68 11.29
N ARG A 302 7.56 -12.78 11.42
CA ARG A 302 7.42 -11.38 11.02
C ARG A 302 8.51 -11.01 10.03
N SER A 303 8.37 -9.83 9.44
CA SER A 303 9.33 -9.32 8.47
C SER A 303 10.35 -8.44 9.20
N ASN A 304 11.52 -9.02 9.46
CA ASN A 304 12.68 -8.31 9.99
C ASN A 304 12.47 -7.80 11.41
N LYS A 305 11.52 -8.36 12.16
CA LYS A 305 11.24 -7.91 13.51
C LYS A 305 11.29 -9.08 14.46
N ILE A 306 11.62 -8.80 15.72
CA ILE A 306 11.69 -9.83 16.75
C ILE A 306 10.88 -9.38 17.96
N ILE A 307 10.19 -10.32 18.59
CA ILE A 307 9.45 -10.04 19.82
C ILE A 307 10.39 -10.18 21.00
N GLN A 308 10.45 -9.15 21.84
CA GLN A 308 11.30 -9.22 23.03
C GLN A 308 10.52 -8.74 24.25
N LYS A 309 10.92 -9.25 25.41
CA LYS A 309 10.31 -8.91 26.69
C LYS A 309 11.11 -7.83 27.39
N HIS A 310 10.43 -6.78 27.84
CA HIS A 310 11.02 -5.76 28.68
C HIS A 310 10.28 -5.71 30.01
N ARG A 311 11.01 -5.41 31.07
CA ARG A 311 10.43 -5.22 32.39
C ARG A 311 10.38 -3.72 32.67
N VAL A 312 9.17 -3.19 32.84
CA VAL A 312 9.00 -1.75 33.03
C VAL A 312 9.54 -1.38 34.40
N THR A 313 10.54 -0.50 34.42
CA THR A 313 11.17 -0.08 35.66
C THR A 313 10.59 1.23 36.18
N GLY A 314 10.62 2.27 35.35
CA GLY A 314 10.21 3.59 35.79
C GLY A 314 8.91 4.08 35.19
N ASN A 315 8.96 5.27 34.59
CA ASN A 315 7.76 5.91 34.09
C ASN A 315 7.15 5.15 32.92
N PHE A 316 5.82 5.17 32.85
CA PHE A 316 5.07 4.54 31.75
C PHE A 316 4.08 5.57 31.22
N THR A 317 4.53 6.40 30.29
CA THR A 317 3.67 7.39 29.67
C THR A 317 2.91 6.76 28.51
N SER A 318 1.60 7.01 28.45
CA SER A 318 0.74 6.42 27.42
C SER A 318 -0.23 7.50 26.95
N GLU A 319 0.07 8.11 25.81
CA GLU A 319 -0.75 9.18 25.25
C GLU A 319 -1.53 8.64 24.06
N ARG A 320 -2.85 8.69 24.14
CA ARG A 320 -3.67 8.36 22.99
C ARG A 320 -3.55 9.46 21.94
N ASN A 321 -3.58 9.06 20.67
CA ASN A 321 -3.45 10.01 19.57
C ASN A 321 -4.37 9.54 18.46
N ILE A 322 -5.50 10.22 18.29
CA ILE A 322 -6.45 9.87 17.25
C ILE A 322 -6.15 10.70 16.02
N TYR A 323 -5.77 10.04 14.94
CA TYR A 323 -5.38 10.69 13.70
C TYR A 323 -6.52 10.60 12.69
N GLN A 324 -6.24 11.04 11.47
CA GLN A 324 -7.25 10.96 10.41
C GLN A 324 -7.60 9.52 10.08
N ASN A 325 -6.65 8.60 10.22
CA ASN A 325 -6.85 7.21 9.84
C ASN A 325 -6.69 6.23 10.98
N SER A 326 -5.67 6.39 11.83
CA SER A 326 -5.34 5.44 12.88
C SER A 326 -5.66 6.03 14.24
N ASP A 327 -5.67 5.15 15.25
CA ASP A 327 -5.91 5.53 16.65
C ASP A 327 -4.74 4.96 17.45
N ARG A 328 -3.63 5.69 17.49
CA ARG A 328 -2.45 5.14 18.12
C ARG A 328 -2.47 5.36 19.63
N PHE A 329 -1.66 4.57 20.31
CA PHE A 329 -1.36 4.69 21.73
C PHE A 329 0.16 4.86 21.78
N VAL A 330 0.63 6.10 21.72
CA VAL A 330 2.08 6.32 21.77
C VAL A 330 2.53 6.14 23.21
N ILE A 331 3.45 5.20 23.42
CA ILE A 331 3.86 4.81 24.75
C ILE A 331 5.37 5.02 24.86
N SER A 332 5.80 5.55 25.99
CA SER A 332 7.21 5.65 26.31
C SER A 332 7.42 5.10 27.70
N TYR A 333 8.39 4.20 27.85
CA TYR A 333 8.64 3.62 29.17
C TYR A 333 10.12 3.36 29.35
N ASP A 334 10.47 2.93 30.56
CA ASP A 334 11.85 2.84 31.01
C ASP A 334 12.14 1.39 31.40
N THR A 335 12.99 0.73 30.63
CA THR A 335 13.46 -0.60 31.00
C THR A 335 14.56 -0.46 32.05
N ALA A 336 15.23 -1.57 32.36
CA ALA A 336 16.43 -1.46 33.18
C ALA A 336 17.60 -0.86 32.43
N ASN A 337 17.53 -0.79 31.10
CA ASN A 337 18.62 -0.29 30.28
C ASN A 337 18.26 0.97 29.51
N GLU A 338 17.16 0.96 28.75
CA GLU A 338 16.95 1.96 27.72
C GLU A 338 15.52 2.49 27.74
N LYS A 339 15.39 3.76 27.35
CA LYS A 339 14.09 4.31 26.99
C LYS A 339 13.52 3.53 25.82
N ILE A 340 12.20 3.33 25.83
CA ILE A 340 11.52 2.62 24.75
C ILE A 340 10.32 3.44 24.32
N LYS A 341 10.14 3.57 23.00
CA LYS A 341 9.08 4.37 22.38
C LYS A 341 8.24 3.47 21.49
N THR A 342 7.23 2.84 22.08
CA THR A 342 6.35 1.94 21.35
C THR A 342 5.10 2.69 20.88
N SER A 343 4.26 2.00 20.13
CA SER A 343 3.00 2.61 19.67
C SER A 343 1.99 1.49 19.42
N ILE A 344 1.08 1.30 20.37
CA ILE A 344 -0.02 0.36 20.16
C ILE A 344 -0.97 0.92 19.11
N TYR A 345 -1.65 0.05 18.38
CA TYR A 345 -2.62 0.49 17.40
C TYR A 345 -4.02 0.01 17.76
N ASN A 346 -5.01 0.53 17.05
CA ASN A 346 -6.41 0.28 17.35
C ASN A 346 -7.22 0.21 16.06
N ARG A 347 -8.24 -0.65 16.05
CA ARG A 347 -9.27 -0.61 15.02
C ARG A 347 -10.58 -1.11 15.58
N MET A 348 -11.65 -0.86 14.84
CA MET A 348 -12.94 -1.49 15.10
C MET A 348 -13.01 -2.81 14.34
N GLU A 349 -13.10 -3.91 15.08
CA GLU A 349 -13.31 -5.20 14.43
C GLU A 349 -14.65 -5.21 13.72
N ASN A 350 -14.77 -6.06 12.71
CA ASN A 350 -15.94 -6.03 11.82
C ASN A 350 -17.23 -6.23 12.61
N ALA A 351 -17.21 -7.11 13.61
CA ALA A 351 -18.38 -7.35 14.45
C ALA A 351 -18.33 -6.50 15.73
N GLU A 352 -18.22 -5.19 15.53
CA GLU A 352 -18.20 -4.25 16.64
C GLU A 352 -19.01 -3.01 16.27
N SER A 353 -19.42 -2.27 17.29
CA SER A 353 -20.24 -1.08 17.16
C SER A 353 -19.46 0.17 17.55
N LYS A 354 -19.96 1.32 17.08
CA LYS A 354 -19.29 2.58 17.37
C LYS A 354 -19.22 2.89 18.86
N THR A 355 -20.18 2.41 19.66
CA THR A 355 -20.16 2.66 21.09
C THR A 355 -19.41 1.60 21.87
N ASP A 356 -19.54 0.32 21.49
CA ASP A 356 -18.80 -0.73 22.18
C ASP A 356 -17.30 -0.57 21.99
N TYR A 357 -16.87 -0.27 20.76
CA TYR A 357 -15.45 -0.08 20.49
C TYR A 357 -14.91 1.12 21.25
N ASP A 358 -15.68 2.22 21.28
CA ASP A 358 -15.22 3.41 21.99
C ASP A 358 -15.12 3.17 23.48
N THR A 359 -16.09 2.47 24.06
CA THR A 359 -16.01 2.16 25.49
C THR A 359 -14.84 1.24 25.80
N SER A 360 -14.62 0.24 24.96
CA SER A 360 -13.47 -0.64 25.18
C SER A 360 -12.17 0.14 25.10
N ILE A 361 -12.07 1.05 24.14
CA ILE A 361 -10.84 1.81 23.98
C ILE A 361 -10.62 2.74 25.17
N THR A 362 -11.68 3.37 25.68
CA THR A 362 -11.47 4.27 26.81
C THR A 362 -11.16 3.51 28.10
N LEU A 363 -11.71 2.29 28.26
CA LEU A 363 -11.25 1.45 29.37
C LEU A 363 -9.78 1.07 29.22
N LYS A 364 -9.35 0.75 28.00
CA LYS A 364 -7.94 0.49 27.78
C LYS A 364 -7.10 1.70 28.16
N ASP A 365 -7.56 2.89 27.78
CA ASP A 365 -6.79 4.10 28.05
C ASP A 365 -6.70 4.41 29.53
N VAL A 366 -7.82 4.25 30.26
CA VAL A 366 -7.76 4.50 31.70
C VAL A 366 -6.88 3.48 32.40
N THR A 367 -6.91 2.22 31.92
CA THR A 367 -6.03 1.20 32.51
C THR A 367 -4.56 1.56 32.30
N LEU A 368 -4.20 1.96 31.08
CA LEU A 368 -2.83 2.36 30.83
C LEU A 368 -2.44 3.59 31.64
N SER A 369 -3.36 4.53 31.80
CA SER A 369 -3.05 5.73 32.56
C SER A 369 -2.78 5.40 34.03
N GLN A 370 -3.61 4.54 34.63
CA GLN A 370 -3.38 4.12 36.01
C GLN A 370 -2.14 3.24 36.14
N LEU A 371 -1.71 2.60 35.05
CA LEU A 371 -0.61 1.65 35.13
C LEU A 371 0.66 2.28 35.67
N ASN A 372 0.94 3.53 35.30
CA ASN A 372 2.18 4.18 35.73
C ASN A 372 2.19 4.36 37.24
N SER A 373 1.10 4.89 37.81
CA SER A 373 1.03 5.06 39.25
C SER A 373 1.06 3.71 39.96
N LEU A 374 0.45 2.69 39.36
CA LEU A 374 0.53 1.36 39.95
C LEU A 374 1.98 0.87 39.99
N ILE A 375 2.73 1.10 38.93
CA ILE A 375 4.11 0.62 38.85
C ILE A 375 4.98 1.34 39.87
N GLU A 376 4.87 2.68 39.92
CA GLU A 376 5.80 3.45 40.75
C GLU A 376 5.70 3.10 42.23
N SER A 377 4.53 2.65 42.69
CA SER A 377 4.35 2.29 44.08
C SER A 377 4.48 0.80 44.33
N ASN A 378 5.00 0.05 43.35
CA ASN A 378 5.30 -1.38 43.49
C ASN A 378 4.07 -2.21 43.82
N LEU A 379 2.89 -1.73 43.47
CA LEU A 379 1.69 -2.56 43.65
C LEU A 379 1.66 -3.70 42.65
N VAL A 380 2.08 -3.45 41.41
CA VAL A 380 2.17 -4.47 40.38
C VAL A 380 3.49 -4.31 39.65
N GLN A 381 3.89 -5.39 38.97
CA GLN A 381 5.02 -5.35 38.06
C GLN A 381 4.50 -5.61 36.65
N VAL A 382 5.17 -5.06 35.66
CA VAL A 382 4.66 -5.06 34.29
C VAL A 382 5.72 -5.61 33.36
N ASP A 383 5.30 -6.50 32.46
CA ASP A 383 6.16 -7.01 31.39
C ASP A 383 5.53 -6.66 30.06
N VAL A 384 6.30 -6.02 29.19
CA VAL A 384 5.84 -5.58 27.88
C VAL A 384 6.59 -6.38 26.83
N TYR A 385 5.87 -7.22 26.09
CA TYR A 385 6.45 -7.97 24.99
C TYR A 385 6.15 -7.19 23.72
N LEU A 386 7.19 -6.64 23.11
CA LEU A 386 7.03 -5.72 21.99
C LEU A 386 7.72 -6.25 20.75
N VAL A 387 7.16 -5.87 19.61
CA VAL A 387 7.66 -6.32 18.29
C VAL A 387 8.68 -5.29 17.87
N THR A 388 9.91 -5.45 18.35
CA THR A 388 10.92 -4.47 18.02
C THR A 388 11.55 -4.80 16.67
N ASP A 389 12.11 -3.76 16.05
CA ASP A 389 12.96 -3.90 14.87
C ASP A 389 14.30 -3.29 15.21
N PRO A 390 15.32 -4.10 15.51
CA PRO A 390 16.57 -3.53 16.06
C PRO A 390 17.24 -2.53 15.14
N ASN A 391 17.17 -2.72 13.83
CA ASN A 391 17.78 -1.76 12.92
C ASN A 391 16.98 -0.46 12.88
N ASN A 392 15.66 -0.55 12.85
CA ASN A 392 14.79 0.61 12.65
C ASN A 392 13.77 0.66 13.78
N VAL A 393 14.00 1.54 14.75
CA VAL A 393 13.14 1.63 15.93
C VAL A 393 11.94 2.54 15.65
N LYS A 394 11.76 2.93 14.40
CA LYS A 394 10.62 3.77 14.05
C LYS A 394 9.29 3.04 14.25
N ASN A 395 9.32 1.72 14.33
CA ASN A 395 8.13 0.91 14.50
C ASN A 395 8.38 -0.10 15.61
N ASN A 396 7.65 0.03 16.71
CA ASN A 396 7.83 -0.83 17.88
C ASN A 396 6.49 -1.22 18.47
N VAL A 397 5.54 -1.62 17.61
CA VAL A 397 4.20 -1.98 18.08
C VAL A 397 4.30 -2.98 19.21
N ILE A 398 3.65 -2.66 20.34
CA ILE A 398 3.57 -3.60 21.45
C ILE A 398 2.75 -4.81 21.01
N ALA A 399 3.31 -6.00 21.21
CA ALA A 399 2.53 -7.21 20.98
C ALA A 399 1.58 -7.46 22.14
N GLY A 400 2.07 -7.36 23.37
CA GLY A 400 1.20 -7.57 24.51
C GLY A 400 1.79 -7.16 25.84
N ILE A 401 0.94 -6.68 26.73
CA ILE A 401 1.34 -6.28 28.07
C ILE A 401 0.78 -7.29 29.05
N THR A 402 1.52 -7.54 30.13
CA THR A 402 1.06 -8.43 31.19
C THR A 402 1.46 -7.86 32.54
N LYS A 403 0.65 -8.18 33.55
CA LYS A 403 0.79 -7.59 34.88
C LYS A 403 0.89 -8.70 35.92
N ILE A 404 2.00 -8.75 36.64
CA ILE A 404 2.16 -9.64 37.78
C ILE A 404 1.85 -8.84 39.03
N GLU A 405 0.74 -9.18 39.69
CA GLU A 405 0.30 -8.41 40.84
C GLU A 405 1.00 -8.89 42.11
N ILE A 406 0.83 -8.10 43.17
CA ILE A 406 1.41 -8.46 44.47
C ILE A 406 0.73 -9.71 45.03
N ASP A 407 -0.56 -9.87 44.77
CA ASP A 407 -1.28 -11.04 45.26
C ASP A 407 -0.66 -12.33 44.72
N GLY A 408 -0.24 -12.31 43.46
CA GLY A 408 0.24 -13.50 42.78
C GLY A 408 -0.56 -13.85 41.54
N THR A 409 -1.80 -13.39 41.46
CA THR A 409 -2.58 -13.54 40.23
C THR A 409 -1.96 -12.69 39.13
N TYR A 410 -2.26 -13.05 37.89
CA TYR A 410 -1.74 -12.38 36.72
C TYR A 410 -2.88 -11.65 36.02
N GLU A 411 -2.71 -10.34 35.83
CA GLU A 411 -3.72 -9.55 35.13
C GLU A 411 -3.37 -9.51 33.66
N PRO A 412 -4.18 -10.09 32.78
CA PRO A 412 -3.79 -10.21 31.37
C PRO A 412 -3.54 -8.87 30.71
N LEU A 413 -4.53 -8.00 30.70
CA LEU A 413 -4.50 -6.74 29.98
C LEU A 413 -4.19 -6.99 28.50
N LEU B 83 -4.96 -3.72 51.80
CA LEU B 83 -5.10 -2.82 50.66
C LEU B 83 -4.45 -1.47 50.94
N ARG B 84 -3.15 -1.38 50.65
CA ARG B 84 -2.43 -0.14 50.89
C ARG B 84 -2.97 0.97 50.01
N THR B 85 -2.86 2.20 50.49
CA THR B 85 -3.46 3.36 49.85
C THR B 85 -2.39 4.37 49.44
N LEU B 86 -2.78 5.25 48.53
CA LEU B 86 -1.93 6.32 48.04
C LEU B 86 -2.61 7.66 48.25
N ASN B 87 -1.81 8.71 48.36
CA ASN B 87 -2.30 10.07 48.50
C ASN B 87 -1.77 10.91 47.36
N VAL B 88 -2.63 11.74 46.78
CA VAL B 88 -2.21 12.51 45.61
C VAL B 88 -2.99 13.82 45.54
N LYS B 89 -2.29 14.91 45.22
CA LYS B 89 -2.90 16.21 45.03
C LYS B 89 -2.79 16.61 43.57
N GLY B 90 -3.92 16.96 42.96
CA GLY B 90 -3.90 17.31 41.55
C GLY B 90 -5.19 17.93 41.09
N GLN B 91 -5.09 18.65 39.98
CA GLN B 91 -6.25 19.26 39.35
C GLN B 91 -7.13 18.19 38.72
N LEU B 92 -8.39 18.56 38.47
CA LEU B 92 -9.31 17.74 37.69
C LEU B 92 -9.60 18.44 36.37
N LEU B 93 -9.82 17.65 35.34
CA LEU B 93 -10.02 18.18 33.99
C LEU B 93 -11.44 17.98 33.47
N THR B 94 -11.94 16.76 33.46
CA THR B 94 -13.27 16.49 32.91
C THR B 94 -13.80 15.19 33.49
N LYS B 95 -14.96 15.24 34.11
CA LYS B 95 -15.65 14.04 34.56
C LYS B 95 -16.35 13.37 33.39
N THR B 96 -16.47 12.05 33.45
CA THR B 96 -17.08 11.31 32.37
C THR B 96 -17.75 10.06 32.93
N THR B 97 -18.86 9.66 32.32
CA THR B 97 -19.56 8.45 32.74
C THR B 97 -19.78 7.55 31.53
N MET B 98 -19.90 6.25 31.80
CA MET B 98 -20.16 5.30 30.73
C MET B 98 -20.77 4.03 31.33
N SER B 99 -21.35 3.22 30.46
CA SER B 99 -22.02 1.99 30.85
C SER B 99 -21.44 0.82 30.09
N ILE B 100 -21.09 -0.23 30.81
CA ILE B 100 -20.60 -1.48 30.24
C ILE B 100 -21.36 -2.62 30.89
N ASN B 101 -22.02 -3.44 30.06
CA ASN B 101 -22.81 -4.62 30.46
C ASN B 101 -23.54 -4.40 31.79
N ASN B 102 -24.43 -3.40 31.77
CA ASN B 102 -25.31 -3.09 32.90
C ASN B 102 -24.53 -2.74 34.16
N GLU B 103 -23.43 -2.01 33.98
CA GLU B 103 -22.66 -1.47 35.09
C GLU B 103 -22.18 -0.08 34.69
N ASP B 104 -22.00 0.78 35.69
CA ASP B 104 -21.67 2.18 35.45
C ASP B 104 -20.26 2.48 35.92
N TYR B 105 -19.45 3.06 35.04
CA TYR B 105 -18.13 3.53 35.37
C TYR B 105 -18.09 5.05 35.30
N TYR B 106 -17.52 5.67 36.34
CA TYR B 106 -17.35 7.11 36.41
C TYR B 106 -15.86 7.41 36.49
N LEU B 107 -15.34 8.13 35.51
CA LEU B 107 -13.92 8.41 35.41
C LEU B 107 -13.67 9.91 35.58
N PHE B 108 -12.60 10.22 36.29
CA PHE B 108 -12.16 11.59 36.53
C PHE B 108 -10.74 11.74 35.99
N LYS B 109 -10.53 12.77 35.18
CA LYS B 109 -9.27 12.95 34.46
C LYS B 109 -8.35 13.88 35.25
N PHE B 110 -7.79 13.35 36.32
CA PHE B 110 -7.00 14.14 37.24
C PHE B 110 -5.61 14.43 36.66
N LEU B 111 -5.21 15.69 36.77
CA LEU B 111 -3.88 16.13 36.37
C LEU B 111 -2.93 16.00 37.56
N VAL B 112 -2.01 15.04 37.49
CA VAL B 112 -1.06 14.77 38.56
C VAL B 112 0.33 15.00 38.02
N ASN B 113 1.07 15.92 38.64
CA ASN B 113 2.46 16.20 38.28
C ASN B 113 2.59 16.51 36.80
N ASN B 114 1.67 17.32 36.28
CA ASN B 114 1.63 17.68 34.86
C ASN B 114 1.57 16.44 33.97
N LYS B 115 0.76 15.46 34.39
CA LYS B 115 0.52 14.26 33.60
C LYS B 115 -0.92 13.82 33.83
N SER B 116 -1.59 13.45 32.75
CA SER B 116 -2.99 13.04 32.86
C SER B 116 -3.08 11.62 33.39
N ILE B 117 -3.89 11.43 34.44
CA ILE B 117 -4.15 10.11 35.00
C ILE B 117 -5.64 10.05 35.29
N ASP B 118 -6.30 8.97 34.89
CA ASP B 118 -7.72 8.82 35.11
C ASP B 118 -7.98 7.92 36.30
N TYR B 119 -9.02 8.23 37.06
CA TYR B 119 -9.38 7.50 38.26
C TYR B 119 -10.86 7.15 38.24
N TYR B 120 -11.22 6.08 38.94
CA TYR B 120 -12.60 5.68 39.06
C TYR B 120 -13.24 6.32 40.29
N GLY B 121 -14.56 6.49 40.23
CA GLY B 121 -15.26 7.13 41.33
C GLY B 121 -16.71 6.67 41.39
N THR B 122 -17.41 7.17 42.40
CA THR B 122 -18.80 6.84 42.65
C THR B 122 -19.70 7.99 42.21
N GLN B 123 -21.02 7.79 42.36
CA GLN B 123 -21.98 8.76 41.83
C GLN B 123 -21.86 10.09 42.56
N THR B 124 -21.73 10.06 43.88
CA THR B 124 -21.52 11.29 44.65
C THR B 124 -20.24 11.98 44.23
N GLN B 125 -19.21 11.20 43.90
CA GLN B 125 -18.00 11.77 43.32
C GLN B 125 -18.31 12.46 42.00
N PHE B 126 -19.19 11.87 41.20
CA PHE B 126 -19.52 12.44 39.90
C PHE B 126 -20.21 13.79 40.04
N PHE B 127 -21.25 13.87 40.89
CA PHE B 127 -21.95 15.14 41.03
C PHE B 127 -21.15 16.17 41.83
N SER B 128 -20.46 15.74 42.88
CA SER B 128 -19.87 16.68 43.82
C SER B 128 -18.73 17.47 43.18
N LEU B 129 -17.83 16.78 42.49
CA LEU B 129 -16.61 17.44 42.00
C LEU B 129 -16.94 18.40 40.86
N ILE B 130 -16.29 19.56 40.88
CA ILE B 130 -16.44 20.56 39.84
C ILE B 130 -15.17 20.56 38.99
N ASN B 131 -15.31 21.08 37.78
CA ASN B 131 -14.21 21.08 36.82
C ASN B 131 -13.17 22.14 37.17
N ASN B 132 -11.93 21.88 36.78
CA ASN B 132 -10.79 22.79 36.84
C ASN B 132 -10.36 23.10 38.26
N LYS B 133 -11.00 22.53 39.28
CA LYS B 133 -10.66 22.82 40.67
C LYS B 133 -9.85 21.65 41.23
N THR B 134 -8.70 21.97 41.82
CA THR B 134 -7.79 20.96 42.31
C THR B 134 -8.40 20.19 43.49
N TYR B 135 -7.76 19.08 43.85
CA TYR B 135 -8.24 18.24 44.94
C TYR B 135 -7.06 17.49 45.56
N GLU B 136 -7.31 16.95 46.75
CA GLU B 136 -6.46 15.96 47.39
C GLU B 136 -7.25 14.67 47.49
N LEU B 137 -6.63 13.54 47.19
CA LEU B 137 -7.34 12.28 47.06
C LEU B 137 -6.59 11.18 47.76
N VAL B 138 -7.36 10.22 48.31
CA VAL B 138 -6.83 8.96 48.78
C VAL B 138 -7.36 7.86 47.88
N LEU B 139 -6.45 7.01 47.39
CA LEU B 139 -6.75 5.98 46.40
C LEU B 139 -6.43 4.62 46.98
N GLN B 140 -7.32 3.66 46.76
CA GLN B 140 -7.09 2.31 47.27
C GLN B 140 -7.35 1.30 46.15
N TYR B 141 -6.38 0.42 45.93
CA TYR B 141 -6.38 -0.52 44.81
C TYR B 141 -7.31 -1.69 45.12
N SER B 142 -8.60 -1.49 44.84
CA SER B 142 -9.62 -2.49 45.08
C SER B 142 -10.29 -2.89 43.79
N ARG B 143 -10.59 -4.18 43.67
CA ARG B 143 -11.30 -4.74 42.51
C ARG B 143 -10.58 -4.40 41.21
N LYS B 144 -9.28 -4.69 41.17
CA LYS B 144 -8.39 -4.62 40.02
C LYS B 144 -8.02 -3.19 39.66
N LYS B 145 -8.61 -2.18 40.29
CA LYS B 145 -8.57 -0.82 39.78
C LYS B 145 -8.23 0.16 40.88
N LEU B 146 -7.48 1.20 40.52
CA LEU B 146 -7.37 2.37 41.38
C LEU B 146 -8.66 3.17 41.31
N LEU B 147 -9.09 3.70 42.44
CA LEU B 147 -10.30 4.52 42.45
C LEU B 147 -10.28 5.42 43.67
N ILE B 148 -11.16 6.42 43.65
CA ILE B 148 -11.20 7.46 44.67
C ILE B 148 -11.96 6.94 45.89
N LYS B 149 -11.30 6.98 47.05
CA LYS B 149 -11.96 6.64 48.30
C LYS B 149 -12.48 7.88 49.03
N SER B 150 -11.67 8.93 49.09
CA SER B 150 -12.08 10.18 49.72
C SER B 150 -11.27 11.33 49.13
N TYR B 151 -11.87 12.52 49.16
CA TYR B 151 -11.26 13.71 48.59
C TYR B 151 -11.42 14.87 49.55
N GLU B 152 -10.50 15.82 49.43
CA GLU B 152 -10.48 17.05 50.22
C GLU B 152 -10.22 18.22 49.28
N GLN B 153 -11.08 19.23 49.36
CA GLN B 153 -10.92 20.41 48.52
C GLN B 153 -9.61 21.12 48.84
N CYS B 154 -8.89 21.52 47.79
CA CYS B 154 -7.63 22.25 47.96
C CYS B 154 -7.61 23.48 47.06
N GLU B 155 -6.47 24.15 47.00
CA GLU B 155 -6.31 25.34 46.15
C GLU B 155 -4.95 25.30 45.47
N ASP B 156 -4.88 25.95 44.32
CA ASP B 156 -3.64 26.03 43.55
C ASP B 156 -2.70 27.08 44.13
N MET B 161 -2.77 31.62 34.99
CA MET B 161 -1.48 30.92 35.00
C MET B 161 -0.54 31.55 33.97
N THR B 162 0.76 31.42 34.22
CA THR B 162 1.76 32.04 33.35
C THR B 162 1.77 31.33 32.00
N VAL B 163 1.50 32.08 30.94
CA VAL B 163 1.47 31.56 29.57
C VAL B 163 2.45 32.35 28.73
N CYS B 164 3.30 31.64 27.99
CA CYS B 164 4.26 32.30 27.12
C CYS B 164 3.55 33.05 26.01
N LYS B 165 4.04 34.23 25.70
CA LYS B 165 3.48 35.04 24.62
C LYS B 165 4.18 34.78 23.29
N SER B 166 5.20 33.93 23.27
CA SER B 166 5.94 33.65 22.06
C SER B 166 6.52 32.24 22.13
N VAL B 167 6.93 31.74 20.97
CA VAL B 167 7.59 30.44 20.86
C VAL B 167 8.84 30.62 20.02
N THR B 168 9.88 29.87 20.39
CA THR B 168 11.14 29.89 19.67
C THR B 168 11.18 28.78 18.63
N PHE B 169 11.85 29.06 17.51
CA PHE B 169 12.07 28.04 16.49
C PHE B 169 12.66 26.78 17.09
N GLN B 170 13.62 26.94 18.00
CA GLN B 170 14.23 25.79 18.66
C GLN B 170 13.23 25.03 19.51
N GLU B 171 12.23 25.72 20.07
CA GLU B 171 11.21 25.03 20.85
C GLU B 171 10.34 24.15 19.96
N PHE B 172 9.99 24.64 18.77
CA PHE B 172 9.30 23.79 17.81
C PHE B 172 10.18 22.62 17.39
N CYS B 173 11.47 22.85 17.22
CA CYS B 173 12.38 21.77 16.88
C CYS B 173 12.42 20.71 17.97
N ALA B 174 12.42 21.14 19.23
CA ALA B 174 12.56 20.22 20.36
C ALA B 174 11.28 19.52 20.74
N ASN B 175 10.14 19.92 20.18
CA ASN B 175 8.85 19.26 20.40
C ASN B 175 8.46 19.29 21.88
N GLU B 176 8.62 20.46 22.49
CA GLU B 176 8.38 20.64 23.91
C GLU B 176 6.97 21.14 24.16
N ILE B 177 6.26 20.50 25.08
CA ILE B 177 4.93 20.97 25.46
C ILE B 177 5.04 22.39 26.02
N LYS B 178 4.00 23.18 25.79
CA LYS B 178 4.08 24.60 26.11
C LYS B 178 2.69 25.18 26.25
N SER B 179 2.60 26.33 26.91
CA SER B 179 1.40 27.14 26.91
C SER B 179 1.58 28.33 25.98
N LEU B 180 0.49 28.97 25.62
CA LEU B 180 0.55 30.06 24.65
C LEU B 180 -0.62 31.01 24.83
N LEU B 181 -0.43 32.24 24.35
CA LEU B 181 -1.49 33.19 24.10
C LEU B 181 -1.61 33.35 22.60
N ALA B 182 -2.73 32.89 22.02
CA ALA B 182 -2.86 32.84 20.58
C ALA B 182 -4.19 33.44 20.17
N LYS B 183 -4.39 33.55 18.86
CA LYS B 183 -5.59 34.14 18.29
C LYS B 183 -6.36 33.06 17.55
N PHE B 184 -7.62 32.86 17.92
CA PHE B 184 -8.46 31.83 17.32
C PHE B 184 -9.13 32.41 16.08
N LEU B 185 -8.64 32.05 14.90
CA LEU B 185 -9.23 32.59 13.69
C LEU B 185 -10.58 31.93 13.40
N TYR B 186 -10.58 30.62 13.17
CA TYR B 186 -11.76 29.86 12.78
C TYR B 186 -11.45 28.37 12.71
N GLY B 187 -12.47 27.53 12.90
CA GLY B 187 -12.25 26.10 12.92
C GLY B 187 -13.30 25.32 12.14
N PHE B 188 -12.85 24.33 11.37
CA PHE B 188 -13.71 23.57 10.48
C PHE B 188 -13.47 22.09 10.64
N LYS B 189 -14.50 21.30 10.35
CA LYS B 189 -14.35 19.86 10.31
C LYS B 189 -13.72 19.47 8.98
N ILE B 190 -12.54 18.85 9.02
CA ILE B 190 -11.82 18.50 7.81
C ILE B 190 -12.73 17.75 6.86
N TYR B 191 -12.81 18.22 5.62
CA TYR B 191 -13.76 17.70 4.66
C TYR B 191 -13.54 16.21 4.43
N GLY B 192 -14.64 15.46 4.41
CA GLY B 192 -14.56 14.03 4.17
C GLY B 192 -13.77 13.30 5.23
N SER B 193 -13.96 13.66 6.49
CA SER B 193 -13.29 13.01 7.61
C SER B 193 -14.29 12.90 8.75
N SER B 194 -14.34 11.73 9.39
CA SER B 194 -15.41 11.47 10.34
C SER B 194 -15.37 12.43 11.52
N ASN B 195 -14.21 12.57 12.16
CA ASN B 195 -14.17 13.33 13.41
C ASN B 195 -12.98 14.25 13.60
N VAL B 196 -12.02 14.33 12.68
CA VAL B 196 -10.76 15.04 12.94
C VAL B 196 -10.96 16.51 12.57
N TYR B 197 -11.50 17.27 13.53
CA TYR B 197 -11.63 18.70 13.37
C TYR B 197 -10.27 19.37 13.33
N LYS B 198 -10.27 20.65 12.97
CA LYS B 198 -9.03 21.40 12.80
C LYS B 198 -9.30 22.86 13.09
N LEU B 199 -8.58 23.43 14.06
CA LEU B 199 -8.66 24.84 14.38
C LEU B 199 -7.47 25.58 13.79
N VAL B 200 -7.63 26.87 13.60
CA VAL B 200 -6.59 27.73 13.02
C VAL B 200 -6.23 28.79 14.05
N PHE B 201 -4.94 28.87 14.37
CA PHE B 201 -4.45 29.77 15.42
C PHE B 201 -3.35 30.67 14.88
N VAL B 202 -3.34 31.91 15.34
CA VAL B 202 -2.27 32.85 15.07
C VAL B 202 -1.40 32.92 16.30
N ILE B 203 -0.12 32.60 16.15
CA ILE B 203 0.82 32.59 17.26
C ILE B 203 2.03 33.43 16.89
N LEU B 204 2.70 33.97 17.91
CA LEU B 204 3.89 34.78 17.71
C LEU B 204 5.10 33.86 17.70
N LEU B 205 5.64 33.61 16.51
CA LEU B 205 6.85 32.81 16.37
C LEU B 205 8.07 33.72 16.41
N GLU B 206 9.09 33.28 17.15
CA GLU B 206 10.37 33.94 17.22
C GLU B 206 11.37 33.16 16.36
N ASP B 207 11.91 33.82 15.34
CA ASP B 207 12.78 33.15 14.38
C ASP B 207 14.16 32.94 15.00
N ASN B 208 15.10 32.43 14.20
CA ASN B 208 16.47 32.28 14.67
C ASN B 208 17.12 33.63 14.92
N ASN B 209 16.73 34.65 14.15
CA ASN B 209 17.26 35.99 14.38
C ASN B 209 16.84 36.52 15.74
N GLY B 210 15.58 36.31 16.13
CA GLY B 210 15.08 36.73 17.42
C GLY B 210 13.87 37.64 17.38
N THR B 211 13.33 37.97 16.22
CA THR B 211 12.13 38.80 16.13
C THR B 211 10.88 37.93 16.18
N ILE B 212 9.81 38.49 16.75
CA ILE B 212 8.55 37.78 16.94
C ILE B 212 7.54 38.32 15.93
N ASN B 213 6.96 37.42 15.14
CA ASN B 213 5.94 37.81 14.17
C ASN B 213 4.79 36.81 14.22
N GLY B 214 3.60 37.29 13.86
CA GLY B 214 2.42 36.46 13.90
C GLY B 214 2.29 35.56 12.68
N VAL B 215 2.20 34.25 12.92
CA VAL B 215 2.07 33.26 11.86
C VAL B 215 0.86 32.38 12.17
N GLN B 216 0.54 31.51 11.22
CA GLN B 216 -0.61 30.62 11.29
C GLN B 216 -0.17 29.19 11.61
N VAL B 217 -0.98 28.51 12.42
CA VAL B 217 -0.77 27.12 12.77
C VAL B 217 -2.11 26.41 12.78
N GLU B 218 -2.06 25.10 12.60
CA GLU B 218 -3.25 24.27 12.39
C GLU B 218 -3.30 23.19 13.46
N MET B 219 -4.16 23.40 14.46
CA MET B 219 -4.34 22.44 15.54
C MET B 219 -5.41 21.43 15.15
N MET B 220 -5.00 20.27 14.65
CA MET B 220 -5.98 19.21 14.50
C MET B 220 -6.35 18.62 15.86
N SER B 221 -7.48 17.91 15.87
CA SER B 221 -7.95 17.26 17.09
C SER B 221 -9.14 16.39 16.74
N ASP B 222 -9.25 15.27 17.43
CA ASP B 222 -10.47 14.49 17.30
C ASP B 222 -11.58 15.23 18.05
N PHE B 223 -12.83 14.80 17.81
CA PHE B 223 -13.98 15.49 18.36
C PHE B 223 -13.96 15.46 19.88
N LYS B 224 -13.83 14.28 20.48
CA LYS B 224 -13.97 14.18 21.94
C LYS B 224 -12.86 14.94 22.68
N ARG B 225 -11.63 14.93 22.15
CA ARG B 225 -10.58 15.71 22.79
C ARG B 225 -10.91 17.19 22.78
N LEU B 226 -11.46 17.67 21.66
CA LEU B 226 -11.88 19.07 21.58
C LEU B 226 -12.99 19.36 22.57
N SER B 227 -13.98 18.47 22.66
CA SER B 227 -15.11 18.70 23.55
C SER B 227 -14.67 18.74 25.01
N GLY B 228 -13.78 17.82 25.39
CA GLY B 228 -13.28 17.82 26.75
C GLY B 228 -12.16 18.81 27.02
N ALA B 229 -11.66 19.48 25.98
CA ALA B 229 -10.53 20.40 26.14
C ALA B 229 -10.94 21.84 26.34
N PHE B 230 -12.10 22.24 25.82
CA PHE B 230 -12.56 23.61 26.00
C PHE B 230 -12.92 23.84 27.46
N LYS B 231 -12.46 24.96 28.01
CA LYS B 231 -12.74 25.34 29.38
C LYS B 231 -13.90 26.31 29.41
N ASN B 232 -14.66 26.27 30.53
CA ASN B 232 -15.83 27.12 30.75
C ASN B 232 -16.91 26.91 29.69
N HIS B 233 -16.90 25.75 29.03
CA HIS B 233 -17.90 25.41 28.04
C HIS B 233 -18.34 23.96 28.26
N VAL B 234 -19.56 23.67 27.84
CA VAL B 234 -20.13 22.33 27.91
C VAL B 234 -20.49 21.90 26.50
N ILE B 235 -19.95 20.76 26.06
CA ILE B 235 -20.11 20.31 24.69
C ILE B 235 -20.56 18.86 24.71
N GLU B 236 -21.66 18.56 24.00
CA GLU B 236 -22.15 17.20 23.86
C GLU B 236 -22.20 16.70 22.43
N ASN B 237 -22.42 17.58 21.45
CA ASN B 237 -22.54 17.16 20.07
C ASN B 237 -21.85 18.18 19.17
N GLU B 238 -21.77 17.84 17.88
CA GLU B 238 -21.05 18.68 16.93
C GLU B 238 -21.63 20.10 16.86
N ASN B 239 -22.95 20.24 17.04
CA ASN B 239 -23.55 21.56 17.02
C ASN B 239 -23.00 22.43 18.14
N ASP B 240 -22.83 21.86 19.34
CA ASP B 240 -22.24 22.62 20.43
C ASP B 240 -20.80 23.03 20.12
N LEU B 241 -20.02 22.12 19.51
CA LEU B 241 -18.65 22.45 19.17
C LEU B 241 -18.60 23.59 18.16
N PHE B 242 -19.43 23.53 17.12
CA PHE B 242 -19.45 24.60 16.14
C PHE B 242 -19.93 25.90 16.76
N ASP B 243 -20.87 25.84 17.70
CA ASP B 243 -21.29 27.05 18.41
C ASP B 243 -20.13 27.66 19.19
N CYS B 244 -19.42 26.83 19.95
CA CYS B 244 -18.29 27.33 20.72
C CYS B 244 -17.21 27.89 19.82
N MET B 245 -17.10 27.38 18.59
CA MET B 245 -16.15 27.95 17.65
C MET B 245 -16.62 29.31 17.14
N TYR B 246 -17.79 29.34 16.50
CA TYR B 246 -18.24 30.55 15.82
C TYR B 246 -18.49 31.70 16.80
N LYS B 247 -19.06 31.40 17.96
CA LYS B 247 -19.25 32.44 18.97
C LYS B 247 -17.93 33.01 19.45
N SER B 248 -16.83 32.28 19.29
CA SER B 248 -15.52 32.70 19.76
C SER B 248 -14.58 33.12 18.63
N GLU B 249 -15.10 33.35 17.43
CA GLU B 249 -14.24 33.74 16.32
C GLU B 249 -13.55 35.06 16.62
N GLU B 250 -12.27 35.13 16.25
CA GLU B 250 -11.38 36.28 16.42
C GLU B 250 -11.04 36.56 17.87
N LYS B 251 -11.59 35.82 18.81
CA LYS B 251 -11.27 36.02 20.22
C LYS B 251 -9.90 35.43 20.55
N TYR B 252 -9.34 35.88 21.66
CA TYR B 252 -7.99 35.51 22.06
C TYR B 252 -8.03 34.34 23.04
N PHE B 253 -7.27 33.29 22.73
CA PHE B 253 -7.30 32.04 23.48
C PHE B 253 -6.03 31.87 24.28
N ASN B 254 -6.18 31.39 25.51
CA ASN B 254 -5.06 30.90 26.30
C ASN B 254 -5.01 29.39 26.18
N LEU B 255 -3.91 28.88 25.65
CA LEU B 255 -3.75 27.45 25.37
C LEU B 255 -2.82 26.85 26.42
N TYR B 256 -3.31 25.85 27.14
CA TYR B 256 -2.54 25.20 28.19
C TYR B 256 -2.04 23.85 27.69
N ARG B 257 -0.72 23.68 27.71
CA ARG B 257 -0.08 22.38 27.45
C ARG B 257 -0.39 21.86 26.06
N ILE B 258 -0.35 22.74 25.07
CA ILE B 258 -0.51 22.34 23.67
C ILE B 258 0.82 21.81 23.17
N LYS B 259 0.86 20.54 22.81
CA LYS B 259 2.10 19.91 22.36
C LYS B 259 2.46 20.45 20.98
N CYS B 260 3.47 21.32 20.92
CA CYS B 260 3.98 21.74 19.62
C CYS B 260 4.74 20.57 18.98
N ASN B 261 4.69 20.52 17.65
CA ASN B 261 5.41 19.45 16.96
C ASN B 261 5.87 19.94 15.60
N HIS B 262 6.88 19.25 15.07
CA HIS B 262 7.57 19.64 13.85
C HIS B 262 7.66 18.41 12.95
N ASN B 263 7.00 18.48 11.80
CA ASN B 263 6.90 17.33 10.90
C ASN B 263 8.26 17.05 10.25
N ALA B 264 8.27 16.08 9.34
CA ALA B 264 9.50 15.67 8.69
C ALA B 264 10.14 16.84 7.94
N ASN B 265 9.34 17.57 7.18
CA ASN B 265 9.82 18.76 6.50
C ASN B 265 9.61 19.96 7.42
N ASN B 266 9.72 21.18 6.89
CA ASN B 266 9.61 22.34 7.76
C ASN B 266 8.16 22.71 8.04
N TYR B 267 7.37 21.73 8.48
CA TYR B 267 5.97 21.97 8.82
C TYR B 267 5.83 21.93 10.34
N LYS B 268 5.30 23.02 10.90
CA LYS B 268 5.17 23.20 12.34
C LYS B 268 3.70 23.30 12.69
N SER B 269 3.27 22.54 13.70
CA SER B 269 1.86 22.54 14.04
C SER B 269 1.67 22.22 15.51
N LEU B 270 0.62 22.78 16.09
CA LEU B 270 0.24 22.43 17.44
C LEU B 270 -0.48 21.10 17.45
N SER B 271 -0.70 20.56 18.65
CA SER B 271 -1.53 19.38 18.82
C SER B 271 -2.09 19.41 20.24
N LEU B 272 -3.25 18.81 20.38
CA LEU B 272 -4.05 18.97 21.59
C LEU B 272 -3.99 17.66 22.37
N SER B 273 -3.19 17.65 23.43
CA SER B 273 -2.96 16.48 24.25
C SER B 273 -4.06 16.31 25.30
N SER B 274 -4.06 15.15 25.96
CA SER B 274 -5.12 14.83 26.89
C SER B 274 -5.19 15.83 28.03
N ASN B 275 -4.03 16.22 28.57
CA ASN B 275 -3.98 17.18 29.67
C ASN B 275 -3.98 18.62 29.19
N SER B 276 -4.29 18.88 27.93
CA SER B 276 -4.28 20.23 27.39
C SER B 276 -5.65 20.86 27.48
N GLN B 277 -5.68 22.19 27.47
CA GLN B 277 -6.94 22.92 27.63
C GLN B 277 -6.91 24.20 26.82
N LEU B 278 -8.10 24.73 26.55
CA LEU B 278 -8.25 26.00 25.85
C LEU B 278 -9.18 26.88 26.67
N GLU B 279 -8.85 28.16 26.79
CA GLU B 279 -9.67 29.09 27.55
C GLU B 279 -9.89 30.37 26.74
N ARG B 280 -11.15 30.79 26.66
CA ARG B 280 -11.45 32.11 26.12
C ARG B 280 -11.01 33.18 27.13
N LEU B 281 -10.05 34.00 26.74
CA LEU B 281 -9.50 34.98 27.67
C LEU B 281 -10.49 36.08 28.01
N GLU B 282 -11.49 36.32 27.16
CA GLU B 282 -12.46 37.40 27.33
C GLU B 282 -11.74 38.74 27.42
N THR B 283 -11.09 39.12 26.32
CA THR B 283 -10.26 40.31 26.31
C THR B 283 -11.07 41.57 26.56
N ASP B 284 -12.15 41.76 25.79
CA ASP B 284 -12.94 42.99 25.84
C ASP B 284 -12.03 44.22 25.65
N ASP B 285 -11.09 44.10 24.72
CA ASP B 285 -10.07 45.11 24.47
C ASP B 285 -9.28 45.43 25.74
N SER B 286 -8.93 44.38 26.50
CA SER B 286 -8.07 44.57 27.66
C SER B 286 -6.70 45.13 27.24
N MET B 287 -6.13 44.59 26.17
CA MET B 287 -4.92 45.13 25.56
C MET B 287 -5.15 45.21 24.05
N PHE B 288 -4.76 46.34 23.46
CA PHE B 288 -4.86 46.52 22.02
C PHE B 288 -3.51 46.67 21.35
N GLU B 289 -2.45 46.99 22.12
CA GLU B 289 -1.13 47.16 21.56
C GLU B 289 -0.58 45.86 20.97
N TYR B 290 -1.18 44.72 21.31
CA TYR B 290 -0.70 43.43 20.81
C TYR B 290 -1.42 42.99 19.54
N GLU B 291 -2.67 43.44 19.34
CA GLU B 291 -3.43 42.99 18.18
C GLU B 291 -2.80 43.44 16.87
N PHE B 292 -1.93 44.45 16.89
CA PHE B 292 -1.18 44.80 15.69
C PHE B 292 -0.25 43.66 15.28
N GLN B 293 0.36 42.99 16.26
CA GLN B 293 1.28 41.90 15.95
C GLN B 293 0.56 40.73 15.30
N TYR B 294 -0.65 40.40 15.77
CA TYR B 294 -1.36 39.21 15.32
C TYR B 294 -1.90 39.38 13.91
N ASP B 295 -1.02 39.51 12.93
CA ASP B 295 -1.39 39.51 11.51
C ASP B 295 -0.59 38.44 10.81
N TYR B 296 -1.27 37.61 10.03
CA TYR B 296 -0.64 36.46 9.39
C TYR B 296 -0.32 36.80 7.94
N THR B 297 0.95 36.69 7.57
CA THR B 297 1.36 36.82 6.19
C THR B 297 1.66 35.47 5.53
N VAL B 298 2.06 34.48 6.31
CA VAL B 298 2.30 33.13 5.85
C VAL B 298 1.78 32.16 6.90
N ASN B 299 1.91 30.87 6.61
CA ASN B 299 1.52 29.82 7.53
C ASN B 299 2.68 28.84 7.64
N ILE B 300 3.00 28.44 8.88
CA ILE B 300 4.15 27.58 9.12
C ILE B 300 3.78 26.11 9.18
N SER B 301 2.51 25.76 8.96
CA SER B 301 2.10 24.37 8.89
C SER B 301 2.02 23.86 7.46
N ARG B 302 1.97 24.74 6.47
CA ARG B 302 2.01 24.37 5.07
C ARG B 302 3.16 25.09 4.37
N SER B 303 3.43 24.69 3.14
CA SER B 303 4.50 25.27 2.33
C SER B 303 3.91 26.39 1.48
N ASN B 304 4.12 27.63 1.92
CA ASN B 304 3.78 28.84 1.17
C ASN B 304 2.28 29.01 0.94
N LYS B 305 1.44 28.37 1.75
CA LYS B 305 0.00 28.47 1.59
C LYS B 305 -0.64 28.90 2.91
N ILE B 306 -1.79 29.57 2.81
CA ILE B 306 -2.52 30.02 3.99
C ILE B 306 -3.96 29.57 3.87
N ILE B 307 -4.55 29.17 5.00
CA ILE B 307 -5.96 28.82 5.04
C ILE B 307 -6.78 30.08 5.26
N GLN B 308 -7.77 30.31 4.39
CA GLN B 308 -8.65 31.46 4.55
C GLN B 308 -10.11 31.05 4.40
N LYS B 309 -10.97 31.82 5.05
CA LYS B 309 -12.41 31.58 5.04
C LYS B 309 -13.07 32.47 4.00
N HIS B 310 -13.91 31.87 3.15
CA HIS B 310 -14.75 32.61 2.23
C HIS B 310 -16.21 32.29 2.50
N ARG B 311 -17.06 33.28 2.32
CA ARG B 311 -18.50 33.10 2.43
C ARG B 311 -19.08 33.01 1.03
N VAL B 312 -19.69 31.87 0.71
CA VAL B 312 -20.21 31.65 -0.64
C VAL B 312 -21.44 32.54 -0.84
N THR B 313 -21.36 33.43 -1.82
CA THR B 313 -22.44 34.37 -2.10
C THR B 313 -23.35 33.87 -3.20
N GLY B 314 -22.79 33.55 -4.36
CA GLY B 314 -23.60 33.19 -5.51
C GLY B 314 -23.49 31.74 -5.93
N ASN B 315 -23.16 31.52 -7.20
CA ASN B 315 -23.17 30.17 -7.74
C ASN B 315 -22.08 29.31 -7.13
N PHE B 316 -22.37 28.01 -6.98
CA PHE B 316 -21.42 27.03 -6.46
C PHE B 316 -21.41 25.84 -7.41
N THR B 317 -20.58 25.93 -8.45
CA THR B 317 -20.46 24.85 -9.41
C THR B 317 -19.44 23.83 -8.89
N SER B 318 -19.80 22.55 -8.97
CA SER B 318 -18.94 21.47 -8.47
C SER B 318 -18.99 20.33 -9.47
N GLU B 319 -17.96 20.22 -10.30
CA GLU B 319 -17.90 19.19 -11.33
C GLU B 319 -16.88 18.13 -10.90
N ARG B 320 -17.33 16.89 -10.76
CA ARG B 320 -16.40 15.81 -10.53
C ARG B 320 -15.62 15.52 -11.81
N ASN B 321 -14.35 15.15 -11.64
CA ASN B 321 -13.48 14.87 -12.77
C ASN B 321 -12.60 13.70 -12.39
N ILE B 322 -12.89 12.52 -12.93
CA ILE B 322 -12.11 11.33 -12.63
C ILE B 322 -11.03 11.18 -13.71
N TYR B 323 -9.78 11.28 -13.30
CA TYR B 323 -8.65 11.23 -14.20
C TYR B 323 -7.99 9.85 -14.15
N GLN B 324 -6.85 9.71 -14.83
CA GLN B 324 -6.12 8.46 -14.80
C GLN B 324 -5.61 8.14 -13.41
N ASN B 325 -5.30 9.15 -12.62
CA ASN B 325 -4.70 8.96 -11.31
C ASN B 325 -5.52 9.54 -10.16
N SER B 326 -6.07 10.74 -10.32
CA SER B 326 -6.76 11.43 -9.25
C SER B 326 -8.26 11.50 -9.53
N ASP B 327 -9.03 11.85 -8.50
CA ASP B 327 -10.48 12.01 -8.58
C ASP B 327 -10.79 13.41 -8.06
N ARG B 328 -10.68 14.42 -8.91
CA ARG B 328 -10.82 15.78 -8.42
C ARG B 328 -12.29 16.19 -8.37
N PHE B 329 -12.54 17.23 -7.58
CA PHE B 329 -13.82 17.93 -7.50
C PHE B 329 -13.49 19.36 -7.86
N VAL B 330 -13.55 19.71 -9.14
CA VAL B 330 -13.25 21.06 -9.56
C VAL B 330 -14.44 21.95 -9.18
N ILE B 331 -14.18 22.96 -8.36
CA ILE B 331 -15.24 23.79 -7.79
C ILE B 331 -14.97 25.22 -8.18
N SER B 332 -16.03 25.93 -8.56
CA SER B 332 -15.96 27.37 -8.80
C SER B 332 -17.09 28.02 -8.04
N TYR B 333 -16.78 29.06 -7.27
CA TYR B 333 -17.82 29.73 -6.51
C TYR B 333 -17.53 31.21 -6.43
N ASP B 334 -18.48 31.94 -5.85
CA ASP B 334 -18.50 33.40 -5.86
C ASP B 334 -18.49 33.90 -4.42
N THR B 335 -17.39 34.54 -4.02
CA THR B 335 -17.33 35.20 -2.72
C THR B 335 -18.05 36.54 -2.83
N ALA B 336 -17.91 37.37 -1.79
CA ALA B 336 -18.38 38.74 -1.91
C ALA B 336 -17.48 39.59 -2.79
N ASN B 337 -16.27 39.12 -3.09
CA ASN B 337 -15.31 39.87 -3.87
C ASN B 337 -14.93 39.20 -5.19
N GLU B 338 -14.54 37.93 -5.15
CA GLU B 338 -13.82 37.33 -6.28
C GLU B 338 -14.35 35.95 -6.60
N LYS B 339 -14.30 35.60 -7.89
CA LYS B 339 -14.43 34.21 -8.31
C LYS B 339 -13.32 33.38 -7.68
N ILE B 340 -13.65 32.15 -7.30
CA ILE B 340 -12.67 31.24 -6.71
C ILE B 340 -12.77 29.90 -7.43
N LYS B 341 -11.61 29.33 -7.75
CA LYS B 341 -11.50 28.07 -8.50
C LYS B 341 -10.70 27.08 -7.67
N THR B 342 -11.39 26.35 -6.80
CA THR B 342 -10.76 25.36 -5.94
C THR B 342 -10.83 23.98 -6.58
N SER B 343 -10.20 23.00 -5.93
CA SER B 343 -10.25 21.62 -6.43
C SER B 343 -10.06 20.68 -5.25
N ILE B 344 -11.16 20.10 -4.77
CA ILE B 344 -11.08 19.08 -3.74
C ILE B 344 -10.46 17.82 -4.35
N TYR B 345 -9.79 17.02 -3.52
CA TYR B 345 -9.22 15.76 -4.00
C TYR B 345 -9.85 14.59 -3.27
N ASN B 346 -9.57 13.39 -3.77
CA ASN B 346 -10.18 12.16 -3.28
C ASN B 346 -9.18 11.01 -3.33
N ARG B 347 -9.27 10.11 -2.37
CA ARG B 347 -8.58 8.83 -2.44
C ARG B 347 -9.37 7.78 -1.67
N MET B 348 -9.02 6.53 -1.89
CA MET B 348 -9.49 5.44 -1.06
C MET B 348 -8.52 5.24 0.10
N GLU B 349 -9.01 5.46 1.32
CA GLU B 349 -8.18 5.17 2.48
C GLU B 349 -7.89 3.69 2.56
N ASN B 350 -6.78 3.34 3.22
CA ASN B 350 -6.30 1.97 3.20
C ASN B 350 -7.34 0.99 3.70
N ALA B 351 -8.09 1.38 4.73
CA ALA B 351 -9.15 0.53 5.28
C ALA B 351 -10.51 0.88 4.68
N GLU B 352 -10.57 0.82 3.35
CA GLU B 352 -11.80 1.09 2.62
C GLU B 352 -11.94 0.11 1.47
N SER B 353 -13.17 -0.02 0.98
CA SER B 353 -13.52 -0.94 -0.09
C SER B 353 -13.93 -0.18 -1.34
N LYS B 354 -13.88 -0.89 -2.48
CA LYS B 354 -14.23 -0.27 -3.76
C LYS B 354 -15.66 0.22 -3.80
N THR B 355 -16.57 -0.43 -3.06
CA THR B 355 -17.97 0.00 -3.06
C THR B 355 -18.27 1.04 -1.98
N ASP B 356 -17.68 0.90 -0.79
CA ASP B 356 -17.91 1.89 0.26
C ASP B 356 -17.35 3.25 -0.15
N TYR B 357 -16.14 3.27 -0.69
CA TYR B 357 -15.54 4.53 -1.13
C TYR B 357 -16.35 5.16 -2.24
N ASP B 358 -16.82 4.36 -3.19
CA ASP B 358 -17.60 4.91 -4.30
C ASP B 358 -18.93 5.47 -3.81
N THR B 359 -19.60 4.77 -2.90
CA THR B 359 -20.85 5.29 -2.35
C THR B 359 -20.62 6.58 -1.57
N SER B 360 -19.56 6.63 -0.77
CA SER B 360 -19.28 7.84 -0.03
C SER B 360 -19.00 9.00 -0.97
N ILE B 361 -18.26 8.74 -2.05
CA ILE B 361 -17.94 9.80 -3.00
C ILE B 361 -19.20 10.29 -3.71
N THR B 362 -20.09 9.39 -4.09
CA THR B 362 -21.28 9.85 -4.80
C THR B 362 -22.25 10.58 -3.86
N LEU B 363 -22.29 10.21 -2.58
CA LEU B 363 -23.03 11.04 -1.63
C LEU B 363 -22.41 12.42 -1.49
N LYS B 364 -21.07 12.50 -1.45
CA LYS B 364 -20.42 13.80 -1.43
C LYS B 364 -20.81 14.61 -2.66
N ASP B 365 -20.82 13.97 -3.82
CA ASP B 365 -21.12 14.69 -5.06
C ASP B 365 -22.56 15.17 -5.11
N VAL B 366 -23.51 14.35 -4.67
CA VAL B 366 -24.90 14.82 -4.67
C VAL B 366 -25.09 15.94 -3.66
N THR B 367 -24.39 15.87 -2.52
CA THR B 367 -24.49 16.96 -1.55
C THR B 367 -23.96 18.26 -2.14
N LEU B 368 -22.80 18.21 -2.78
CA LEU B 368 -22.27 19.42 -3.41
C LEU B 368 -23.18 19.92 -4.52
N SER B 369 -23.79 19.01 -5.28
CA SER B 369 -24.67 19.45 -6.35
C SER B 369 -25.90 20.17 -5.81
N GLN B 370 -26.51 19.63 -4.76
CA GLN B 370 -27.65 20.29 -4.14
C GLN B 370 -27.25 21.57 -3.41
N LEU B 371 -25.98 21.71 -3.05
CA LEU B 371 -25.55 22.86 -2.26
C LEU B 371 -25.84 24.18 -2.96
N ASN B 372 -25.67 24.23 -4.28
CA ASN B 372 -25.88 25.48 -5.00
C ASN B 372 -27.33 25.93 -4.92
N SER B 373 -28.26 25.02 -5.18
CA SER B 373 -29.67 25.37 -5.08
C SER B 373 -30.05 25.71 -3.66
N LEU B 374 -29.45 25.04 -2.67
CA LEU B 374 -29.69 25.40 -1.28
C LEU B 374 -29.24 26.83 -1.00
N ILE B 375 -28.07 27.21 -1.51
CA ILE B 375 -27.53 28.54 -1.24
C ILE B 375 -28.39 29.61 -1.90
N GLU B 376 -28.75 29.41 -3.16
CA GLU B 376 -29.43 30.48 -3.90
C GLU B 376 -30.77 30.86 -3.28
N SER B 377 -31.43 29.91 -2.60
CA SER B 377 -32.71 30.18 -1.98
C SER B 377 -32.60 30.51 -0.50
N ASN B 378 -31.38 30.77 -0.02
CA ASN B 378 -31.12 31.21 1.36
C ASN B 378 -31.60 30.21 2.40
N LEU B 379 -31.70 28.93 2.03
CA LEU B 379 -32.03 27.92 3.03
C LEU B 379 -30.87 27.68 3.98
N VAL B 380 -29.64 27.69 3.45
CA VAL B 380 -28.43 27.54 4.26
C VAL B 380 -27.42 28.57 3.79
N GLN B 381 -26.45 28.85 4.65
CA GLN B 381 -25.28 29.64 4.31
C GLN B 381 -24.05 28.74 4.39
N VAL B 382 -23.04 29.05 3.58
CA VAL B 382 -21.91 28.16 3.41
C VAL B 382 -20.62 28.93 3.63
N ASP B 383 -19.70 28.34 4.40
CA ASP B 383 -18.37 28.89 4.58
C ASP B 383 -17.35 27.86 4.10
N VAL B 384 -16.46 28.28 3.21
CA VAL B 384 -15.46 27.42 2.61
C VAL B 384 -14.10 27.88 3.11
N TYR B 385 -13.42 27.05 3.88
CA TYR B 385 -12.07 27.33 4.35
C TYR B 385 -11.12 26.61 3.41
N LEU B 386 -10.38 27.37 2.61
CA LEU B 386 -9.58 26.81 1.55
C LEU B 386 -8.11 27.14 1.75
N VAL B 387 -7.27 26.24 1.25
CA VAL B 387 -5.81 26.36 1.39
C VAL B 387 -5.34 27.13 0.17
N THR B 388 -5.43 28.44 0.24
CA THR B 388 -5.04 29.24 -0.91
C THR B 388 -3.53 29.46 -0.92
N ASP B 389 -3.01 29.72 -2.12
CA ASP B 389 -1.64 30.19 -2.29
C ASP B 389 -1.73 31.53 -3.02
N PRO B 390 -1.56 32.65 -2.32
CA PRO B 390 -1.84 33.95 -2.94
C PRO B 390 -1.00 34.24 -4.18
N ASN B 391 0.25 33.80 -4.21
CA ASN B 391 1.07 34.03 -5.39
C ASN B 391 0.62 33.16 -6.57
N ASN B 392 0.30 31.89 -6.31
CA ASN B 392 0.01 30.92 -7.34
C ASN B 392 -1.35 30.29 -7.04
N VAL B 393 -2.39 30.71 -7.78
CA VAL B 393 -3.74 30.24 -7.52
C VAL B 393 -4.01 28.95 -8.29
N LYS B 394 -2.97 28.37 -8.88
CA LYS B 394 -3.13 27.12 -9.61
C LYS B 394 -3.53 25.97 -8.68
N ASN B 395 -3.30 26.12 -7.38
CA ASN B 395 -3.64 25.10 -6.40
C ASN B 395 -4.39 25.75 -5.24
N ASN B 396 -5.66 25.37 -5.08
CA ASN B 396 -6.51 25.97 -4.06
C ASN B 396 -7.37 24.90 -3.40
N VAL B 397 -6.74 23.77 -3.03
CA VAL B 397 -7.46 22.67 -2.41
C VAL B 397 -8.30 23.17 -1.25
N ILE B 398 -9.60 22.87 -1.27
CA ILE B 398 -10.45 23.18 -0.14
C ILE B 398 -10.02 22.38 1.07
N ALA B 399 -9.81 23.07 2.20
CA ALA B 399 -9.56 22.35 3.43
C ALA B 399 -10.85 21.81 4.02
N GLY B 400 -11.89 22.63 4.07
CA GLY B 400 -13.15 22.17 4.60
C GLY B 400 -14.33 23.08 4.36
N ILE B 401 -15.51 22.50 4.15
CA ILE B 401 -16.73 23.26 3.94
C ILE B 401 -17.59 23.10 5.18
N THR B 402 -18.35 24.14 5.51
CA THR B 402 -19.28 24.07 6.62
C THR B 402 -20.56 24.81 6.25
N LYS B 403 -21.66 24.38 6.86
CA LYS B 403 -23.00 24.86 6.51
C LYS B 403 -23.71 25.34 7.76
N ILE B 404 -24.07 26.62 7.78
CA ILE B 404 -24.90 27.18 8.83
C ILE B 404 -26.34 27.18 8.32
N GLU B 405 -27.18 26.36 8.92
CA GLU B 405 -28.55 26.23 8.43
C GLU B 405 -29.46 27.30 9.03
N ILE B 406 -30.66 27.40 8.47
CA ILE B 406 -31.64 28.36 8.97
C ILE B 406 -32.08 27.99 10.38
N ASP B 407 -32.18 26.69 10.68
CA ASP B 407 -32.58 26.24 12.00
C ASP B 407 -31.64 26.77 13.07
N GLY B 408 -30.35 26.81 12.78
CA GLY B 408 -29.32 27.15 13.75
C GLY B 408 -28.30 26.05 13.97
N THR B 409 -28.66 24.80 13.68
CA THR B 409 -27.69 23.72 13.72
C THR B 409 -26.67 23.90 12.60
N TYR B 410 -25.52 23.27 12.78
CA TYR B 410 -24.41 23.38 11.84
C TYR B 410 -24.23 22.02 11.17
N GLU B 411 -24.28 22.02 9.84
CA GLU B 411 -24.06 20.80 9.08
C GLU B 411 -22.59 20.69 8.72
N PRO B 412 -21.87 19.70 9.25
CA PRO B 412 -20.42 19.66 9.06
C PRO B 412 -19.99 19.60 7.61
N LEU B 413 -20.46 18.58 6.91
CA LEU B 413 -20.03 18.29 5.54
C LEU B 413 -18.50 18.17 5.47
N LEU C 83 -41.27 24.10 6.52
CA LEU C 83 -40.43 23.55 5.46
C LEU C 83 -40.79 24.16 4.11
N ARG C 84 -40.19 25.29 3.78
CA ARG C 84 -40.47 25.94 2.52
C ARG C 84 -40.02 25.08 1.35
N THR C 85 -40.71 25.23 0.22
CA THR C 85 -40.51 24.38 -0.94
C THR C 85 -40.05 25.19 -2.14
N LEU C 86 -39.49 24.50 -3.11
CA LEU C 86 -39.00 25.06 -4.35
C LEU C 86 -39.69 24.37 -5.53
N ASN C 87 -39.78 25.09 -6.64
CA ASN C 87 -40.34 24.54 -7.87
C ASN C 87 -39.29 24.65 -8.97
N VAL C 88 -39.15 23.59 -9.77
CA VAL C 88 -38.10 23.57 -10.78
C VAL C 88 -38.54 22.71 -11.96
N LYS C 89 -38.27 23.20 -13.16
CA LYS C 89 -38.53 22.45 -14.39
C LYS C 89 -37.21 22.10 -15.05
N GLY C 90 -37.02 20.81 -15.34
CA GLY C 90 -35.77 20.39 -15.94
C GLY C 90 -35.82 18.97 -16.44
N GLN C 91 -34.90 18.67 -17.36
CA GLN C 91 -34.75 17.34 -17.91
C GLN C 91 -34.19 16.39 -16.86
N LEU C 92 -34.37 15.09 -17.08
CA LEU C 92 -33.73 14.06 -16.31
C LEU C 92 -32.71 13.34 -17.18
N LEU C 93 -31.63 12.87 -16.57
CA LEU C 93 -30.54 12.24 -17.30
C LEU C 93 -30.41 10.75 -17.00
N THR C 94 -30.28 10.38 -15.73
CA THR C 94 -30.07 8.97 -15.39
C THR C 94 -30.47 8.74 -13.94
N LYS C 95 -31.41 7.81 -13.73
CA LYS C 95 -31.75 7.39 -12.38
C LYS C 95 -30.72 6.42 -11.84
N THR C 96 -30.53 6.44 -10.53
CA THR C 96 -29.51 5.59 -9.91
C THR C 96 -29.97 5.23 -8.51
N THR C 97 -29.63 4.01 -8.07
CA THR C 97 -29.95 3.57 -6.72
C THR C 97 -28.69 3.08 -6.03
N MET C 98 -28.71 3.14 -4.70
CA MET C 98 -27.58 2.66 -3.91
C MET C 98 -28.04 2.35 -2.51
N SER C 99 -27.21 1.60 -1.79
CA SER C 99 -27.51 1.19 -0.42
C SER C 99 -26.39 1.61 0.50
N ILE C 100 -26.75 2.25 1.62
CA ILE C 100 -25.81 2.64 2.66
C ILE C 100 -26.39 2.20 3.99
N ASN C 101 -25.63 1.39 4.73
CA ASN C 101 -25.97 0.85 6.05
C ASN C 101 -27.46 0.53 6.18
N ASN C 102 -27.90 -0.40 5.32
CA ASN C 102 -29.27 -0.93 5.35
C ASN C 102 -30.31 0.17 5.12
N GLU C 103 -29.99 1.09 4.22
CA GLU C 103 -30.93 2.11 3.78
C GLU C 103 -30.73 2.34 2.30
N ASP C 104 -31.79 2.74 1.61
CA ASP C 104 -31.77 2.86 0.16
C ASP C 104 -31.88 4.33 -0.24
N TYR C 105 -30.96 4.78 -1.08
CA TYR C 105 -31.00 6.11 -1.66
C TYR C 105 -31.24 6.01 -3.15
N TYR C 106 -32.18 6.81 -3.65
CA TYR C 106 -32.50 6.87 -5.07
C TYR C 106 -32.24 8.30 -5.54
N LEU C 107 -31.32 8.44 -6.50
CA LEU C 107 -30.89 9.74 -6.99
C LEU C 107 -31.30 9.91 -8.45
N PHE C 108 -31.74 11.11 -8.77
CA PHE C 108 -32.12 11.48 -10.13
C PHE C 108 -31.27 12.67 -10.55
N LYS C 109 -30.66 12.54 -11.74
CA LYS C 109 -29.68 13.51 -12.22
C LYS C 109 -30.35 14.55 -13.11
N PHE C 110 -31.11 15.44 -12.47
CA PHE C 110 -31.91 16.40 -13.19
C PHE C 110 -31.06 17.53 -13.77
N LEU C 111 -31.30 17.85 -15.03
CA LEU C 111 -30.64 18.96 -15.71
C LEU C 111 -31.49 20.23 -15.50
N VAL C 112 -30.96 21.15 -14.70
CA VAL C 112 -31.65 22.39 -14.39
C VAL C 112 -30.80 23.55 -14.90
N ASN C 113 -31.37 24.36 -15.79
CA ASN C 113 -30.72 25.55 -16.31
C ASN C 113 -29.35 25.22 -16.90
N ASN C 114 -29.29 24.12 -17.64
CA ASN C 114 -28.04 23.63 -18.25
C ASN C 114 -26.97 23.40 -17.19
N LYS C 115 -27.37 22.84 -16.05
CA LYS C 115 -26.45 22.48 -14.99
C LYS C 115 -26.97 21.21 -14.32
N SER C 116 -26.07 20.27 -14.05
CA SER C 116 -26.47 19.01 -13.45
C SER C 116 -26.70 19.19 -11.96
N ILE C 117 -27.85 18.76 -11.47
CA ILE C 117 -28.19 18.77 -10.05
C ILE C 117 -28.86 17.44 -9.73
N ASP C 118 -28.43 16.79 -8.67
CA ASP C 118 -29.00 15.50 -8.28
C ASP C 118 -30.00 15.69 -7.16
N TYR C 119 -31.07 14.89 -7.19
CA TYR C 119 -32.13 14.98 -6.20
C TYR C 119 -32.44 13.60 -5.67
N TYR C 120 -32.99 13.55 -4.46
CA TYR C 120 -33.40 12.29 -3.85
C TYR C 120 -34.86 11.99 -4.17
N GLY C 121 -35.20 10.71 -4.18
CA GLY C 121 -36.55 10.31 -4.50
C GLY C 121 -36.91 9.00 -3.85
N THR C 122 -38.16 8.59 -4.07
CA THR C 122 -38.71 7.36 -3.50
C THR C 122 -38.78 6.28 -4.57
N GLN C 123 -39.24 5.09 -4.18
CA GLN C 123 -39.22 3.94 -5.08
C GLN C 123 -40.15 4.16 -6.27
N THR C 124 -41.35 4.68 -6.01
CA THR C 124 -42.26 5.01 -7.10
C THR C 124 -41.66 6.05 -8.03
N GLN C 125 -40.91 7.00 -7.46
CA GLN C 125 -40.16 7.92 -8.30
C GLN C 125 -39.14 7.18 -9.16
N PHE C 126 -38.50 6.15 -8.61
CA PHE C 126 -37.49 5.42 -9.35
C PHE C 126 -38.11 4.69 -10.54
N PHE C 127 -39.20 3.96 -10.32
CA PHE C 127 -39.79 3.22 -11.45
C PHE C 127 -40.54 4.14 -12.41
N SER C 128 -41.24 5.14 -11.89
CA SER C 128 -42.16 5.91 -12.74
C SER C 128 -41.42 6.75 -13.78
N LEU C 129 -40.38 7.46 -13.36
CA LEU C 129 -39.71 8.40 -14.24
C LEU C 129 -38.93 7.68 -15.34
N ILE C 130 -39.03 8.21 -16.55
CA ILE C 130 -38.30 7.68 -17.69
C ILE C 130 -37.15 8.62 -18.02
N ASN C 131 -36.15 8.10 -18.72
CA ASN C 131 -34.96 8.87 -19.03
C ASN C 131 -35.21 9.87 -20.16
N ASN C 132 -34.45 10.95 -20.14
CA ASN C 132 -34.39 11.99 -21.17
C ASN C 132 -35.67 12.80 -21.29
N LYS C 133 -36.68 12.53 -20.47
CA LYS C 133 -37.96 13.25 -20.53
C LYS C 133 -38.02 14.27 -19.42
N THR C 134 -38.32 15.52 -19.78
CA THR C 134 -38.32 16.62 -18.82
C THR C 134 -39.43 16.44 -17.79
N TYR C 135 -39.36 17.25 -16.73
CA TYR C 135 -40.34 17.19 -15.65
C TYR C 135 -40.44 18.54 -14.97
N GLU C 136 -41.51 18.70 -14.20
CA GLU C 136 -41.66 19.79 -13.24
C GLU C 136 -41.71 19.17 -11.86
N LEU C 137 -41.02 19.77 -10.90
CA LEU C 137 -40.84 19.14 -9.59
C LEU C 137 -41.05 20.16 -8.49
N VAL C 138 -41.57 19.67 -7.37
CA VAL C 138 -41.61 20.41 -6.12
C VAL C 138 -40.67 19.72 -5.13
N LEU C 139 -39.79 20.51 -4.53
CA LEU C 139 -38.73 20.01 -3.66
C LEU C 139 -38.89 20.60 -2.27
N GLN C 140 -38.73 19.77 -1.25
CA GLN C 140 -38.86 20.24 0.13
C GLN C 140 -37.68 19.74 0.94
N TYR C 141 -37.02 20.67 1.63
CA TYR C 141 -35.77 20.41 2.35
C TYR C 141 -36.08 19.71 3.67
N SER C 142 -36.21 18.39 3.61
CA SER C 142 -36.52 17.57 4.77
C SER C 142 -35.40 16.58 5.02
N ARG C 143 -35.10 16.36 6.30
CA ARG C 143 -34.09 15.40 6.73
C ARG C 143 -32.74 15.66 6.07
N LYS C 144 -32.28 16.91 6.17
CA LYS C 144 -30.98 17.41 5.78
C LYS C 144 -30.83 17.54 4.27
N LYS C 145 -31.80 17.08 3.48
CA LYS C 145 -31.59 16.86 2.05
C LYS C 145 -32.75 17.44 1.25
N LEU C 146 -32.41 17.96 0.06
CA LEU C 146 -33.43 18.22 -0.94
C LEU C 146 -33.89 16.92 -1.56
N LEU C 147 -35.19 16.80 -1.80
CA LEU C 147 -35.70 15.58 -2.44
C LEU C 147 -37.03 15.89 -3.11
N ILE C 148 -37.46 14.97 -3.96
CA ILE C 148 -38.64 15.15 -4.79
C ILE C 148 -39.88 14.83 -3.97
N LYS C 149 -40.80 15.79 -3.88
CA LYS C 149 -42.09 15.56 -3.24
C LYS C 149 -43.16 15.19 -4.25
N SER C 150 -43.23 15.89 -5.37
CA SER C 150 -44.19 15.59 -6.41
C SER C 150 -43.66 16.09 -7.75
N TYR C 151 -44.11 15.45 -8.82
CA TYR C 151 -43.65 15.75 -10.17
C TYR C 151 -44.83 15.80 -11.12
N GLU C 152 -44.66 16.57 -12.19
CA GLU C 152 -45.66 16.71 -13.25
C GLU C 152 -44.96 16.59 -14.59
N GLN C 153 -45.47 15.72 -15.45
CA GLN C 153 -44.89 15.53 -16.77
C GLN C 153 -44.97 16.81 -17.59
N CYS C 154 -43.87 17.16 -18.24
CA CYS C 154 -43.84 18.34 -19.10
C CYS C 154 -43.24 18.00 -20.46
N GLU C 155 -43.02 19.01 -21.30
CA GLU C 155 -42.43 18.81 -22.62
C GLU C 155 -41.41 19.90 -22.90
N ASP C 156 -40.44 19.58 -23.75
CA ASP C 156 -39.39 20.53 -24.12
C ASP C 156 -39.90 21.51 -25.18
N MET C 161 -32.30 18.37 -31.20
CA MET C 161 -31.80 19.64 -30.70
C MET C 161 -30.71 20.19 -31.63
N THR C 162 -30.56 21.51 -31.64
CA THR C 162 -29.60 22.15 -32.52
C THR C 162 -28.18 21.82 -32.08
N VAL C 163 -27.41 21.19 -32.96
CA VAL C 163 -26.03 20.80 -32.69
C VAL C 163 -25.13 21.42 -33.74
N CYS C 164 -24.07 22.07 -33.30
CA CYS C 164 -23.12 22.67 -34.23
C CYS C 164 -22.43 21.59 -35.05
N LYS C 165 -22.25 21.88 -36.34
CA LYS C 165 -21.56 20.96 -37.24
C LYS C 165 -20.07 21.25 -37.32
N SER C 166 -19.59 22.29 -36.63
CA SER C 166 -18.19 22.65 -36.67
C SER C 166 -17.81 23.33 -35.37
N VAL C 167 -16.49 23.42 -35.14
CA VAL C 167 -15.95 24.11 -33.98
C VAL C 167 -14.85 25.05 -34.47
N THR C 168 -14.75 26.21 -33.82
CA THR C 168 -13.73 27.19 -34.15
C THR C 168 -12.52 27.00 -33.25
N PHE C 169 -11.35 27.29 -33.82
CA PHE C 169 -10.11 27.27 -33.04
C PHE C 169 -10.24 28.12 -31.78
N GLN C 170 -10.87 29.29 -31.90
CA GLN C 170 -11.07 30.15 -30.75
C GLN C 170 -11.99 29.52 -29.71
N GLU C 171 -12.94 28.69 -30.16
CA GLU C 171 -13.80 28.00 -29.20
C GLU C 171 -13.02 26.98 -28.39
N PHE C 172 -12.10 26.25 -29.03
CA PHE C 172 -11.21 25.37 -28.28
C PHE C 172 -10.34 26.17 -27.33
N CYS C 173 -9.87 27.34 -27.77
CA CYS C 173 -9.06 28.19 -26.90
C CYS C 173 -9.85 28.64 -25.67
N ALA C 174 -11.13 28.98 -25.86
CA ALA C 174 -11.96 29.53 -24.80
C ALA C 174 -12.53 28.47 -23.86
N ASN C 175 -12.39 27.19 -24.20
CA ASN C 175 -12.81 26.08 -23.33
C ASN C 175 -14.32 26.14 -23.06
N GLU C 176 -15.10 26.38 -24.11
CA GLU C 176 -16.53 26.57 -24.00
C GLU C 176 -17.26 25.25 -24.26
N ILE C 177 -18.19 24.90 -23.36
CA ILE C 177 -19.01 23.72 -23.57
C ILE C 177 -19.80 23.87 -24.87
N LYS C 178 -20.03 22.75 -25.54
CA LYS C 178 -20.61 22.81 -26.88
C LYS C 178 -21.24 21.47 -27.23
N SER C 179 -22.13 21.49 -28.22
CA SER C 179 -22.63 20.28 -28.84
C SER C 179 -21.95 20.09 -30.20
N LEU C 180 -22.05 18.89 -30.73
CA LEU C 180 -21.35 18.58 -31.98
C LEU C 180 -22.04 17.44 -32.71
N LEU C 181 -21.79 17.39 -34.01
CA LEU C 181 -22.05 16.22 -34.84
C LEU C 181 -20.71 15.65 -35.25
N ALA C 182 -20.38 14.46 -34.75
CA ALA C 182 -19.06 13.90 -34.93
C ALA C 182 -19.17 12.47 -35.40
N LYS C 183 -18.02 11.88 -35.73
CA LYS C 183 -17.93 10.52 -36.24
C LYS C 183 -17.22 9.65 -35.21
N PHE C 184 -17.88 8.57 -34.78
CA PHE C 184 -17.32 7.69 -33.77
C PHE C 184 -16.48 6.63 -34.45
N LEU C 185 -15.15 6.78 -34.38
CA LEU C 185 -14.29 5.81 -35.03
C LEU C 185 -14.25 4.49 -34.26
N TYR C 186 -13.76 4.53 -33.02
CA TYR C 186 -13.56 3.36 -32.20
C TYR C 186 -13.10 3.74 -30.79
N GLY C 187 -13.38 2.90 -29.81
CA GLY C 187 -13.04 3.22 -28.43
C GLY C 187 -12.43 2.06 -27.67
N PHE C 188 -11.38 2.34 -26.90
CA PHE C 188 -10.62 1.31 -26.21
C PHE C 188 -10.40 1.72 -24.77
N LYS C 189 -10.25 0.71 -23.90
CA LYS C 189 -9.87 0.96 -22.52
C LYS C 189 -8.37 1.19 -22.47
N ILE C 190 -7.95 2.37 -22.02
CA ILE C 190 -6.54 2.73 -21.99
C ILE C 190 -5.75 1.63 -21.31
N TYR C 191 -4.69 1.17 -21.98
CA TYR C 191 -3.94 0.01 -21.51
C TYR C 191 -3.35 0.27 -20.13
N GLY C 192 -3.49 -0.72 -19.25
CA GLY C 192 -2.95 -0.60 -17.91
C GLY C 192 -3.56 0.53 -17.12
N SER C 193 -4.88 0.69 -17.21
CA SER C 193 -5.60 1.71 -16.47
C SER C 193 -6.93 1.12 -16.04
N SER C 194 -7.29 1.34 -14.78
CA SER C 194 -8.42 0.63 -14.20
C SER C 194 -9.73 0.94 -14.92
N ASN C 195 -10.03 2.22 -15.12
CA ASN C 195 -11.35 2.58 -15.64
C ASN C 195 -11.40 3.69 -16.68
N VAL C 196 -10.29 4.32 -17.05
CA VAL C 196 -10.34 5.53 -17.86
C VAL C 196 -10.36 5.12 -19.33
N TYR C 197 -11.56 4.84 -19.82
CA TYR C 197 -11.74 4.53 -21.23
C TYR C 197 -11.48 5.78 -22.08
N LYS C 198 -11.40 5.57 -23.39
CA LYS C 198 -11.06 6.63 -24.33
C LYS C 198 -11.72 6.35 -25.66
N LEU C 199 -12.55 7.27 -26.13
CA LEU C 199 -13.16 7.18 -27.44
C LEU C 199 -12.43 8.09 -28.43
N VAL C 200 -12.56 7.77 -29.71
CA VAL C 200 -11.92 8.51 -30.78
C VAL C 200 -13.01 9.09 -31.69
N PHE C 201 -12.98 10.40 -31.90
CA PHE C 201 -14.00 11.10 -32.64
C PHE C 201 -13.38 11.91 -33.77
N VAL C 202 -14.08 11.96 -34.89
CA VAL C 202 -13.72 12.83 -36.01
C VAL C 202 -14.66 14.02 -35.97
N ILE C 203 -14.09 15.22 -35.86
CA ILE C 203 -14.88 16.44 -35.78
C ILE C 203 -14.38 17.42 -36.83
N LEU C 204 -15.26 18.31 -37.27
CA LEU C 204 -14.91 19.31 -38.27
C LEU C 204 -14.38 20.54 -37.53
N LEU C 205 -13.06 20.72 -37.58
CA LEU C 205 -12.42 21.88 -36.99
C LEU C 205 -12.32 22.99 -38.03
N GLU C 206 -12.65 24.21 -37.61
CA GLU C 206 -12.49 25.41 -38.43
C GLU C 206 -11.26 26.16 -37.95
N ASP C 207 -10.28 26.32 -38.84
CA ASP C 207 -9.01 26.92 -38.48
C ASP C 207 -9.16 28.43 -38.35
N ASN C 208 -8.04 29.12 -38.13
CA ASN C 208 -8.08 30.58 -38.09
C ASN C 208 -8.41 31.17 -39.45
N ASN C 209 -8.01 30.49 -40.53
CA ASN C 209 -8.37 30.95 -41.87
C ASN C 209 -9.87 30.91 -42.08
N GLY C 210 -10.53 29.85 -41.64
CA GLY C 210 -11.97 29.72 -41.75
C GLY C 210 -12.46 28.48 -42.47
N THR C 211 -11.58 27.59 -42.94
CA THR C 211 -12.02 26.37 -43.59
C THR C 211 -12.21 25.26 -42.56
N ILE C 212 -13.16 24.37 -42.85
CA ILE C 212 -13.53 23.28 -41.96
C ILE C 212 -12.98 21.98 -42.53
N ASN C 213 -12.20 21.27 -41.72
CA ASN C 213 -11.66 19.98 -42.12
C ASN C 213 -11.82 18.98 -40.99
N GLY C 214 -11.90 17.70 -41.36
CA GLY C 214 -12.09 16.65 -40.37
C GLY C 214 -10.81 16.24 -39.69
N VAL C 215 -10.77 16.34 -38.36
CA VAL C 215 -9.61 15.96 -37.57
C VAL C 215 -10.05 14.99 -36.49
N GLN C 216 -9.06 14.46 -35.77
CA GLN C 216 -9.26 13.46 -34.72
C GLN C 216 -9.14 14.09 -33.35
N VAL C 217 -9.97 13.62 -32.42
CA VAL C 217 -9.95 14.03 -31.04
C VAL C 217 -10.17 12.81 -30.15
N GLU C 218 -9.72 12.91 -28.91
CA GLU C 218 -9.68 11.78 -27.98
C GLU C 218 -10.48 12.13 -26.74
N MET C 219 -11.68 11.60 -26.64
CA MET C 219 -12.56 11.83 -25.50
C MET C 219 -12.27 10.78 -24.43
N MET C 220 -11.45 11.11 -23.44
CA MET C 220 -11.36 10.21 -22.30
C MET C 220 -12.60 10.31 -21.44
N SER C 221 -12.78 9.31 -20.60
CA SER C 221 -13.91 9.27 -19.68
C SER C 221 -13.74 8.11 -18.73
N ASP C 222 -14.19 8.28 -17.49
CA ASP C 222 -14.23 7.15 -16.60
C ASP C 222 -15.39 6.25 -17.02
N PHE C 223 -15.42 5.04 -16.47
CA PHE C 223 -16.40 4.05 -16.90
C PHE C 223 -17.83 4.51 -16.61
N LYS C 224 -18.10 4.92 -15.36
CA LYS C 224 -19.48 5.23 -14.99
C LYS C 224 -20.03 6.44 -15.74
N ARG C 225 -19.20 7.45 -15.99
CA ARG C 225 -19.67 8.58 -16.79
C ARG C 225 -20.06 8.15 -18.19
N LEU C 226 -19.26 7.25 -18.78
CA LEU C 226 -19.59 6.71 -20.09
C LEU C 226 -20.90 5.93 -20.05
N SER C 227 -21.05 5.09 -19.04
CA SER C 227 -22.25 4.25 -18.95
C SER C 227 -23.50 5.11 -18.79
N GLY C 228 -23.43 6.14 -17.95
CA GLY C 228 -24.57 7.03 -17.79
C GLY C 228 -24.71 8.09 -18.85
N ALA C 229 -23.75 8.20 -19.76
CA ALA C 229 -23.79 9.25 -20.76
C ALA C 229 -24.38 8.79 -22.09
N PHE C 230 -24.29 7.50 -22.41
CA PHE C 230 -24.88 7.02 -23.65
C PHE C 230 -26.40 7.08 -23.57
N LYS C 231 -27.02 7.60 -24.62
CA LYS C 231 -28.47 7.71 -24.71
C LYS C 231 -29.02 6.54 -25.49
N ASN C 232 -30.25 6.15 -25.16
CA ASN C 232 -30.97 5.04 -25.79
C ASN C 232 -30.23 3.72 -25.60
N HIS C 233 -29.37 3.62 -24.61
CA HIS C 233 -28.65 2.39 -24.30
C HIS C 233 -28.67 2.16 -22.80
N VAL C 234 -28.55 0.89 -22.42
CA VAL C 234 -28.49 0.49 -21.03
C VAL C 234 -27.18 -0.24 -20.82
N ILE C 235 -26.37 0.23 -19.86
CA ILE C 235 -25.03 -0.29 -19.63
C ILE C 235 -24.87 -0.60 -18.15
N GLU C 236 -24.45 -1.83 -17.84
CA GLU C 236 -24.17 -2.22 -16.47
C GLU C 236 -22.74 -2.67 -16.23
N ASN C 237 -22.06 -3.22 -17.23
CA ASN C 237 -20.70 -3.73 -17.05
C ASN C 237 -19.90 -3.42 -18.30
N GLU C 238 -18.59 -3.70 -18.21
CA GLU C 238 -17.67 -3.37 -19.29
C GLU C 238 -18.07 -4.04 -20.60
N ASN C 239 -18.63 -5.26 -20.53
CA ASN C 239 -19.05 -5.94 -21.74
C ASN C 239 -20.14 -5.15 -22.46
N ASP C 240 -21.08 -4.58 -21.72
CA ASP C 240 -22.11 -3.76 -22.34
C ASP C 240 -21.51 -2.53 -22.99
N LEU C 241 -20.53 -1.90 -22.32
CA LEU C 241 -19.90 -0.71 -22.90
C LEU C 241 -19.19 -1.05 -24.20
N PHE C 242 -18.43 -2.15 -24.20
CA PHE C 242 -17.74 -2.55 -25.42
C PHE C 242 -18.72 -2.92 -26.52
N ASP C 243 -19.86 -3.53 -26.16
CA ASP C 243 -20.88 -3.82 -27.15
C ASP C 243 -21.42 -2.54 -27.76
N CYS C 244 -21.77 -1.56 -26.91
CA CYS C 244 -22.28 -0.30 -27.42
C CYS C 244 -21.25 0.42 -28.28
N MET C 245 -19.96 0.19 -28.01
CA MET C 245 -18.93 0.77 -28.87
C MET C 245 -18.88 0.06 -30.21
N TYR C 246 -18.61 -1.24 -30.20
CA TYR C 246 -18.35 -1.97 -31.44
C TYR C 246 -19.56 -1.99 -32.35
N LYS C 247 -20.76 -2.18 -31.78
CA LYS C 247 -21.97 -2.14 -32.58
C LYS C 247 -22.19 -0.78 -33.23
N SER C 248 -21.56 0.27 -32.70
CA SER C 248 -21.74 1.62 -33.21
C SER C 248 -20.52 2.15 -33.95
N GLU C 249 -19.58 1.28 -34.31
CA GLU C 249 -18.38 1.73 -35.00
C GLU C 249 -18.75 2.37 -36.33
N GLU C 250 -18.07 3.48 -36.64
CA GLU C 250 -18.22 4.27 -37.85
C GLU C 250 -19.54 5.02 -37.93
N LYS C 251 -20.44 4.84 -36.96
CA LYS C 251 -21.70 5.54 -36.94
C LYS C 251 -21.51 6.99 -36.51
N TYR C 252 -22.49 7.82 -36.82
CA TYR C 252 -22.41 9.25 -36.57
C TYR C 252 -23.10 9.59 -35.26
N PHE C 253 -22.38 10.31 -34.39
CA PHE C 253 -22.83 10.60 -33.04
C PHE C 253 -23.20 12.08 -32.90
N ASN C 254 -24.29 12.33 -32.19
CA ASN C 254 -24.63 13.66 -31.73
C ASN C 254 -24.18 13.79 -30.28
N LEU C 255 -23.28 14.73 -30.03
CA LEU C 255 -22.67 14.91 -28.72
C LEU C 255 -23.28 16.15 -28.07
N TYR C 256 -23.87 15.98 -26.90
CA TYR C 256 -24.51 17.08 -26.18
C TYR C 256 -23.62 17.51 -25.02
N ARG C 257 -23.24 18.79 -25.03
CA ARG C 257 -22.55 19.42 -23.91
C ARG C 257 -21.21 18.75 -23.60
N ILE C 258 -20.45 18.43 -24.65
CA ILE C 258 -19.12 17.89 -24.47
C ILE C 258 -18.16 19.06 -24.24
N LYS C 259 -17.55 19.09 -23.06
CA LYS C 259 -16.66 20.20 -22.71
C LYS C 259 -15.38 20.08 -23.51
N CYS C 260 -15.22 20.94 -24.51
CA CYS C 260 -13.96 21.02 -25.22
C CYS C 260 -12.89 21.63 -24.32
N ASN C 261 -11.65 21.20 -24.48
CA ASN C 261 -10.58 21.77 -23.67
C ASN C 261 -9.28 21.77 -24.45
N HIS C 262 -8.36 22.62 -24.01
CA HIS C 262 -7.11 22.88 -24.69
C HIS C 262 -5.98 22.79 -23.67
N ASN C 263 -5.09 21.82 -23.85
CA ASN C 263 -4.04 21.55 -22.89
C ASN C 263 -2.99 22.67 -22.90
N ALA C 264 -1.93 22.49 -22.11
CA ALA C 264 -0.90 23.51 -22.01
C ALA C 264 -0.27 23.79 -23.36
N ASN C 265 0.07 22.75 -24.11
CA ASN C 265 0.60 22.91 -25.46
C ASN C 265 -0.59 22.89 -26.43
N ASN C 266 -0.31 22.73 -27.72
CA ASN C 266 -1.39 22.80 -28.69
C ASN C 266 -2.13 21.47 -28.80
N TYR C 267 -2.56 20.93 -27.66
CA TYR C 267 -3.32 19.67 -27.63
C TYR C 267 -4.77 19.99 -27.31
N LYS C 268 -5.67 19.57 -28.20
CA LYS C 268 -7.09 19.87 -28.09
C LYS C 268 -7.85 18.57 -27.92
N SER C 269 -8.76 18.52 -26.96
CA SER C 269 -9.46 17.27 -26.71
C SER C 269 -10.83 17.55 -26.10
N LEU C 270 -11.77 16.68 -26.41
CA LEU C 270 -13.08 16.75 -25.78
C LEU C 270 -13.01 16.17 -24.37
N SER C 271 -14.08 16.36 -23.61
CA SER C 271 -14.22 15.73 -22.32
C SER C 271 -15.71 15.60 -22.02
N LEU C 272 -16.05 14.59 -21.25
CA LEU C 272 -17.43 14.16 -21.07
C LEU C 272 -17.87 14.57 -19.67
N SER C 273 -18.65 15.65 -19.59
CA SER C 273 -19.10 16.21 -18.32
C SER C 273 -20.35 15.48 -17.83
N SER C 274 -20.73 15.77 -16.59
CA SER C 274 -21.83 15.06 -15.95
C SER C 274 -23.13 15.26 -16.73
N ASN C 275 -23.40 16.48 -17.16
CA ASN C 275 -24.60 16.79 -17.91
C ASN C 275 -24.46 16.54 -19.40
N SER C 276 -23.42 15.84 -19.84
CA SER C 276 -23.19 15.58 -21.25
C SER C 276 -23.79 14.24 -21.66
N GLN C 277 -24.06 14.11 -22.95
CA GLN C 277 -24.72 12.91 -23.46
C GLN C 277 -24.22 12.59 -24.86
N LEU C 278 -24.39 11.34 -25.25
CA LEU C 278 -24.06 10.89 -26.59
C LEU C 278 -25.26 10.17 -27.18
N GLU C 279 -25.55 10.42 -28.45
CA GLU C 279 -26.69 9.79 -29.11
C GLU C 279 -26.26 9.24 -30.46
N ARG C 280 -26.61 7.98 -30.72
CA ARG C 280 -26.47 7.43 -32.07
C ARG C 280 -27.52 8.06 -32.98
N LEU C 281 -27.06 8.80 -33.99
CA LEU C 281 -27.99 9.52 -34.86
C LEU C 281 -28.80 8.58 -35.73
N GLU C 282 -28.32 7.37 -35.97
CA GLU C 282 -28.98 6.41 -36.87
C GLU C 282 -29.15 7.02 -38.26
N THR C 283 -28.02 7.27 -38.91
CA THR C 283 -28.03 7.97 -40.19
C THR C 283 -28.75 7.17 -41.26
N ASP C 284 -28.37 5.90 -41.44
CA ASP C 284 -28.89 5.07 -42.52
C ASP C 284 -28.73 5.77 -43.87
N ASP C 285 -27.57 6.41 -44.04
CA ASP C 285 -27.26 7.22 -45.22
C ASP C 285 -28.30 8.32 -45.41
N SER C 286 -28.70 8.97 -44.31
CA SER C 286 -29.59 10.12 -44.41
C SER C 286 -28.94 11.24 -45.20
N MET C 287 -27.66 11.50 -44.94
CA MET C 287 -26.87 12.43 -45.74
C MET C 287 -25.54 11.76 -46.06
N PHE C 288 -25.11 11.86 -47.32
CA PHE C 288 -23.82 11.33 -47.74
C PHE C 288 -22.85 12.41 -48.20
N GLU C 289 -23.35 13.60 -48.51
CA GLU C 289 -22.50 14.70 -48.95
C GLU C 289 -21.53 15.15 -47.87
N TYR C 290 -21.77 14.78 -46.62
CA TYR C 290 -20.90 15.18 -45.52
C TYR C 290 -19.81 14.16 -45.21
N GLU C 291 -20.06 12.87 -45.50
CA GLU C 291 -19.09 11.84 -45.18
C GLU C 291 -17.77 12.01 -45.93
N PHE C 292 -17.77 12.76 -47.03
CA PHE C 292 -16.51 13.10 -47.69
C PHE C 292 -15.63 13.95 -46.78
N GLN C 293 -16.23 14.87 -46.04
CA GLN C 293 -15.47 15.74 -45.15
C GLN C 293 -14.82 14.95 -44.02
N TYR C 294 -15.52 13.97 -43.47
CA TYR C 294 -15.03 13.27 -42.28
C TYR C 294 -13.91 12.31 -42.62
N ASP C 295 -12.76 12.85 -43.04
CA ASP C 295 -11.55 12.08 -43.25
C ASP C 295 -10.43 12.72 -42.44
N TYR C 296 -9.72 11.90 -41.67
CA TYR C 296 -8.71 12.40 -40.75
C TYR C 296 -7.33 12.25 -41.38
N THR C 297 -6.61 13.35 -41.51
CA THR C 297 -5.22 13.33 -41.94
C THR C 297 -4.24 13.53 -40.80
N VAL C 298 -4.66 14.22 -39.73
CA VAL C 298 -3.87 14.41 -38.54
C VAL C 298 -4.80 14.30 -37.33
N ASN C 299 -4.23 14.45 -36.14
CA ASN C 299 -4.98 14.43 -34.90
C ASN C 299 -4.56 15.65 -34.09
N ILE C 300 -5.54 16.36 -33.53
CA ILE C 300 -5.27 17.59 -32.81
C ILE C 300 -5.12 17.37 -31.31
N SER C 301 -5.20 16.12 -30.84
CA SER C 301 -4.95 15.82 -29.44
C SER C 301 -3.52 15.37 -29.17
N ARG C 302 -2.79 14.96 -30.21
CA ARG C 302 -1.39 14.61 -30.10
C ARG C 302 -0.57 15.43 -31.09
N SER C 303 0.75 15.35 -30.95
CA SER C 303 1.67 16.09 -31.81
C SER C 303 2.08 15.19 -32.97
N ASN C 304 1.46 15.42 -34.12
CA ASN C 304 1.82 14.77 -35.39
C ASN C 304 1.59 13.27 -35.39
N LYS C 305 0.73 12.76 -34.52
CA LYS C 305 0.46 11.33 -34.43
C LYS C 305 -1.03 11.08 -34.54
N ILE C 306 -1.40 9.91 -35.05
CA ILE C 306 -2.80 9.53 -35.18
C ILE C 306 -3.00 8.15 -34.56
N ILE C 307 -4.13 7.96 -33.90
CA ILE C 307 -4.49 6.66 -33.34
C ILE C 307 -5.18 5.83 -34.42
N GLN C 308 -4.69 4.62 -34.66
CA GLN C 308 -5.32 3.74 -35.64
C GLN C 308 -5.50 2.35 -35.06
N LYS C 309 -6.51 1.65 -35.58
CA LYS C 309 -6.84 0.30 -35.15
C LYS C 309 -6.24 -0.72 -36.11
N HIS C 310 -5.54 -1.71 -35.57
CA HIS C 310 -5.06 -2.84 -36.33
C HIS C 310 -5.66 -4.12 -35.77
N ARG C 311 -5.92 -5.07 -36.65
CA ARG C 311 -6.39 -6.40 -36.26
C ARG C 311 -5.21 -7.36 -36.34
N VAL C 312 -4.84 -7.94 -35.20
CA VAL C 312 -3.68 -8.82 -35.16
C VAL C 312 -4.02 -10.11 -35.89
N THR C 313 -3.26 -10.40 -36.94
CA THR C 313 -3.49 -11.59 -37.76
C THR C 313 -2.60 -12.75 -37.34
N GLY C 314 -1.29 -12.53 -37.32
CA GLY C 314 -0.35 -13.61 -37.06
C GLY C 314 0.37 -13.52 -35.73
N ASN C 315 1.70 -13.56 -35.78
CA ASN C 315 2.49 -13.62 -34.57
C ASN C 315 2.39 -12.32 -33.77
N PHE C 316 2.44 -12.46 -32.45
CA PHE C 316 2.41 -11.33 -31.52
C PHE C 316 3.58 -11.50 -30.53
N THR C 317 4.75 -11.03 -30.92
CA THR C 317 5.92 -11.10 -30.05
C THR C 317 5.92 -9.91 -29.10
N SER C 318 6.16 -10.16 -27.82
CA SER C 318 6.15 -9.11 -26.80
C SER C 318 7.31 -9.37 -25.85
N GLU C 319 8.41 -8.63 -26.04
CA GLU C 319 9.60 -8.79 -25.23
C GLU C 319 9.70 -7.62 -24.27
N ARG C 320 9.71 -7.90 -22.97
CA ARG C 320 9.97 -6.86 -21.99
C ARG C 320 11.44 -6.47 -22.05
N ASN C 321 11.71 -5.19 -21.84
CA ASN C 321 13.07 -4.67 -21.88
C ASN C 321 13.21 -3.62 -20.79
N ILE C 322 13.88 -3.97 -19.70
CA ILE C 322 14.07 -3.04 -18.59
C ILE C 322 15.40 -2.33 -18.80
N TYR C 323 15.35 -1.02 -18.98
CA TYR C 323 16.52 -0.21 -19.25
C TYR C 323 16.93 0.54 -17.99
N GLN C 324 17.92 1.43 -18.14
CA GLN C 324 18.35 2.23 -17.00
C GLN C 324 17.26 3.16 -16.51
N ASN C 325 16.39 3.62 -17.40
CA ASN C 325 15.35 4.59 -17.07
C ASN C 325 13.94 4.10 -17.32
N SER C 326 13.68 3.43 -18.43
CA SER C 326 12.34 3.04 -18.84
C SER C 326 12.18 1.52 -18.74
N ASP C 327 10.92 1.08 -18.79
CA ASP C 327 10.57 -0.34 -18.77
C ASP C 327 9.69 -0.60 -19.99
N ARG C 328 10.33 -0.82 -21.14
CA ARG C 328 9.53 -0.93 -22.35
C ARG C 328 8.99 -2.34 -22.55
N PHE C 329 7.97 -2.43 -23.38
CA PHE C 329 7.39 -3.67 -23.88
C PHE C 329 7.52 -3.58 -25.39
N VAL C 330 8.64 -4.05 -25.93
CA VAL C 330 8.82 -3.99 -27.37
C VAL C 330 7.97 -5.08 -28.02
N ILE C 331 7.05 -4.67 -28.88
CA ILE C 331 6.06 -5.58 -29.44
C ILE C 331 6.19 -5.56 -30.95
N SER C 332 6.11 -6.73 -31.57
CA SER C 332 6.05 -6.84 -33.01
C SER C 332 4.89 -7.75 -33.36
N TYR C 333 4.04 -7.31 -34.28
CA TYR C 333 2.89 -8.13 -34.65
C TYR C 333 2.59 -7.95 -36.13
N ASP C 334 1.62 -8.74 -36.60
CA ASP C 334 1.33 -8.87 -38.02
C ASP C 334 -0.13 -8.47 -38.25
N THR C 335 -0.33 -7.37 -38.96
CA THR C 335 -1.66 -6.97 -39.38
C THR C 335 -2.05 -7.79 -40.61
N ALA C 336 -3.16 -7.42 -41.25
CA ALA C 336 -3.46 -8.01 -42.54
C ALA C 336 -2.57 -7.49 -43.65
N ASN C 337 -1.86 -6.38 -43.41
CA ASN C 337 -1.01 -5.75 -44.42
C ASN C 337 0.46 -5.75 -44.04
N GLU C 338 0.82 -5.26 -42.86
CA GLU C 338 2.18 -4.87 -42.58
C GLU C 338 2.64 -5.36 -41.21
N LYS C 339 3.93 -5.65 -41.11
CA LYS C 339 4.59 -5.79 -39.82
C LYS C 339 4.47 -4.49 -39.04
N ILE C 340 4.27 -4.59 -37.73
CA ILE C 340 4.18 -3.41 -36.87
C ILE C 340 5.11 -3.60 -35.68
N LYS C 341 5.86 -2.56 -35.34
CA LYS C 341 6.85 -2.57 -34.26
C LYS C 341 6.49 -1.49 -33.25
N THR C 342 5.64 -1.83 -32.29
CA THR C 342 5.22 -0.90 -31.26
C THR C 342 6.09 -1.04 -30.03
N SER C 343 5.85 -0.17 -29.04
CA SER C 343 6.60 -0.25 -27.79
C SER C 343 5.74 0.35 -26.67
N ILE C 344 5.11 -0.51 -25.88
CA ILE C 344 4.39 -0.03 -24.71
C ILE C 344 5.37 0.47 -23.67
N TYR C 345 4.96 1.41 -22.84
CA TYR C 345 5.83 1.91 -21.78
C TYR C 345 5.22 1.63 -20.42
N ASN C 346 6.02 1.85 -19.37
CA ASN C 346 5.65 1.51 -18.01
C ASN C 346 6.21 2.53 -17.05
N ARG C 347 5.47 2.81 -15.97
CA ARG C 347 5.99 3.54 -14.83
C ARG C 347 5.27 3.09 -13.57
N MET C 348 5.84 3.47 -12.43
CA MET C 348 5.15 3.36 -11.15
C MET C 348 4.37 4.63 -10.90
N GLU C 349 3.06 4.52 -10.82
CA GLU C 349 2.25 5.67 -10.46
C GLU C 349 2.58 6.09 -9.03
N ASN C 350 2.32 7.37 -8.73
CA ASN C 350 2.77 7.94 -7.46
C ASN C 350 2.20 7.18 -6.27
N ALA C 351 0.95 6.73 -6.36
CA ALA C 351 0.33 5.95 -5.29
C ALA C 351 0.45 4.45 -5.56
N GLU C 352 1.69 4.01 -5.73
CA GLU C 352 1.98 2.59 -5.95
C GLU C 352 3.23 2.20 -5.19
N SER C 353 3.38 0.89 -4.97
CA SER C 353 4.48 0.32 -4.21
C SER C 353 5.38 -0.50 -5.11
N LYS C 354 6.61 -0.74 -4.65
CA LYS C 354 7.58 -1.49 -5.43
C LYS C 354 7.13 -2.91 -5.70
N THR C 355 6.32 -3.51 -4.83
CA THR C 355 5.83 -4.87 -5.05
C THR C 355 4.53 -4.92 -5.82
N ASP C 356 3.60 -3.99 -5.56
CA ASP C 356 2.35 -3.98 -6.32
C ASP C 356 2.60 -3.67 -7.79
N TYR C 357 3.45 -2.69 -8.07
CA TYR C 357 3.75 -2.35 -9.45
C TYR C 357 4.44 -3.51 -10.16
N ASP C 358 5.37 -4.17 -9.49
CA ASP C 358 6.08 -5.29 -10.10
C ASP C 358 5.14 -6.45 -10.38
N THR C 359 4.24 -6.75 -9.44
CA THR C 359 3.28 -7.83 -9.69
C THR C 359 2.33 -7.48 -10.83
N SER C 360 1.86 -6.24 -10.88
CA SER C 360 0.99 -5.84 -11.98
C SER C 360 1.72 -5.95 -13.32
N ILE C 361 2.98 -5.55 -13.35
CA ILE C 361 3.74 -5.61 -14.59
C ILE C 361 3.96 -7.04 -15.03
N THR C 362 4.26 -7.94 -14.08
CA THR C 362 4.50 -9.32 -14.49
C THR C 362 3.21 -10.02 -14.91
N LEU C 363 2.06 -9.66 -14.32
CA LEU C 363 0.80 -10.14 -14.86
C LEU C 363 0.54 -9.62 -16.26
N LYS C 364 0.86 -8.35 -16.51
CA LYS C 364 0.74 -7.83 -17.87
C LYS C 364 1.62 -8.63 -18.83
N ASP C 365 2.84 -8.93 -18.40
CA ASP C 365 3.78 -9.63 -19.28
C ASP C 365 3.31 -11.05 -19.57
N VAL C 366 2.82 -11.77 -18.56
CA VAL C 366 2.35 -13.12 -18.81
C VAL C 366 1.11 -13.09 -19.71
N THR C 367 0.25 -12.10 -19.54
CA THR C 367 -0.92 -11.98 -20.41
C THR C 367 -0.50 -11.76 -21.86
N LEU C 368 0.44 -10.83 -22.09
CA LEU C 368 0.92 -10.62 -23.45
C LEU C 368 1.60 -11.86 -24.01
N SER C 369 2.35 -12.59 -23.17
CA SER C 369 3.02 -13.78 -23.67
C SER C 369 2.02 -14.84 -24.10
N GLN C 370 0.97 -15.07 -23.30
CA GLN C 370 -0.07 -16.03 -23.69
C GLN C 370 -0.90 -15.54 -24.87
N LEU C 371 -0.92 -14.22 -25.11
CA LEU C 371 -1.78 -13.67 -26.14
C LEU C 371 -1.48 -14.26 -27.51
N ASN C 372 -0.20 -14.49 -27.82
CA ASN C 372 0.15 -15.00 -29.14
C ASN C 372 -0.43 -16.40 -29.37
N SER C 373 -0.24 -17.30 -28.39
CA SER C 373 -0.80 -18.63 -28.52
C SER C 373 -2.32 -18.60 -28.55
N LEU C 374 -2.92 -17.68 -27.81
CA LEU C 374 -4.37 -17.53 -27.88
C LEU C 374 -4.81 -17.12 -29.28
N ILE C 375 -4.09 -16.20 -29.90
CA ILE C 375 -4.47 -15.70 -31.23
C ILE C 375 -4.33 -16.81 -32.27
N GLU C 376 -3.19 -17.51 -32.25
CA GLU C 376 -2.91 -18.47 -33.33
C GLU C 376 -3.94 -19.59 -33.40
N SER C 377 -4.56 -19.93 -32.27
CA SER C 377 -5.55 -21.00 -32.24
C SER C 377 -6.98 -20.47 -32.32
N ASN C 378 -7.15 -19.20 -32.65
CA ASN C 378 -8.46 -18.57 -32.88
C ASN C 378 -9.36 -18.63 -31.65
N LEU C 379 -8.78 -18.74 -30.46
CA LEU C 379 -9.59 -18.67 -29.24
C LEU C 379 -10.10 -17.26 -29.01
N VAL C 380 -9.28 -16.25 -29.27
CA VAL C 380 -9.67 -14.85 -29.16
C VAL C 380 -9.17 -14.11 -30.39
N GLN C 381 -9.77 -12.95 -30.63
CA GLN C 381 -9.29 -12.00 -31.63
C GLN C 381 -8.84 -10.75 -30.91
N VAL C 382 -7.86 -10.05 -31.49
CA VAL C 382 -7.21 -8.94 -30.81
C VAL C 382 -7.23 -7.72 -31.70
N ASP C 383 -7.56 -6.58 -31.11
CA ASP C 383 -7.49 -5.29 -31.79
C ASP C 383 -6.54 -4.39 -31.01
N VAL C 384 -5.55 -3.84 -31.71
CA VAL C 384 -4.53 -2.99 -31.10
C VAL C 384 -4.73 -1.59 -31.66
N TYR C 385 -5.09 -0.65 -30.80
CA TYR C 385 -5.21 0.75 -31.18
C TYR C 385 -3.91 1.44 -30.77
N LEU C 386 -3.13 1.84 -31.76
CA LEU C 386 -1.79 2.34 -31.52
C LEU C 386 -1.64 3.77 -32.01
N VAL C 387 -0.75 4.49 -31.32
CA VAL C 387 -0.50 5.91 -31.62
C VAL C 387 0.61 5.94 -32.65
N THR C 388 0.24 5.78 -33.91
CA THR C 388 1.26 5.74 -34.93
C THR C 388 1.65 7.15 -35.37
N ASP C 389 2.84 7.27 -35.90
CA ASP C 389 3.30 8.48 -36.57
C ASP C 389 3.68 8.08 -37.99
N PRO C 390 2.83 8.36 -38.99
CA PRO C 390 3.07 7.80 -40.33
C PRO C 390 4.39 8.20 -40.94
N ASN C 391 4.86 9.43 -40.69
CA ASN C 391 6.15 9.84 -41.23
C ASN C 391 7.30 9.12 -40.53
N ASN C 392 7.23 9.00 -39.22
CA ASN C 392 8.33 8.48 -38.41
C ASN C 392 7.82 7.33 -37.55
N VAL C 393 8.12 6.11 -37.96
CA VAL C 393 7.61 4.92 -37.27
C VAL C 393 8.53 4.55 -36.11
N LYS C 394 9.49 5.41 -35.79
CA LYS C 394 10.39 5.14 -34.67
C LYS C 394 9.65 5.13 -33.34
N ASN C 395 8.46 5.71 -33.28
CA ASN C 395 7.66 5.78 -32.07
C ASN C 395 6.24 5.35 -32.39
N ASN C 396 5.82 4.22 -31.82
CA ASN C 396 4.50 3.66 -32.10
C ASN C 396 3.86 3.13 -30.83
N VAL C 397 3.92 3.92 -29.75
CA VAL C 397 3.37 3.51 -28.46
C VAL C 397 1.95 3.02 -28.63
N ILE C 398 1.68 1.80 -28.16
CA ILE C 398 0.32 1.30 -28.16
C ILE C 398 -0.53 2.12 -27.22
N ALA C 399 -1.67 2.61 -27.72
CA ALA C 399 -2.61 3.28 -26.83
C ALA C 399 -3.40 2.26 -26.03
N GLY C 400 -3.92 1.23 -26.68
CA GLY C 400 -4.66 0.21 -25.96
C GLY C 400 -4.95 -1.06 -26.74
N ILE C 401 -4.96 -2.18 -26.04
CA ILE C 401 -5.26 -3.47 -26.64
C ILE C 401 -6.63 -3.91 -26.14
N THR C 402 -7.36 -4.61 -26.99
CA THR C 402 -8.65 -5.16 -26.61
C THR C 402 -8.81 -6.55 -27.22
N LYS C 403 -9.59 -7.39 -26.54
CA LYS C 403 -9.72 -8.80 -26.89
C LYS C 403 -11.20 -9.14 -27.04
N ILE C 404 -11.58 -9.59 -28.23
CA ILE C 404 -12.92 -10.11 -28.48
C ILE C 404 -12.82 -11.63 -28.38
N GLU C 405 -13.45 -12.20 -27.35
CA GLU C 405 -13.34 -13.62 -27.12
C GLU C 405 -14.37 -14.39 -27.94
N ILE C 406 -14.20 -15.71 -27.97
CA ILE C 406 -15.15 -16.57 -28.68
C ILE C 406 -16.52 -16.56 -28.00
N ASP C 407 -16.54 -16.44 -26.68
CA ASP C 407 -17.80 -16.40 -25.94
C ASP C 407 -18.66 -15.23 -26.41
N GLY C 408 -18.03 -14.08 -26.67
CA GLY C 408 -18.73 -12.85 -26.98
C GLY C 408 -18.44 -11.73 -26.00
N THR C 409 -18.01 -12.06 -24.79
CA THR C 409 -17.55 -11.04 -23.86
C THR C 409 -16.25 -10.41 -24.38
N TYR C 410 -15.97 -9.21 -23.89
CA TYR C 410 -14.81 -8.44 -24.30
C TYR C 410 -13.84 -8.36 -23.13
N GLU C 411 -12.61 -8.80 -23.36
CA GLU C 411 -11.58 -8.72 -22.33
C GLU C 411 -10.82 -7.42 -22.49
N PRO C 412 -10.91 -6.50 -21.53
CA PRO C 412 -10.33 -5.17 -21.73
C PRO C 412 -8.84 -5.20 -21.98
N LEU C 413 -8.08 -5.77 -21.04
CA LEU C 413 -6.62 -5.74 -21.07
C LEU C 413 -6.12 -4.30 -21.17
N LEU D 83 -14.60 -26.13 -23.65
CA LEU D 83 -13.27 -25.59 -23.41
C LEU D 83 -12.23 -26.39 -24.18
N ARG D 84 -11.99 -25.99 -25.43
CA ARG D 84 -11.02 -26.69 -26.26
C ARG D 84 -9.62 -26.55 -25.68
N THR D 85 -8.78 -27.55 -25.94
CA THR D 85 -7.46 -27.63 -25.34
C THR D 85 -6.38 -27.61 -26.41
N LEU D 86 -5.17 -27.31 -25.97
CA LEU D 86 -3.99 -27.28 -26.82
C LEU D 86 -2.92 -28.21 -26.26
N ASN D 87 -2.06 -28.70 -27.14
CA ASN D 87 -0.93 -29.54 -26.75
C ASN D 87 0.35 -28.88 -27.19
N VAL D 88 1.36 -28.90 -26.32
CA VAL D 88 2.60 -28.20 -26.63
C VAL D 88 3.78 -28.88 -25.93
N LYS D 89 4.88 -29.03 -26.66
CA LYS D 89 6.11 -29.59 -26.12
C LYS D 89 7.16 -28.50 -26.06
N GLY D 90 7.76 -28.30 -24.90
CA GLY D 90 8.76 -27.26 -24.76
C GLY D 90 9.51 -27.34 -23.46
N GLN D 91 10.69 -26.72 -23.46
CA GLN D 91 11.52 -26.63 -22.27
C GLN D 91 10.88 -25.70 -21.25
N LEU D 92 11.32 -25.84 -20.00
CA LEU D 92 10.99 -24.92 -18.93
C LEU D 92 12.24 -24.16 -18.53
N LEU D 93 12.06 -22.91 -18.11
CA LEU D 93 13.16 -22.03 -17.78
C LEU D 93 13.25 -21.70 -16.29
N THR D 94 12.17 -21.17 -15.72
CA THR D 94 12.20 -20.75 -14.31
C THR D 94 10.77 -20.69 -13.78
N LYS D 95 10.52 -21.44 -12.71
CA LYS D 95 9.24 -21.34 -12.01
C LYS D 95 9.23 -20.12 -11.11
N THR D 96 8.04 -19.54 -10.92
CA THR D 96 7.92 -18.34 -10.13
C THR D 96 6.55 -18.33 -9.46
N THR D 97 6.49 -17.77 -8.26
CA THR D 97 5.24 -17.64 -7.53
C THR D 97 5.03 -16.20 -7.10
N MET D 98 3.77 -15.82 -6.93
CA MET D 98 3.45 -14.48 -6.47
C MET D 98 2.06 -14.48 -5.85
N SER D 99 1.76 -13.41 -5.12
CA SER D 99 0.49 -13.27 -4.42
C SER D 99 -0.15 -11.94 -4.82
N ILE D 100 -1.43 -12.01 -5.21
CA ILE D 100 -2.24 -10.84 -5.53
C ILE D 100 -3.55 -10.97 -4.78
N ASN D 101 -3.87 -9.96 -3.97
CA ASN D 101 -5.10 -9.85 -3.16
C ASN D 101 -5.55 -11.20 -2.61
N ASN D 102 -4.67 -11.80 -1.81
CA ASN D 102 -4.96 -13.05 -1.10
C ASN D 102 -5.26 -14.20 -2.06
N GLU D 103 -4.53 -14.24 -3.17
CA GLU D 103 -4.60 -15.34 -4.12
C GLU D 103 -3.18 -15.60 -4.63
N ASP D 104 -2.92 -16.84 -5.00
CA ASP D 104 -1.58 -17.27 -5.37
C ASP D 104 -1.54 -17.62 -6.86
N TYR D 105 -0.60 -17.02 -7.57
CA TYR D 105 -0.34 -17.35 -8.97
C TYR D 105 1.02 -18.00 -9.10
N TYR D 106 1.06 -19.11 -9.83
CA TYR D 106 2.28 -19.85 -10.11
C TYR D 106 2.51 -19.85 -11.62
N LEU D 107 3.62 -19.27 -12.04
CA LEU D 107 3.93 -19.11 -13.46
C LEU D 107 5.14 -19.94 -13.83
N PHE D 108 5.09 -20.56 -15.01
CA PHE D 108 6.16 -21.36 -15.56
C PHE D 108 6.56 -20.76 -16.90
N LYS D 109 7.86 -20.52 -17.07
CA LYS D 109 8.37 -19.80 -18.23
C LYS D 109 8.82 -20.81 -19.31
N PHE D 110 7.82 -21.39 -19.96
CA PHE D 110 8.08 -22.45 -20.92
C PHE D 110 8.62 -21.90 -22.23
N LEU D 111 9.67 -22.53 -22.74
CA LEU D 111 10.25 -22.21 -24.04
C LEU D 111 9.56 -23.03 -25.11
N VAL D 112 8.76 -22.37 -25.94
CA VAL D 112 8.01 -23.03 -27.00
C VAL D 112 8.48 -22.48 -28.33
N ASN D 113 8.98 -23.35 -29.20
CA ASN D 113 9.41 -22.97 -30.55
C ASN D 113 10.40 -21.81 -30.52
N ASN D 114 11.36 -21.89 -29.58
CA ASN D 114 12.37 -20.85 -29.38
C ASN D 114 11.72 -19.49 -29.12
N LYS D 115 10.65 -19.51 -28.32
CA LYS D 115 9.99 -18.28 -27.91
C LYS D 115 9.48 -18.47 -26.48
N SER D 116 9.68 -17.45 -25.64
CA SER D 116 9.27 -17.55 -24.25
C SER D 116 7.77 -17.34 -24.13
N ILE D 117 7.09 -18.28 -23.46
CA ILE D 117 5.66 -18.17 -23.18
C ILE D 117 5.46 -18.60 -21.74
N ASP D 118 4.71 -17.82 -20.96
CA ASP D 118 4.47 -18.16 -19.57
C ASP D 118 3.10 -18.78 -19.41
N TYR D 119 3.00 -19.75 -18.50
CA TYR D 119 1.76 -20.47 -18.26
C TYR D 119 1.46 -20.51 -16.77
N TYR D 120 0.18 -20.66 -16.44
CA TYR D 120 -0.24 -20.76 -15.05
C TYR D 120 -0.28 -22.22 -14.62
N GLY D 121 -0.10 -22.45 -13.32
CA GLY D 121 -0.08 -23.80 -12.81
C GLY D 121 -0.52 -23.84 -11.36
N THR D 122 -0.57 -25.06 -10.82
CA THR D 122 -1.00 -25.32 -9.46
C THR D 122 0.22 -25.62 -8.59
N GLN D 123 -0.04 -25.85 -7.30
CA GLN D 123 1.06 -26.00 -6.34
C GLN D 123 1.88 -27.25 -6.63
N THR D 124 1.19 -28.36 -6.94
CA THR D 124 1.91 -29.59 -7.31
C THR D 124 2.71 -29.37 -8.58
N GLN D 125 2.20 -28.56 -9.51
CA GLN D 125 2.99 -28.16 -10.66
C GLN D 125 4.23 -27.40 -10.23
N PHE D 126 4.10 -26.55 -9.21
CA PHE D 126 5.23 -25.75 -8.76
C PHE D 126 6.34 -26.62 -8.19
N PHE D 127 5.98 -27.54 -7.28
CA PHE D 127 7.03 -28.38 -6.68
C PHE D 127 7.54 -29.45 -7.64
N SER D 128 6.65 -30.05 -8.44
CA SER D 128 7.02 -31.23 -9.21
C SER D 128 8.03 -30.90 -10.30
N LEU D 129 7.77 -29.84 -11.06
CA LEU D 129 8.59 -29.55 -12.24
C LEU D 129 9.98 -29.08 -11.83
N ILE D 130 10.98 -29.56 -12.55
CA ILE D 130 12.36 -29.17 -12.34
C ILE D 130 12.79 -28.25 -13.48
N ASN D 131 13.83 -27.47 -13.22
CA ASN D 131 14.30 -26.49 -14.20
C ASN D 131 15.07 -27.15 -15.33
N ASN D 132 15.04 -26.50 -16.49
CA ASN D 132 15.81 -26.83 -17.69
C ASN D 132 15.39 -28.15 -18.32
N LYS D 133 14.39 -28.85 -17.78
CA LYS D 133 13.96 -30.12 -18.31
C LYS D 133 12.68 -29.94 -19.12
N THR D 134 12.68 -30.43 -20.35
CA THR D 134 11.55 -30.24 -21.25
C THR D 134 10.31 -30.97 -20.74
N TYR D 135 9.17 -30.65 -21.34
CA TYR D 135 7.91 -31.27 -20.96
C TYR D 135 6.95 -31.27 -22.15
N GLU D 136 5.90 -32.07 -22.03
CA GLU D 136 4.73 -32.02 -22.90
C GLU D 136 3.55 -31.61 -22.03
N LEU D 137 2.71 -30.71 -22.54
CA LEU D 137 1.67 -30.09 -21.73
C LEU D 137 0.36 -30.06 -22.50
N VAL D 138 -0.73 -30.18 -21.74
CA VAL D 138 -2.07 -29.90 -22.24
C VAL D 138 -2.60 -28.66 -21.52
N LEU D 139 -3.09 -27.70 -22.30
CA LEU D 139 -3.51 -26.40 -21.81
C LEU D 139 -4.97 -26.19 -22.11
N GLN D 140 -5.72 -25.67 -21.14
CA GLN D 140 -7.14 -25.42 -21.34
C GLN D 140 -7.47 -24.01 -20.87
N TYR D 141 -8.14 -23.25 -21.75
CA TYR D 141 -8.40 -21.83 -21.53
C TYR D 141 -9.58 -21.68 -20.58
N SER D 142 -9.28 -21.71 -19.29
CA SER D 142 -10.28 -21.60 -18.24
C SER D 142 -10.01 -20.37 -17.38
N ARG D 143 -11.08 -19.68 -16.98
CA ARG D 143 -11.01 -18.53 -16.10
C ARG D 143 -10.07 -17.46 -16.66
N LYS D 144 -10.30 -17.10 -17.93
CA LYS D 144 -9.68 -16.00 -18.66
C LYS D 144 -8.25 -16.33 -19.07
N LYS D 145 -7.68 -17.44 -18.64
CA LYS D 145 -6.23 -17.66 -18.70
C LYS D 145 -5.91 -19.04 -19.25
N LEU D 146 -4.83 -19.12 -20.01
CA LEU D 146 -4.22 -20.41 -20.31
C LEU D 146 -3.49 -20.92 -19.08
N LEU D 147 -3.59 -22.22 -18.83
CA LEU D 147 -2.88 -22.79 -17.69
C LEU D 147 -2.69 -24.29 -17.93
N ILE D 148 -1.81 -24.88 -17.12
CA ILE D 148 -1.40 -26.26 -17.28
C ILE D 148 -2.45 -27.17 -16.65
N LYS D 149 -2.98 -28.10 -17.46
CA LYS D 149 -3.88 -29.11 -16.94
C LYS D 149 -3.16 -30.41 -16.61
N SER D 150 -2.26 -30.86 -17.49
CA SER D 150 -1.49 -32.06 -17.25
C SER D 150 -0.20 -31.98 -18.04
N TYR D 151 0.83 -32.68 -17.54
CA TYR D 151 2.15 -32.67 -18.14
C TYR D 151 2.70 -34.09 -18.19
N GLU D 152 3.59 -34.30 -19.14
CA GLU D 152 4.28 -35.58 -19.35
C GLU D 152 5.75 -35.30 -19.56
N GLN D 153 6.60 -35.98 -18.79
CA GLN D 153 8.04 -35.79 -18.91
C GLN D 153 8.51 -36.22 -20.30
N CYS D 154 9.37 -35.40 -20.91
CA CYS D 154 9.93 -35.71 -22.22
C CYS D 154 11.44 -35.53 -22.20
N GLU D 155 12.08 -35.63 -23.38
CA GLU D 155 13.52 -35.45 -23.49
C GLU D 155 13.83 -34.65 -24.74
N ASP D 156 14.96 -33.96 -24.71
CA ASP D 156 15.41 -33.16 -25.84
C ASP D 156 16.05 -34.01 -26.92
N MET D 161 24.46 -28.32 -25.97
CA MET D 161 23.85 -27.81 -27.20
C MET D 161 24.90 -27.09 -28.04
N THR D 162 24.69 -27.06 -29.35
CA THR D 162 25.64 -26.45 -30.27
C THR D 162 25.69 -24.95 -30.05
N VAL D 163 26.86 -24.42 -29.70
CA VAL D 163 27.06 -23.00 -29.46
C VAL D 163 28.17 -22.51 -30.38
N CYS D 164 27.92 -21.41 -31.08
CA CYS D 164 28.92 -20.84 -31.96
C CYS D 164 30.11 -20.34 -31.16
N LYS D 165 31.30 -20.57 -31.68
CA LYS D 165 32.53 -20.10 -31.04
C LYS D 165 32.96 -18.73 -31.54
N SER D 166 32.22 -18.16 -32.50
CA SER D 166 32.58 -16.87 -33.05
C SER D 166 31.31 -16.17 -33.54
N VAL D 167 31.44 -14.87 -33.76
CA VAL D 167 30.36 -14.04 -34.31
C VAL D 167 30.92 -13.23 -35.45
N THR D 168 30.11 -13.03 -36.49
CA THR D 168 30.49 -12.24 -37.63
C THR D 168 30.02 -10.80 -37.47
N PHE D 169 30.81 -9.87 -38.00
CA PHE D 169 30.42 -8.47 -38.02
C PHE D 169 29.03 -8.29 -38.61
N GLN D 170 28.72 -9.02 -39.68
CA GLN D 170 27.40 -8.93 -40.29
C GLN D 170 26.32 -9.45 -39.36
N GLU D 171 26.64 -10.42 -38.50
CA GLU D 171 25.65 -10.90 -37.54
C GLU D 171 25.32 -9.84 -36.50
N PHE D 172 26.33 -9.09 -36.04
CA PHE D 172 26.05 -7.95 -35.17
C PHE D 172 25.23 -6.90 -35.91
N CYS D 173 25.53 -6.68 -37.19
CA CYS D 173 24.75 -5.73 -37.97
C CYS D 173 23.29 -6.15 -38.08
N ALA D 174 23.05 -7.45 -38.27
CA ALA D 174 21.71 -7.96 -38.50
C ALA D 174 20.90 -8.14 -37.23
N ASN D 175 21.52 -8.02 -36.05
CA ASN D 175 20.82 -8.07 -34.76
C ASN D 175 20.14 -9.42 -34.57
N GLU D 176 20.86 -10.49 -34.88
CA GLU D 176 20.32 -11.84 -34.84
C GLU D 176 20.64 -12.50 -33.51
N ILE D 177 19.62 -13.09 -32.89
CA ILE D 177 19.84 -13.84 -31.65
C ILE D 177 20.80 -14.99 -31.93
N LYS D 178 21.61 -15.33 -30.92
CA LYS D 178 22.68 -16.27 -31.14
C LYS D 178 23.12 -16.87 -29.81
N SER D 179 23.80 -18.01 -29.88
CA SER D 179 24.50 -18.58 -28.74
C SER D 179 26.00 -18.32 -28.90
N LEU D 180 26.73 -18.48 -27.80
CA LEU D 180 28.15 -18.16 -27.81
C LEU D 180 28.89 -18.94 -26.74
N LEU D 181 30.19 -19.08 -26.95
CA LEU D 181 31.14 -19.49 -25.93
C LEU D 181 32.01 -18.28 -25.63
N ALA D 182 31.88 -17.73 -24.42
CA ALA D 182 32.54 -16.47 -24.09
C ALA D 182 33.25 -16.61 -22.76
N LYS D 183 33.98 -15.56 -22.41
CA LYS D 183 34.77 -15.53 -21.19
C LYS D 183 34.19 -14.47 -20.25
N PHE D 184 33.83 -14.88 -19.04
CA PHE D 184 33.22 -13.98 -18.07
C PHE D 184 34.32 -13.30 -17.28
N LEU D 185 34.58 -12.03 -17.59
CA LEU D 185 35.64 -11.32 -16.88
C LEU D 185 35.20 -10.97 -15.47
N TYR D 186 34.16 -10.12 -15.35
CA TYR D 186 33.68 -9.60 -14.09
C TYR D 186 32.42 -8.78 -14.29
N GLY D 187 31.59 -8.68 -13.25
CA GLY D 187 30.33 -7.97 -13.36
C GLY D 187 30.02 -7.08 -12.18
N PHE D 188 29.54 -5.86 -12.45
CA PHE D 188 29.31 -4.85 -11.44
C PHE D 188 27.93 -4.25 -11.61
N LYS D 189 27.38 -3.77 -10.50
CA LYS D 189 26.14 -3.01 -10.55
C LYS D 189 26.45 -1.58 -10.96
N ILE D 190 25.89 -1.16 -12.10
CA ILE D 190 26.18 0.17 -12.64
C ILE D 190 25.99 1.21 -11.56
N TYR D 191 27.00 2.05 -11.36
CA TYR D 191 27.01 2.99 -10.26
C TYR D 191 25.82 3.95 -10.34
N GLY D 192 25.18 4.16 -9.20
CA GLY D 192 24.03 5.07 -9.16
C GLY D 192 22.88 4.62 -10.03
N SER D 193 22.58 3.33 -10.03
CA SER D 193 21.47 2.78 -10.79
C SER D 193 20.82 1.70 -9.94
N SER D 194 19.49 1.70 -9.90
CA SER D 194 18.79 0.85 -8.95
C SER D 194 19.05 -0.62 -9.20
N ASN D 195 18.88 -1.08 -10.44
CA ASN D 195 18.93 -2.51 -10.68
C ASN D 195 19.64 -2.96 -11.96
N VAL D 196 20.18 -2.06 -12.79
CA VAL D 196 20.67 -2.44 -14.12
C VAL D 196 22.13 -2.86 -13.97
N TYR D 197 22.33 -4.13 -13.62
CA TYR D 197 23.66 -4.70 -13.54
C TYR D 197 24.26 -4.79 -14.94
N LYS D 198 25.56 -5.09 -14.98
CA LYS D 198 26.30 -5.13 -16.23
C LYS D 198 27.44 -6.14 -16.10
N LEU D 199 27.46 -7.13 -16.96
CA LEU D 199 28.54 -8.11 -17.03
C LEU D 199 29.47 -7.78 -18.19
N VAL D 200 30.70 -8.26 -18.08
CA VAL D 200 31.73 -8.04 -19.09
C VAL D 200 32.17 -9.37 -19.65
N PHE D 201 32.09 -9.50 -20.98
CA PHE D 201 32.36 -10.77 -21.65
C PHE D 201 33.42 -10.57 -22.72
N VAL D 202 34.27 -11.57 -22.88
CA VAL D 202 35.23 -11.64 -23.97
C VAL D 202 34.70 -12.62 -25.00
N ILE D 203 34.50 -12.14 -26.22
CA ILE D 203 33.96 -12.96 -27.29
C ILE D 203 34.88 -12.87 -28.50
N LEU D 204 34.86 -13.91 -29.33
CA LEU D 204 35.66 -13.96 -30.53
C LEU D 204 34.87 -13.33 -31.67
N LEU D 205 35.23 -12.11 -32.03
CA LEU D 205 34.62 -11.42 -33.15
C LEU D 205 35.39 -11.72 -34.44
N GLU D 206 34.65 -11.99 -35.50
CA GLU D 206 35.21 -12.19 -36.83
C GLU D 206 34.94 -10.93 -37.64
N ASP D 207 36.01 -10.28 -38.10
CA ASP D 207 35.90 -9.00 -38.79
C ASP D 207 35.43 -9.23 -40.22
N ASN D 208 35.38 -8.16 -41.01
CA ASN D 208 35.03 -8.29 -42.42
C ASN D 208 36.09 -9.07 -43.18
N ASN D 209 37.36 -8.95 -42.76
CA ASN D 209 38.42 -9.72 -43.41
C ASN D 209 38.22 -11.22 -43.21
N GLY D 210 37.83 -11.63 -41.99
CA GLY D 210 37.57 -13.02 -41.70
C GLY D 210 38.38 -13.60 -40.55
N THR D 211 39.23 -12.83 -39.89
CA THR D 211 39.99 -13.34 -38.75
C THR D 211 39.20 -13.14 -37.46
N ILE D 212 39.40 -14.06 -36.52
CA ILE D 212 38.69 -14.05 -35.24
C ILE D 212 39.65 -13.60 -34.15
N ASN D 213 39.25 -12.57 -33.42
CA ASN D 213 40.04 -12.05 -32.31
C ASN D 213 39.15 -11.80 -31.11
N GLY D 214 39.73 -11.88 -29.92
CA GLY D 214 38.98 -11.68 -28.70
C GLY D 214 38.79 -10.22 -28.35
N VAL D 215 37.53 -9.80 -28.21
CA VAL D 215 37.19 -8.44 -27.87
C VAL D 215 36.25 -8.45 -26.66
N GLN D 216 35.95 -7.26 -26.16
CA GLN D 216 35.13 -7.05 -24.98
C GLN D 216 33.74 -6.58 -25.36
N VAL D 217 32.74 -7.07 -24.62
CA VAL D 217 31.35 -6.67 -24.78
C VAL D 217 30.72 -6.53 -23.41
N GLU D 218 29.66 -5.72 -23.34
CA GLU D 218 29.04 -5.32 -22.08
C GLU D 218 27.58 -5.73 -22.10
N MET D 219 27.26 -6.81 -21.39
CA MET D 219 25.90 -7.33 -21.29
C MET D 219 25.20 -6.65 -20.12
N MET D 220 24.43 -5.61 -20.39
CA MET D 220 23.58 -5.10 -19.32
C MET D 220 22.40 -6.05 -19.09
N SER D 221 21.77 -5.88 -17.93
CA SER D 221 20.61 -6.68 -17.58
C SER D 221 20.00 -6.15 -16.31
N ASP D 222 18.69 -6.21 -16.20
CA ASP D 222 18.07 -5.90 -14.93
C ASP D 222 18.34 -7.05 -13.97
N PHE D 223 18.07 -6.82 -12.69
CA PHE D 223 18.41 -7.81 -11.66
C PHE D 223 17.64 -9.11 -11.87
N LYS D 224 16.32 -9.04 -12.00
CA LYS D 224 15.52 -10.26 -12.05
C LYS D 224 15.83 -11.11 -13.29
N ARG D 225 16.08 -10.47 -14.44
CA ARG D 225 16.45 -11.25 -15.61
C ARG D 225 17.77 -12.00 -15.38
N LEU D 226 18.72 -11.34 -14.73
CA LEU D 226 19.97 -12.00 -14.39
C LEU D 226 19.74 -13.17 -13.44
N SER D 227 18.91 -12.95 -12.41
CA SER D 227 18.67 -14.00 -11.42
C SER D 227 18.00 -15.21 -12.05
N GLY D 228 17.02 -14.98 -12.93
CA GLY D 228 16.37 -16.08 -13.60
C GLY D 228 17.10 -16.62 -14.80
N ALA D 229 18.20 -15.98 -15.21
CA ALA D 229 18.92 -16.39 -16.40
C ALA D 229 20.10 -17.32 -16.11
N PHE D 230 20.68 -17.23 -14.93
CA PHE D 230 21.78 -18.12 -14.59
C PHE D 230 21.28 -19.55 -14.43
N LYS D 231 21.99 -20.48 -15.04
CA LYS D 231 21.65 -21.89 -14.96
C LYS D 231 22.48 -22.57 -13.88
N ASN D 232 21.90 -23.62 -13.28
CA ASN D 232 22.52 -24.39 -12.21
C ASN D 232 22.84 -23.53 -10.98
N HIS D 233 22.16 -22.40 -10.83
CA HIS D 233 22.34 -21.52 -9.68
C HIS D 233 20.98 -21.08 -9.19
N VAL D 234 20.91 -20.75 -7.90
CA VAL D 234 19.69 -20.25 -7.27
C VAL D 234 20.01 -18.88 -6.69
N ILE D 235 19.24 -17.87 -7.09
CA ILE D 235 19.50 -16.49 -6.74
C ILE D 235 18.23 -15.87 -6.19
N GLU D 236 18.31 -15.28 -5.00
CA GLU D 236 17.18 -14.57 -4.41
C GLU D 236 17.44 -13.11 -4.12
N ASN D 237 18.69 -12.71 -3.85
CA ASN D 237 18.99 -11.33 -3.52
C ASN D 237 20.33 -10.95 -4.15
N GLU D 238 20.66 -9.66 -4.04
CA GLU D 238 21.86 -9.14 -4.69
C GLU D 238 23.12 -9.84 -4.21
N ASN D 239 23.15 -10.26 -2.93
CA ASN D 239 24.32 -10.97 -2.42
C ASN D 239 24.54 -12.27 -3.17
N ASP D 240 23.45 -13.01 -3.46
CA ASP D 240 23.58 -14.24 -4.23
C ASP D 240 24.10 -13.95 -5.64
N LEU D 241 23.61 -12.87 -6.27
CA LEU D 241 24.07 -12.54 -7.61
C LEU D 241 25.56 -12.22 -7.61
N PHE D 242 26.00 -11.41 -6.64
CA PHE D 242 27.42 -11.08 -6.56
C PHE D 242 28.26 -12.32 -6.26
N ASP D 243 27.74 -13.23 -5.44
CA ASP D 243 28.44 -14.49 -5.19
C ASP D 243 28.60 -15.28 -6.48
N CYS D 244 27.51 -15.44 -7.23
CA CYS D 244 27.58 -16.18 -8.49
C CYS D 244 28.51 -15.51 -9.48
N MET D 245 28.66 -14.19 -9.39
CA MET D 245 29.62 -13.51 -10.24
C MET D 245 31.06 -13.80 -9.81
N TYR D 246 31.39 -13.43 -8.56
CA TYR D 246 32.78 -13.50 -8.12
C TYR D 246 33.30 -14.93 -8.08
N LYS D 247 32.48 -15.87 -7.64
CA LYS D 247 32.88 -17.27 -7.65
C LYS D 247 33.15 -17.77 -9.05
N SER D 248 32.61 -17.12 -10.07
CA SER D 248 32.75 -17.54 -11.45
C SER D 248 33.67 -16.63 -12.27
N GLU D 249 34.45 -15.78 -11.61
CA GLU D 249 35.34 -14.89 -12.35
C GLU D 249 36.35 -15.68 -13.15
N GLU D 250 36.60 -15.22 -14.38
CA GLU D 250 37.53 -15.77 -15.35
C GLU D 250 37.07 -17.12 -15.90
N LYS D 251 35.95 -17.66 -15.43
CA LYS D 251 35.45 -18.93 -15.94
C LYS D 251 34.78 -18.72 -17.30
N TYR D 252 34.63 -19.82 -18.02
CA TYR D 252 34.12 -19.78 -19.39
C TYR D 252 32.63 -20.07 -19.40
N PHE D 253 31.86 -19.19 -20.04
CA PHE D 253 30.41 -19.24 -20.02
C PHE D 253 29.87 -19.67 -21.39
N ASN D 254 28.85 -20.52 -21.36
CA ASN D 254 28.05 -20.81 -22.53
C ASN D 254 26.79 -19.96 -22.46
N LEU D 255 26.60 -19.10 -23.45
CA LEU D 255 25.49 -18.15 -23.48
C LEU D 255 24.47 -18.63 -24.49
N TYR D 256 23.24 -18.84 -24.04
CA TYR D 256 22.16 -19.32 -24.90
C TYR D 256 21.23 -18.17 -25.23
N ARG D 257 21.07 -17.90 -26.53
CA ARG D 257 20.07 -16.96 -27.05
C ARG D 257 20.29 -15.56 -26.52
N ILE D 258 21.55 -15.11 -26.50
CA ILE D 258 21.87 -13.74 -26.13
C ILE D 258 21.66 -12.86 -27.35
N LYS D 259 20.72 -11.93 -27.25
CA LYS D 259 20.40 -11.07 -28.39
C LYS D 259 21.55 -10.09 -28.60
N CYS D 260 22.34 -10.29 -29.64
CA CYS D 260 23.34 -9.31 -30.01
C CYS D 260 22.65 -8.08 -30.59
N ASN D 261 23.24 -6.90 -30.37
CA ASN D 261 22.65 -5.70 -30.92
C ASN D 261 23.74 -4.69 -31.24
N HIS D 262 23.39 -3.75 -32.12
CA HIS D 262 24.33 -2.78 -32.68
C HIS D 262 23.71 -1.40 -32.56
N ASN D 263 24.32 -0.53 -31.76
CA ASN D 263 23.75 0.78 -31.48
C ASN D 263 23.83 1.68 -32.71
N ALA D 264 23.42 2.93 -32.53
CA ALA D 264 23.40 3.87 -33.66
C ALA D 264 24.78 4.05 -34.26
N ASN D 265 25.79 4.24 -33.42
CA ASN D 265 27.17 4.32 -33.88
C ASN D 265 27.76 2.91 -33.88
N ASN D 266 29.09 2.80 -34.00
CA ASN D 266 29.68 1.47 -34.08
C ASN D 266 29.85 0.84 -32.71
N TYR D 267 28.78 0.82 -31.92
CA TYR D 267 28.81 0.21 -30.59
C TYR D 267 28.04 -1.11 -30.65
N LYS D 268 28.71 -2.20 -30.26
CA LYS D 268 28.17 -3.54 -30.34
C LYS D 268 28.07 -4.11 -28.93
N SER D 269 26.92 -4.68 -28.59
CA SER D 269 26.75 -5.18 -27.24
C SER D 269 25.75 -6.32 -27.22
N LEU D 270 25.96 -7.24 -26.28
CA LEU D 270 24.99 -8.30 -26.07
C LEU D 270 23.81 -7.76 -25.27
N SER D 271 22.77 -8.58 -25.18
CA SER D 271 21.65 -8.28 -24.30
C SER D 271 20.98 -9.59 -23.93
N LEU D 272 20.38 -9.61 -22.75
CA LEU D 272 19.93 -10.83 -22.13
C LEU D 272 18.40 -10.87 -22.20
N SER D 273 17.89 -11.67 -23.14
CA SER D 273 16.46 -11.77 -23.39
C SER D 273 15.80 -12.75 -22.43
N SER D 274 14.47 -12.77 -22.44
CA SER D 274 13.72 -13.57 -21.48
C SER D 274 14.05 -15.05 -21.63
N ASN D 275 14.13 -15.53 -22.87
CA ASN D 275 14.43 -16.94 -23.13
C ASN D 275 15.93 -17.23 -23.16
N SER D 276 16.76 -16.30 -22.71
CA SER D 276 18.20 -16.48 -22.75
C SER D 276 18.70 -17.08 -21.43
N GLN D 277 19.87 -17.69 -21.49
CA GLN D 277 20.41 -18.37 -20.32
C GLN D 277 21.94 -18.30 -20.33
N LEU D 278 22.52 -18.48 -19.15
CA LEU D 278 23.96 -18.51 -19.00
C LEU D 278 24.33 -19.78 -18.23
N GLU D 279 25.39 -20.46 -18.67
CA GLU D 279 25.84 -21.68 -18.01
C GLU D 279 27.34 -21.63 -17.77
N ARG D 280 27.75 -21.95 -16.55
CA ARG D 280 29.17 -22.16 -16.27
C ARG D 280 29.60 -23.48 -16.91
N LEU D 281 30.52 -23.40 -17.85
CA LEU D 281 30.92 -24.60 -18.59
C LEU D 281 31.71 -25.57 -17.71
N GLU D 282 32.33 -25.08 -16.64
CA GLU D 282 33.19 -25.90 -15.78
C GLU D 282 34.32 -26.52 -16.59
N THR D 283 35.18 -25.66 -17.11
CA THR D 283 36.24 -26.10 -18.02
C THR D 283 37.21 -27.05 -17.33
N ASP D 284 37.75 -26.63 -16.17
CA ASP D 284 38.80 -27.39 -15.48
C ASP D 284 39.96 -27.68 -16.44
N ASP D 285 40.31 -26.68 -17.24
CA ASP D 285 41.33 -26.80 -18.29
C ASP D 285 40.99 -27.94 -19.25
N SER D 286 39.71 -28.04 -19.63
CA SER D 286 39.32 -29.02 -20.64
C SER D 286 40.02 -28.72 -21.97
N MET D 287 40.06 -27.44 -22.36
CA MET D 287 40.84 -27.01 -23.51
C MET D 287 41.64 -25.78 -23.10
N PHE D 288 42.92 -25.75 -23.48
CA PHE D 288 43.78 -24.61 -23.21
C PHE D 288 44.24 -23.91 -24.47
N GLU D 289 44.16 -24.58 -25.63
CA GLU D 289 44.57 -23.98 -26.89
C GLU D 289 43.73 -22.77 -27.27
N TYR D 290 42.56 -22.60 -26.65
CA TYR D 290 41.69 -21.48 -26.96
C TYR D 290 41.92 -20.28 -26.06
N GLU D 291 42.40 -20.49 -24.83
CA GLU D 291 42.57 -19.39 -23.90
C GLU D 291 43.60 -18.37 -24.38
N PHE D 292 44.49 -18.75 -25.31
CA PHE D 292 45.37 -17.77 -25.92
C PHE D 292 44.59 -16.74 -26.70
N GLN D 293 43.53 -17.17 -27.40
CA GLN D 293 42.73 -16.25 -28.19
C GLN D 293 42.01 -15.23 -27.32
N TYR D 294 41.50 -15.65 -26.16
CA TYR D 294 40.68 -14.78 -25.33
C TYR D 294 41.51 -13.72 -24.61
N ASP D 295 42.10 -12.82 -25.37
CA ASP D 295 42.79 -11.66 -24.82
C ASP D 295 42.20 -10.40 -25.45
N TYR D 296 41.85 -9.43 -24.63
CA TYR D 296 41.16 -8.23 -25.08
C TYR D 296 42.16 -7.10 -25.23
N THR D 297 42.25 -6.54 -26.44
CA THR D 297 43.05 -5.34 -26.67
C THR D 297 42.19 -4.10 -26.81
N VAL D 298 40.94 -4.23 -27.24
CA VAL D 298 39.99 -3.13 -27.31
C VAL D 298 38.63 -3.66 -26.87
N ASN D 299 37.65 -2.78 -26.88
CA ASN D 299 36.27 -3.11 -26.54
C ASN D 299 35.37 -2.57 -27.64
N ILE D 300 34.42 -3.40 -28.09
CA ILE D 300 33.56 -3.02 -29.20
C ILE D 300 32.25 -2.41 -28.75
N SER D 301 32.05 -2.26 -27.44
CA SER D 301 30.85 -1.57 -26.93
C SER D 301 31.10 -0.11 -26.63
N ARG D 302 32.36 0.32 -26.51
CA ARG D 302 32.72 1.71 -26.35
C ARG D 302 33.69 2.13 -27.44
N SER D 303 33.94 3.44 -27.52
CA SER D 303 34.85 4.00 -28.52
C SER D 303 36.23 4.11 -27.91
N ASN D 304 37.11 3.17 -28.24
CA ASN D 304 38.53 3.18 -27.89
C ASN D 304 38.78 3.08 -26.39
N LYS D 305 37.83 2.57 -25.62
CA LYS D 305 37.98 2.45 -24.18
C LYS D 305 37.71 1.01 -23.75
N ILE D 306 38.34 0.61 -22.64
CA ILE D 306 38.15 -0.74 -22.11
C ILE D 306 37.82 -0.63 -20.63
N ILE D 307 36.92 -1.49 -20.16
CA ILE D 307 36.58 -1.56 -18.76
C ILE D 307 37.57 -2.48 -18.06
N GLN D 308 38.18 -1.99 -16.98
CA GLN D 308 39.10 -2.81 -16.21
C GLN D 308 38.81 -2.69 -14.73
N LYS D 309 39.16 -3.75 -14.00
CA LYS D 309 38.96 -3.83 -12.55
C LYS D 309 40.23 -3.46 -11.82
N HIS D 310 40.12 -2.56 -10.85
CA HIS D 310 41.21 -2.23 -9.94
C HIS D 310 40.78 -2.53 -8.52
N ARG D 311 41.74 -2.97 -7.71
CA ARG D 311 41.52 -3.19 -6.29
C ARG D 311 42.12 -2.02 -5.53
N VAL D 312 41.28 -1.29 -4.81
CA VAL D 312 41.74 -0.10 -4.11
C VAL D 312 42.61 -0.53 -2.93
N THR D 313 43.86 -0.09 -2.94
CA THR D 313 44.81 -0.47 -1.90
C THR D 313 44.91 0.60 -0.81
N GLY D 314 45.20 1.83 -1.19
CA GLY D 314 45.44 2.88 -0.22
C GLY D 314 44.38 3.96 -0.18
N ASN D 315 44.80 5.21 -0.33
CA ASN D 315 43.89 6.33 -0.16
C ASN D 315 42.84 6.37 -1.27
N PHE D 316 41.64 6.83 -0.92
CA PHE D 316 40.53 6.98 -1.85
C PHE D 316 39.96 8.39 -1.66
N THR D 317 40.54 9.35 -2.35
CA THR D 317 40.07 10.73 -2.28
C THR D 317 38.93 10.92 -3.28
N SER D 318 37.84 11.55 -2.84
CA SER D 318 36.67 11.77 -3.68
C SER D 318 36.15 13.17 -3.43
N GLU D 319 36.47 14.10 -4.32
CA GLU D 319 36.07 15.49 -4.20
C GLU D 319 34.95 15.77 -5.18
N ARG D 320 33.79 16.19 -4.67
CA ARG D 320 32.74 16.65 -5.55
C ARG D 320 33.11 18.00 -6.14
N ASN D 321 32.72 18.22 -7.39
CA ASN D 321 33.02 19.46 -8.09
C ASN D 321 31.82 19.82 -8.94
N ILE D 322 31.05 20.81 -8.50
CA ILE D 322 29.87 21.24 -9.23
C ILE D 322 30.27 22.40 -10.14
N TYR D 323 30.16 22.19 -11.44
CA TYR D 323 30.57 23.16 -12.44
C TYR D 323 29.34 23.87 -13.01
N GLN D 324 29.56 24.69 -14.04
CA GLN D 324 28.45 25.38 -14.68
C GLN D 324 27.49 24.40 -15.34
N ASN D 325 28.00 23.27 -15.83
CA ASN D 325 27.19 22.31 -16.58
C ASN D 325 27.14 20.93 -15.95
N SER D 326 28.26 20.41 -15.46
CA SER D 326 28.34 19.05 -14.96
C SER D 326 28.53 19.04 -13.45
N ASP D 327 28.33 17.86 -12.84
CA ASP D 327 28.50 17.65 -11.41
C ASP D 327 29.47 16.48 -11.26
N ARG D 328 30.76 16.75 -11.32
CA ARG D 328 31.71 15.66 -11.33
C ARG D 328 32.03 15.19 -9.92
N PHE D 329 32.56 13.98 -9.85
CA PHE D 329 33.13 13.38 -8.64
C PHE D 329 34.55 13.04 -9.01
N VAL D 330 35.47 13.98 -8.80
CA VAL D 330 36.86 13.72 -9.14
C VAL D 330 37.46 12.80 -8.08
N ILE D 331 37.93 11.64 -8.50
CA ILE D 331 38.38 10.60 -7.58
C ILE D 331 39.82 10.29 -7.89
N SER D 332 40.63 10.11 -6.84
CA SER D 332 41.99 9.64 -6.98
C SER D 332 42.19 8.49 -5.99
N TYR D 333 42.72 7.38 -6.48
CA TYR D 333 42.93 6.25 -5.59
C TYR D 333 44.19 5.50 -5.98
N ASP D 334 44.54 4.51 -5.17
CA ASP D 334 45.82 3.82 -5.25
C ASP D 334 45.55 2.34 -5.47
N THR D 335 45.92 1.84 -6.65
CA THR D 335 45.87 0.42 -6.93
C THR D 335 47.08 -0.25 -6.30
N ALA D 336 47.31 -1.52 -6.62
CA ALA D 336 48.56 -2.16 -6.22
C ALA D 336 49.74 -1.66 -7.06
N ASN D 337 49.47 -1.01 -8.20
CA ASN D 337 50.52 -0.55 -9.10
C ASN D 337 50.58 0.96 -9.24
N GLU D 338 49.45 1.60 -9.56
CA GLU D 338 49.49 2.96 -10.08
C GLU D 338 48.42 3.84 -9.42
N LYS D 339 48.76 5.13 -9.29
CA LYS D 339 47.74 6.14 -9.01
C LYS D 339 46.71 6.16 -10.13
N ILE D 340 45.45 6.37 -9.78
CA ILE D 340 44.38 6.44 -10.76
C ILE D 340 43.56 7.70 -10.48
N LYS D 341 43.22 8.42 -11.54
CA LYS D 341 42.49 9.69 -11.47
C LYS D 341 41.22 9.57 -12.31
N THR D 342 40.15 9.07 -11.69
CA THR D 342 38.88 8.90 -12.35
C THR D 342 37.98 10.10 -12.11
N SER D 343 36.81 10.10 -12.75
CA SER D 343 35.85 11.18 -12.55
C SER D 343 34.45 10.65 -12.83
N ILE D 344 33.71 10.35 -11.76
CA ILE D 344 32.31 9.97 -11.92
C ILE D 344 31.51 11.19 -12.36
N TYR D 345 30.41 10.96 -13.08
CA TYR D 345 29.56 12.07 -13.49
C TYR D 345 28.17 11.91 -12.89
N ASN D 346 27.37 12.96 -13.03
CA ASN D 346 26.05 13.05 -12.40
C ASN D 346 25.09 13.78 -13.31
N ARG D 347 23.82 13.37 -13.29
CA ARG D 347 22.74 14.16 -13.87
C ARG D 347 21.45 13.88 -13.11
N MET D 348 20.47 14.73 -13.36
CA MET D 348 19.10 14.47 -12.93
C MET D 348 18.38 13.70 -14.02
N GLU D 349 17.96 12.47 -13.71
CA GLU D 349 17.15 11.72 -14.66
C GLU D 349 15.82 12.43 -14.86
N ASN D 350 15.20 12.17 -16.02
CA ASN D 350 14.01 12.93 -16.41
C ASN D 350 12.90 12.81 -15.37
N ALA D 351 12.73 11.63 -14.78
CA ALA D 351 11.72 11.40 -13.76
C ALA D 351 12.33 11.56 -12.36
N GLU D 352 12.92 12.73 -12.12
CA GLU D 352 13.50 13.04 -10.82
C GLU D 352 13.21 14.50 -10.47
N SER D 353 13.32 14.80 -9.18
CA SER D 353 13.03 16.13 -8.65
C SER D 353 14.31 16.79 -8.12
N LYS D 354 14.24 18.11 -7.98
CA LYS D 354 15.41 18.86 -7.52
C LYS D 354 15.84 18.46 -6.11
N THR D 355 14.92 18.00 -5.27
CA THR D 355 15.28 17.59 -3.92
C THR D 355 15.66 16.12 -3.83
N ASP D 356 14.97 15.24 -4.55
CA ASP D 356 15.32 13.82 -4.53
C ASP D 356 16.70 13.59 -5.12
N TYR D 357 17.00 14.24 -6.25
CA TYR D 357 18.31 14.09 -6.88
C TYR D 357 19.40 14.63 -5.96
N ASP D 358 19.17 15.77 -5.32
CA ASP D 358 20.18 16.35 -4.45
C ASP D 358 20.42 15.45 -3.23
N THR D 359 19.36 14.91 -2.64
CA THR D 359 19.54 14.01 -1.51
C THR D 359 20.29 12.74 -1.93
N SER D 360 19.95 12.18 -3.08
CA SER D 360 20.65 11.00 -3.54
C SER D 360 22.12 11.30 -3.76
N ILE D 361 22.43 12.46 -4.34
CA ILE D 361 23.81 12.81 -4.61
C ILE D 361 24.58 13.01 -3.30
N THR D 362 23.97 13.64 -2.31
CA THR D 362 24.71 13.86 -1.07
C THR D 362 24.89 12.57 -0.28
N LEU D 363 23.94 11.62 -0.38
CA LEU D 363 24.20 10.29 0.17
C LEU D 363 25.34 9.60 -0.56
N LYS D 364 25.39 9.72 -1.88
CA LYS D 364 26.53 9.16 -2.60
C LYS D 364 27.83 9.78 -2.13
N ASP D 365 27.84 11.10 -1.92
CA ASP D 365 29.06 11.78 -1.52
C ASP D 365 29.51 11.37 -0.12
N VAL D 366 28.57 11.26 0.82
CA VAL D 366 28.96 10.83 2.16
C VAL D 366 29.46 9.39 2.14
N THR D 367 28.85 8.54 1.31
CA THR D 367 29.33 7.16 1.21
C THR D 367 30.76 7.12 0.69
N LEU D 368 31.03 7.87 -0.38
CA LEU D 368 32.40 7.90 -0.90
C LEU D 368 33.37 8.48 0.10
N SER D 369 32.94 9.49 0.87
CA SER D 369 33.83 10.08 1.85
C SER D 369 34.20 9.08 2.95
N GLN D 370 33.21 8.35 3.45
CA GLN D 370 33.48 7.33 4.45
C GLN D 370 34.25 6.14 3.89
N LEU D 371 34.20 5.95 2.57
CA LEU D 371 34.82 4.77 1.96
C LEU D 371 36.31 4.70 2.26
N ASN D 372 37.00 5.84 2.26
CA ASN D 372 38.44 5.83 2.47
C ASN D 372 38.79 5.33 3.87
N SER D 373 38.11 5.86 4.88
CA SER D 373 38.36 5.40 6.24
C SER D 373 37.97 3.94 6.41
N LEU D 374 36.90 3.51 5.73
CA LEU D 374 36.54 2.10 5.77
C LEU D 374 37.66 1.23 5.19
N ILE D 375 38.25 1.66 4.07
CA ILE D 375 39.28 0.87 3.42
C ILE D 375 40.53 0.79 4.29
N GLU D 376 40.97 1.93 4.82
CA GLU D 376 42.26 1.95 5.51
C GLU D 376 42.27 1.04 6.73
N SER D 377 41.12 0.81 7.36
CA SER D 377 41.05 -0.04 8.54
C SER D 377 40.61 -1.46 8.20
N ASN D 378 40.61 -1.83 6.92
CA ASN D 378 40.33 -3.19 6.47
C ASN D 378 38.94 -3.68 6.86
N LEU D 379 38.00 -2.76 7.09
CA LEU D 379 36.63 -3.18 7.36
C LEU D 379 35.97 -3.72 6.10
N VAL D 380 36.24 -3.09 4.95
CA VAL D 380 35.72 -3.54 3.66
C VAL D 380 36.86 -3.49 2.65
N GLN D 381 36.68 -4.22 1.56
CA GLN D 381 37.55 -4.13 0.40
C GLN D 381 36.73 -3.60 -0.77
N VAL D 382 37.40 -2.90 -1.68
CA VAL D 382 36.71 -2.15 -2.73
C VAL D 382 37.28 -2.53 -4.08
N ASP D 383 36.40 -2.77 -5.05
CA ASP D 383 36.79 -3.00 -6.43
C ASP D 383 36.13 -1.94 -7.30
N VAL D 384 36.94 -1.25 -8.09
CA VAL D 384 36.48 -0.17 -8.95
C VAL D 384 36.66 -0.63 -10.38
N TYR D 385 35.55 -0.79 -11.11
CA TYR D 385 35.58 -1.14 -12.52
C TYR D 385 35.41 0.17 -13.29
N LEU D 386 36.47 0.58 -13.97
CA LEU D 386 36.50 1.89 -14.59
C LEU D 386 36.69 1.77 -16.10
N VAL D 387 36.16 2.76 -16.80
CA VAL D 387 36.21 2.80 -18.26
C VAL D 387 37.47 3.55 -18.63
N THR D 388 38.59 2.83 -18.65
CA THR D 388 39.85 3.50 -18.93
C THR D 388 40.05 3.63 -20.43
N ASP D 389 40.86 4.61 -20.81
CA ASP D 389 41.36 4.74 -22.17
C ASP D 389 42.88 4.70 -22.08
N PRO D 390 43.53 3.58 -22.41
CA PRO D 390 44.96 3.45 -22.14
C PRO D 390 45.83 4.51 -22.82
N ASN D 391 45.46 4.93 -24.03
CA ASN D 391 46.24 5.96 -24.70
C ASN D 391 46.05 7.32 -24.05
N ASN D 392 44.82 7.66 -23.68
CA ASN D 392 44.47 8.99 -23.19
C ASN D 392 43.77 8.84 -21.84
N VAL D 393 44.48 9.11 -20.76
CA VAL D 393 43.94 8.93 -19.42
C VAL D 393 43.19 10.17 -18.97
N LYS D 394 42.97 11.12 -19.90
CA LYS D 394 42.23 12.33 -19.55
C LYS D 394 40.77 12.01 -19.20
N ASN D 395 40.28 10.85 -19.60
CA ASN D 395 38.91 10.45 -19.33
C ASN D 395 38.91 9.03 -18.77
N ASN D 396 38.48 8.89 -17.52
CA ASN D 396 38.51 7.59 -16.85
C ASN D 396 37.25 7.41 -16.02
N VAL D 397 36.09 7.73 -16.61
CA VAL D 397 34.82 7.63 -15.90
C VAL D 397 34.69 6.25 -15.25
N ILE D 398 34.43 6.23 -13.95
CA ILE D 398 34.16 4.98 -13.26
C ILE D 398 32.87 4.38 -13.80
N ALA D 399 32.91 3.11 -14.20
CA ALA D 399 31.68 2.42 -14.56
C ALA D 399 30.93 1.99 -13.32
N GLY D 400 31.62 1.39 -12.35
CA GLY D 400 30.95 0.99 -11.14
C GLY D 400 31.86 0.58 -10.00
N ILE D 401 31.44 0.86 -8.77
CA ILE D 401 32.19 0.51 -7.59
C ILE D 401 31.44 -0.62 -6.89
N THR D 402 32.19 -1.52 -6.26
CA THR D 402 31.59 -2.58 -5.47
C THR D 402 32.40 -2.80 -4.21
N LYS D 403 31.73 -3.27 -3.16
CA LYS D 403 32.31 -3.39 -1.83
C LYS D 403 32.12 -4.82 -1.31
N ILE D 404 33.23 -5.50 -1.05
CA ILE D 404 33.21 -6.80 -0.40
C ILE D 404 33.45 -6.56 1.09
N GLU D 405 32.43 -6.80 1.91
CA GLU D 405 32.55 -6.52 3.33
C GLU D 405 33.19 -7.69 4.07
N ILE D 406 33.53 -7.44 5.33
CA ILE D 406 34.13 -8.47 6.17
C ILE D 406 33.12 -9.57 6.46
N ASP D 407 31.84 -9.21 6.60
CA ASP D 407 30.79 -10.19 6.85
C ASP D 407 30.75 -11.24 5.75
N GLY D 408 30.92 -10.82 4.50
CA GLY D 408 30.76 -11.67 3.34
C GLY D 408 29.69 -11.18 2.38
N THR D 409 28.74 -10.39 2.85
CA THR D 409 27.79 -9.76 1.96
C THR D 409 28.49 -8.73 1.09
N TYR D 410 27.86 -8.43 -0.04
CA TYR D 410 28.41 -7.50 -1.02
C TYR D 410 27.56 -6.24 -1.02
N GLU D 411 28.20 -5.09 -0.81
CA GLU D 411 27.51 -3.82 -0.84
C GLU D 411 27.59 -3.24 -2.24
N PRO D 412 26.49 -3.12 -2.96
CA PRO D 412 26.55 -2.72 -4.37
C PRO D 412 27.20 -1.38 -4.59
N LEU D 413 26.65 -0.34 -3.97
CA LEU D 413 27.06 1.04 -4.21
C LEU D 413 27.00 1.38 -5.69
#